data_8J1H
#
_entry.id   8J1H
#
loop_
_entity.id
_entity.type
_entity.pdbx_description
1 polymer 'Transient receptor potential cation channel subfamily V member 4'
2 non-polymer 8-fluoranyl-3-[4-(4-fluoranylphenoxy)phenyl]-2-(4-methylpiperazin-1-yl)quinazolin-4-one
#
_entity_poly.entity_id   1
_entity_poly.type   'polypeptide(L)'
_entity_poly.pdbx_seq_one_letter_code
;APAPQPPPILKVFNRPILFDIVSRGSTADLDGLLSFLLTHKKRLTDEEFREPSTGKTCLPKALLNLSNGRNDTIPVLLDI
AERTGNMREFINSPFRDIYYRGQTSLHIAIERRCKHYVELLVAQGADVHAQARGRFFQPKDEGGYFYFGELPLSLAACTN
QPHIVNYLTENPHKKADMRRQDSRGNTVLHALVAIADNTRENTKFVTKMYDLLLLKCSRLFPDSNLETVLNNDGLSPLMM
AAKTGKIGVFQHIIRREVTDEDTRHLSRKFKDWAYGPVYSSLYDLSSLDTCGEEVSVLEILVYNSKIENRHEMLAVEPIN
ELLRDKWRKFGAVSFYINVVSYLCAMVIFTLTAYYQPLEGTPPYPYRTTVDYLRLAGEVITLFTGVLFFFTSIKDLFTKK
CPGVNSLFVDGSFQLLYFIYSVLVVVSAALYLAGIEAYLAVMVFALVLGWMNALYFTRGLKLTGTYSIMIQKILFKDLFR
FLLVYLLFMIGYASALVTLLNPCTNMKVCDEDQSNCTVPTYPACRDSETFSAFLLDLFKLTIGMGDLEMLSSAKYPVVFI
LLLVTYIILTFVLLLNMLIALMGETVGQVSKESKHIWKLQWATTILDIERSFPVFLRKAFRSGEMVTVGKSSDGTPDRRW
CFRVDEVNWSHWNQNLGIINEDPGK
;
_entity_poly.pdbx_strand_id   C,D,B,A
#
loop_
_chem_comp.id
_chem_comp.type
_chem_comp.name
_chem_comp.formula
9QM non-polymer 8-fluoranyl-3-[4-(4-fluoranylphenoxy)phenyl]-2-(4-methylpiperazin-1-yl)quinazolin-4-one 'C25 H22 F2 N4 O2'
#
# COMPACT_ATOMS: atom_id res chain seq x y z
N VAL A 12 31.82 -37.87 52.56
CA VAL A 12 32.65 -36.79 51.95
C VAL A 12 33.94 -37.39 51.41
N PHE A 13 33.87 -38.00 50.24
CA PHE A 13 35.01 -38.66 49.63
C PHE A 13 35.29 -38.14 48.23
N ASN A 14 34.27 -37.78 47.47
CA ASN A 14 34.46 -37.30 46.10
C ASN A 14 33.35 -36.31 45.77
N ARG A 15 33.61 -35.51 44.74
CA ARG A 15 32.66 -34.48 44.34
C ARG A 15 31.26 -35.04 44.04
N PRO A 16 31.12 -36.16 43.33
CA PRO A 16 29.76 -36.62 42.98
C PRO A 16 28.83 -36.80 44.17
N ILE A 17 29.32 -37.35 45.29
CA ILE A 17 28.44 -37.55 46.43
C ILE A 17 28.07 -36.21 47.05
N LEU A 18 29.01 -35.25 47.08
CA LEU A 18 28.69 -33.92 47.57
C LEU A 18 27.59 -33.29 46.73
N PHE A 19 27.71 -33.40 45.40
CA PHE A 19 26.69 -32.84 44.53
C PHE A 19 25.35 -33.55 44.71
N ASP A 20 25.38 -34.87 44.91
CA ASP A 20 24.14 -35.62 45.12
C ASP A 20 23.45 -35.16 46.40
N ILE A 21 24.21 -34.99 47.48
CA ILE A 21 23.60 -34.63 48.76
C ILE A 21 23.08 -33.19 48.71
N VAL A 22 23.85 -32.29 48.11
CA VAL A 22 23.41 -30.89 48.07
C VAL A 22 22.23 -30.72 47.14
N SER A 23 22.15 -31.51 46.06
CA SER A 23 21.06 -31.36 45.11
C SER A 23 19.71 -31.63 45.78
N ARG A 24 19.63 -32.66 46.62
CA ARG A 24 18.38 -33.02 47.26
C ARG A 24 18.12 -32.24 48.55
N GLY A 25 19.01 -31.34 48.92
CA GLY A 25 18.82 -30.55 50.13
C GLY A 25 18.86 -31.36 51.41
N SER A 26 19.80 -32.29 51.52
CA SER A 26 19.97 -33.11 52.71
C SER A 26 21.24 -32.67 53.43
N THR A 27 21.11 -32.33 54.71
CA THR A 27 22.23 -31.85 55.51
C THR A 27 22.62 -32.80 56.63
N ALA A 28 21.67 -33.52 57.22
CA ALA A 28 22.00 -34.42 58.32
C ALA A 28 22.97 -35.51 57.87
N ASP A 29 22.79 -36.02 56.65
CA ASP A 29 23.66 -37.07 56.14
C ASP A 29 25.10 -36.59 55.95
N LEU A 30 25.34 -35.28 55.98
CA LEU A 30 26.67 -34.73 55.76
C LEU A 30 27.37 -34.30 57.05
N ASP A 31 26.62 -34.14 58.15
CA ASP A 31 27.21 -33.65 59.39
C ASP A 31 28.21 -34.65 59.95
N GLY A 32 27.87 -35.94 59.89
CA GLY A 32 28.74 -36.96 60.46
C GLY A 32 30.08 -37.12 59.75
N LEU A 33 30.20 -36.61 58.53
CA LEU A 33 31.43 -36.73 57.76
C LEU A 33 32.17 -35.42 57.58
N LEU A 34 31.45 -34.29 57.50
CA LEU A 34 32.14 -33.02 57.40
C LEU A 34 32.98 -32.75 58.64
N SER A 35 32.49 -33.16 59.81
CA SER A 35 33.27 -33.01 61.03
C SER A 35 34.56 -33.81 60.95
N PHE A 36 34.49 -35.05 60.46
CA PHE A 36 35.69 -35.87 60.33
C PHE A 36 36.67 -35.25 59.36
N LEU A 37 36.18 -34.75 58.22
CA LEU A 37 37.07 -34.11 57.26
C LEU A 37 37.73 -32.88 57.86
N LEU A 38 36.97 -32.07 58.60
CA LEU A 38 37.57 -30.93 59.30
C LEU A 38 38.60 -31.40 60.32
N THR A 39 38.38 -32.56 60.92
CA THR A 39 39.35 -33.12 61.86
C THR A 39 40.60 -33.65 61.17
N HIS A 40 40.53 -33.90 59.86
CA HIS A 40 41.68 -34.38 59.10
C HIS A 40 42.46 -33.24 58.46
N LYS A 41 42.45 -32.06 59.07
CA LYS A 41 43.14 -30.87 58.57
C LYS A 41 42.99 -30.71 57.06
N LYS A 42 41.83 -31.09 56.53
CA LYS A 42 41.51 -30.92 55.12
C LYS A 42 40.65 -29.68 54.91
N ARG A 43 40.81 -29.08 53.75
CA ARG A 43 40.08 -27.86 53.39
C ARG A 43 39.27 -28.11 52.14
N LEU A 44 38.04 -27.59 52.13
CA LEU A 44 37.14 -27.78 50.99
C LEU A 44 37.62 -27.07 49.74
N THR A 45 38.60 -26.17 49.85
CA THR A 45 39.11 -25.44 48.70
C THR A 45 40.06 -26.27 47.84
N ASP A 46 40.50 -27.43 48.32
CA ASP A 46 41.43 -28.25 47.55
C ASP A 46 40.78 -28.73 46.26
N GLU A 47 41.59 -28.86 45.21
CA GLU A 47 41.06 -29.23 43.90
C GLU A 47 40.34 -30.57 43.96
N GLU A 48 40.79 -31.49 44.81
CA GLU A 48 40.11 -32.78 44.94
C GLU A 48 38.70 -32.65 45.49
N PHE A 49 38.38 -31.50 46.10
CA PHE A 49 37.02 -31.21 46.54
C PHE A 49 36.26 -30.35 45.55
N ARG A 50 36.87 -30.01 44.42
CA ARG A 50 36.26 -29.19 43.38
C ARG A 50 36.15 -30.00 42.09
N GLU A 51 35.06 -29.79 41.36
CA GLU A 51 34.87 -30.53 40.12
C GLU A 51 36.03 -30.24 39.17
N PRO A 52 36.70 -31.27 38.64
CA PRO A 52 37.97 -31.02 37.94
C PRO A 52 37.82 -30.36 36.58
N SER A 53 36.70 -30.56 35.89
CA SER A 53 36.57 -30.02 34.54
C SER A 53 36.68 -28.50 34.53
N THR A 54 36.04 -27.84 35.48
CA THR A 54 36.05 -26.39 35.58
C THR A 54 36.58 -25.89 36.93
N GLY A 55 36.75 -26.77 37.90
CA GLY A 55 37.19 -26.33 39.21
C GLY A 55 36.11 -25.70 40.05
N LYS A 56 34.85 -25.88 39.69
CA LYS A 56 33.76 -25.30 40.44
C LYS A 56 33.65 -25.96 41.80
N THR A 57 33.36 -25.15 42.82
CA THR A 57 33.11 -25.69 44.15
C THR A 57 31.66 -26.17 44.24
N CYS A 58 31.34 -26.79 45.37
CA CYS A 58 29.98 -27.25 45.60
C CYS A 58 29.03 -26.09 45.85
N LEU A 59 29.55 -24.90 46.16
CA LEU A 59 28.68 -23.75 46.39
C LEU A 59 27.85 -23.40 45.15
N PRO A 60 28.45 -23.19 43.97
CA PRO A 60 27.63 -22.92 42.78
C PRO A 60 26.67 -24.06 42.45
N LYS A 61 27.09 -25.30 42.66
CA LYS A 61 26.20 -26.43 42.41
C LYS A 61 24.97 -26.36 43.30
N ALA A 62 25.17 -26.14 44.60
CA ALA A 62 24.04 -26.04 45.52
C ALA A 62 23.17 -24.86 45.17
N LEU A 63 23.78 -23.73 44.80
CA LEU A 63 23.00 -22.55 44.43
C LEU A 63 22.14 -22.84 43.21
N LEU A 64 22.69 -23.52 42.21
CA LEU A 64 21.92 -23.95 41.06
C LEU A 64 20.86 -24.98 41.42
N ASN A 65 21.00 -25.63 42.57
CA ASN A 65 20.00 -26.56 43.08
C ASN A 65 19.02 -25.89 44.04
N LEU A 66 18.78 -24.59 43.87
CA LEU A 66 17.90 -23.86 44.77
C LEU A 66 16.52 -24.50 44.80
N SER A 67 15.98 -24.69 46.01
CA SER A 67 14.65 -25.25 46.18
C SER A 67 13.65 -24.10 46.15
N ASN A 68 13.31 -23.69 44.92
CA ASN A 68 12.44 -22.53 44.71
C ASN A 68 13.01 -21.30 45.41
N GLY A 69 14.33 -21.14 45.33
CA GLY A 69 15.00 -20.04 46.01
C GLY A 69 15.12 -20.21 47.50
N ARG A 70 14.83 -21.39 48.04
CA ARG A 70 14.82 -21.64 49.48
C ARG A 70 15.80 -22.75 49.84
N ASN A 71 17.01 -22.68 49.29
CA ASN A 71 18.05 -23.66 49.63
C ASN A 71 18.57 -23.37 51.04
N ASP A 72 18.25 -24.25 51.98
CA ASP A 72 18.62 -24.07 53.37
C ASP A 72 19.92 -24.78 53.74
N THR A 73 20.61 -25.38 52.76
CA THR A 73 21.87 -26.05 53.03
C THR A 73 23.06 -25.12 52.94
N ILE A 74 23.02 -24.13 52.06
CA ILE A 74 24.15 -23.24 51.82
C ILE A 74 24.56 -22.51 53.10
N PRO A 75 23.65 -22.23 54.06
CA PRO A 75 24.16 -21.75 55.36
C PRO A 75 25.11 -22.74 56.02
N VAL A 76 24.83 -24.04 55.88
CA VAL A 76 25.75 -25.04 56.41
C VAL A 76 27.07 -24.97 55.65
N LEU A 77 27.02 -24.68 54.36
CA LEU A 77 28.25 -24.55 53.59
C LEU A 77 29.06 -23.36 54.05
N LEU A 78 28.40 -22.24 54.38
CA LEU A 78 29.10 -21.09 54.93
C LEU A 78 29.71 -21.43 56.29
N ASP A 79 28.98 -22.20 57.09
CA ASP A 79 29.53 -22.66 58.37
C ASP A 79 30.78 -23.49 58.14
N ILE A 80 30.75 -24.38 57.16
CA ILE A 80 31.92 -25.19 56.83
C ILE A 80 33.07 -24.29 56.39
N ALA A 81 32.79 -23.29 55.57
CA ALA A 81 33.82 -22.37 55.12
C ALA A 81 34.47 -21.66 56.31
N GLU A 82 33.65 -21.18 57.24
CA GLU A 82 34.18 -20.51 58.42
C GLU A 82 35.02 -21.45 59.25
N ARG A 83 34.57 -22.70 59.42
CA ARG A 83 35.33 -23.67 60.19
C ARG A 83 36.68 -23.96 59.54
N THR A 84 36.70 -24.08 58.22
CA THR A 84 37.95 -24.40 57.52
C THR A 84 38.99 -23.30 57.74
N GLY A 85 38.55 -22.08 57.99
CA GLY A 85 39.45 -20.96 58.15
C GLY A 85 39.87 -20.31 56.86
N ASN A 86 39.43 -20.83 55.71
CA ASN A 86 39.75 -20.27 54.41
C ASN A 86 38.46 -19.72 53.80
N MET A 87 38.47 -18.45 53.45
CA MET A 87 37.30 -17.78 52.87
C MET A 87 37.54 -17.24 51.48
N ARG A 88 38.68 -16.60 51.23
CA ARG A 88 38.92 -16.00 49.92
C ARG A 88 38.92 -17.04 48.83
N GLU A 89 39.76 -18.07 48.96
CA GLU A 89 39.84 -19.09 47.91
C GLU A 89 38.51 -19.82 47.75
N PHE A 90 37.87 -20.17 48.86
CA PHE A 90 36.57 -20.83 48.76
C PHE A 90 35.55 -19.92 48.09
N ILE A 91 35.42 -18.69 48.59
CA ILE A 91 34.48 -17.75 48.00
C ILE A 91 34.91 -17.37 46.58
N ASN A 92 36.19 -17.00 46.42
CA ASN A 92 36.74 -16.72 45.10
C ASN A 92 37.19 -18.05 44.50
N SER A 93 36.24 -18.74 43.87
CA SER A 93 36.45 -20.06 43.29
C SER A 93 36.09 -19.98 41.81
N PRO A 94 36.93 -19.35 41.00
CA PRO A 94 36.58 -19.15 39.59
C PRO A 94 36.47 -20.46 38.84
N PHE A 95 36.07 -20.35 37.58
CA PHE A 95 35.99 -21.50 36.69
C PHE A 95 37.26 -21.57 35.84
N ARG A 96 37.89 -22.73 35.81
CA ARG A 96 39.20 -22.89 35.18
C ARG A 96 39.11 -23.18 33.69
N ASP A 97 37.92 -23.37 33.14
CA ASP A 97 37.75 -23.59 31.71
C ASP A 97 37.63 -22.26 30.99
N ILE A 98 37.78 -22.30 29.66
CA ILE A 98 37.66 -21.09 28.86
C ILE A 98 36.20 -20.70 28.64
N TYR A 99 35.27 -21.66 28.69
CA TYR A 99 33.87 -21.33 28.48
C TYR A 99 33.36 -20.35 29.53
N TYR A 100 33.96 -20.36 30.72
CA TYR A 100 33.57 -19.45 31.79
C TYR A 100 34.81 -18.85 32.42
N ARG A 101 34.65 -17.66 33.00
CA ARG A 101 35.69 -17.01 33.78
C ARG A 101 35.09 -16.45 35.06
N GLY A 102 35.87 -16.44 36.13
CA GLY A 102 35.37 -15.97 37.40
C GLY A 102 34.09 -16.69 37.77
N GLN A 103 32.98 -15.96 37.75
CA GLN A 103 31.66 -16.56 38.01
C GLN A 103 31.62 -17.18 39.41
N THR A 104 32.02 -16.39 40.39
CA THR A 104 32.08 -16.87 41.77
C THR A 104 30.69 -16.86 42.39
N SER A 105 30.63 -17.04 43.71
CA SER A 105 29.35 -17.17 44.38
C SER A 105 28.44 -15.98 44.11
N LEU A 106 29.00 -14.77 44.08
CA LEU A 106 28.19 -13.60 43.80
C LEU A 106 27.51 -13.70 42.44
N HIS A 107 28.28 -14.05 41.41
CA HIS A 107 27.71 -14.15 40.07
C HIS A 107 26.57 -15.16 40.06
N ILE A 108 26.81 -16.35 40.60
CA ILE A 108 25.81 -17.40 40.56
C ILE A 108 24.57 -16.97 41.34
N ALA A 109 24.76 -16.41 42.52
CA ALA A 109 23.63 -15.99 43.33
C ALA A 109 22.79 -14.94 42.60
N ILE A 110 23.45 -13.93 42.03
CA ILE A 110 22.70 -12.87 41.38
C ILE A 110 21.97 -13.41 40.15
N GLU A 111 22.63 -14.28 39.37
CA GLU A 111 21.96 -14.84 38.20
C GLU A 111 20.68 -15.53 38.59
N ARG A 112 20.66 -16.21 39.74
CA ARG A 112 19.48 -16.91 40.22
C ARG A 112 18.42 -15.98 40.79
N ARG A 113 18.68 -14.67 40.80
CA ARG A 113 17.71 -13.72 41.33
C ARG A 113 17.38 -14.04 42.78
N CYS A 114 18.39 -14.38 43.56
CA CYS A 114 18.21 -14.78 44.96
C CYS A 114 18.80 -13.68 45.85
N LYS A 115 17.94 -12.80 46.34
CA LYS A 115 18.34 -11.84 47.35
C LYS A 115 18.35 -12.44 48.75
N HIS A 116 17.76 -13.61 48.92
CA HIS A 116 17.65 -14.22 50.25
C HIS A 116 18.96 -14.80 50.74
N TYR A 117 19.98 -14.90 49.89
CA TYR A 117 21.26 -15.49 50.29
C TYR A 117 22.47 -14.70 49.83
N VAL A 118 22.34 -13.86 48.81
CA VAL A 118 23.46 -12.99 48.44
C VAL A 118 23.83 -12.08 49.61
N GLU A 119 22.81 -11.56 50.30
CA GLU A 119 23.08 -10.70 51.45
C GLU A 119 23.81 -11.47 52.54
N LEU A 120 23.39 -12.70 52.81
CA LEU A 120 24.05 -13.48 53.84
C LEU A 120 25.49 -13.77 53.48
N LEU A 121 25.74 -14.15 52.23
CA LEU A 121 27.11 -14.51 51.85
C LEU A 121 28.01 -13.30 51.79
N VAL A 122 27.49 -12.12 51.41
CA VAL A 122 28.32 -10.93 51.45
C VAL A 122 28.59 -10.53 52.90
N ALA A 123 27.58 -10.64 53.77
CA ALA A 123 27.81 -10.37 55.19
C ALA A 123 28.88 -11.29 55.75
N GLN A 124 28.91 -12.54 55.30
CA GLN A 124 29.99 -13.44 55.66
C GLN A 124 31.34 -12.90 55.18
N GLY A 125 31.33 -12.06 54.15
CA GLY A 125 32.55 -11.53 53.58
C GLY A 125 32.89 -12.24 52.29
N ALA A 126 32.57 -11.61 51.16
CA ALA A 126 32.78 -12.19 49.86
C ALA A 126 33.28 -11.12 48.90
N ASP A 127 34.07 -11.54 47.91
CA ASP A 127 34.59 -10.62 46.91
C ASP A 127 33.44 -10.09 46.08
N VAL A 128 33.35 -8.77 45.97
CA VAL A 128 32.24 -8.11 45.29
C VAL A 128 32.76 -7.38 44.06
N HIS A 129 33.95 -7.76 43.60
CA HIS A 129 34.52 -7.15 42.41
C HIS A 129 35.22 -8.19 41.55
N ALA A 130 34.72 -9.43 41.59
CA ALA A 130 35.30 -10.47 40.75
C ALA A 130 35.05 -10.17 39.28
N GLN A 131 36.10 -10.19 38.49
CA GLN A 131 36.04 -9.82 37.08
C GLN A 131 35.73 -11.06 36.25
N ALA A 132 34.56 -11.07 35.61
CA ALA A 132 34.11 -12.21 34.81
C ALA A 132 34.39 -11.91 33.34
N ARG A 133 35.64 -12.15 32.95
CA ARG A 133 36.10 -11.91 31.57
C ARG A 133 35.98 -13.20 30.74
N GLY A 134 34.79 -13.78 30.78
CA GLY A 134 34.59 -15.10 30.19
C GLY A 134 34.15 -15.07 28.73
N ARG A 135 34.41 -16.18 28.05
CA ARG A 135 33.90 -16.35 26.69
C ARG A 135 32.38 -16.36 26.68
N PHE A 136 31.76 -17.01 27.67
CA PHE A 136 30.32 -16.93 27.84
C PHE A 136 29.86 -15.55 28.25
N PHE A 137 30.78 -14.66 28.63
CA PHE A 137 30.49 -13.33 29.11
C PHE A 137 30.98 -12.25 28.14
N GLN A 138 30.76 -12.45 26.85
CA GLN A 138 31.20 -11.54 25.81
C GLN A 138 30.09 -11.37 24.80
N PRO A 139 30.02 -10.23 24.09
CA PRO A 139 28.78 -9.89 23.37
C PRO A 139 28.37 -10.97 22.38
N LYS A 140 27.05 -11.13 22.23
CA LYS A 140 26.50 -12.17 21.38
C LYS A 140 27.06 -12.09 19.96
N ASP A 141 26.98 -10.91 19.35
CA ASP A 141 27.44 -10.78 17.97
C ASP A 141 28.93 -11.07 17.84
N GLU A 142 29.67 -11.02 18.95
CA GLU A 142 31.09 -11.33 18.91
C GLU A 142 31.36 -12.82 19.08
N GLY A 143 30.44 -13.56 19.70
CA GLY A 143 30.61 -15.00 19.83
C GLY A 143 30.12 -15.57 21.15
N GLY A 144 29.86 -14.70 22.12
CA GLY A 144 29.40 -15.12 23.42
C GLY A 144 27.90 -15.31 23.45
N TYR A 145 27.36 -15.41 24.67
CA TYR A 145 25.94 -15.65 24.88
C TYR A 145 25.25 -14.52 25.62
N PHE A 146 25.83 -14.06 26.73
CA PHE A 146 25.24 -12.97 27.51
C PHE A 146 26.36 -12.08 28.02
N TYR A 147 26.31 -10.80 27.63
CA TYR A 147 27.31 -9.81 28.02
C TYR A 147 26.70 -8.83 29.01
N PHE A 148 27.39 -8.62 30.13
CA PHE A 148 26.84 -7.77 31.17
C PHE A 148 27.83 -6.80 31.77
N GLY A 149 29.06 -6.73 31.29
CA GLY A 149 30.04 -5.82 31.81
C GLY A 149 31.05 -6.44 32.76
N GLU A 150 30.99 -7.75 32.98
CA GLU A 150 32.02 -8.46 33.72
C GLU A 150 32.15 -7.98 35.17
N LEU A 151 31.10 -7.41 35.73
CA LEU A 151 31.11 -6.98 37.12
C LEU A 151 29.93 -7.56 37.87
N PRO A 152 30.11 -7.91 39.15
CA PRO A 152 28.98 -8.43 39.92
C PRO A 152 27.84 -7.43 40.04
N LEU A 153 28.16 -6.21 40.46
CA LEU A 153 27.13 -5.19 40.55
C LEU A 153 26.54 -4.88 39.19
N SER A 154 27.38 -4.80 38.15
CA SER A 154 26.86 -4.61 36.81
C SER A 154 25.98 -5.77 36.42
N LEU A 155 26.26 -6.97 36.94
CA LEU A 155 25.43 -8.12 36.63
C LEU A 155 24.08 -8.03 37.32
N ALA A 156 24.05 -7.51 38.55
CA ALA A 156 22.78 -7.28 39.21
C ALA A 156 21.99 -6.18 38.51
N ALA A 157 22.71 -5.16 38.03
CA ALA A 157 22.05 -4.04 37.37
C ALA A 157 21.46 -4.49 36.04
N CYS A 158 22.24 -5.22 35.24
CA CYS A 158 21.79 -5.63 33.92
C CYS A 158 20.56 -6.52 34.02
N THR A 159 20.58 -7.48 34.95
CA THR A 159 19.52 -8.46 35.09
C THR A 159 18.29 -7.94 35.83
N ASN A 160 18.15 -6.61 35.97
CA ASN A 160 16.97 -6.01 36.58
C ASN A 160 16.80 -6.47 38.04
N GLN A 161 17.77 -6.09 38.87
CA GLN A 161 17.76 -6.40 40.29
C GLN A 161 18.04 -5.13 41.08
N PRO A 162 17.09 -4.19 41.10
CA PRO A 162 17.34 -2.95 41.85
C PRO A 162 17.65 -3.20 43.31
N HIS A 163 16.96 -4.15 43.94
CA HIS A 163 17.20 -4.43 45.35
C HIS A 163 18.63 -4.89 45.57
N ILE A 164 19.15 -5.74 44.68
CA ILE A 164 20.52 -6.19 44.82
C ILE A 164 21.48 -5.03 44.72
N VAL A 165 21.27 -4.14 43.75
CA VAL A 165 22.17 -2.99 43.60
C VAL A 165 22.13 -2.15 44.86
N ASN A 166 20.93 -1.86 45.35
CA ASN A 166 20.78 -1.03 46.53
C ASN A 166 21.52 -1.65 47.72
N TYR A 167 21.23 -2.92 48.01
CA TYR A 167 21.89 -3.57 49.14
C TYR A 167 23.39 -3.64 48.96
N LEU A 168 23.84 -3.97 47.75
CA LEU A 168 25.26 -4.15 47.52
C LEU A 168 26.02 -2.85 47.70
N THR A 169 25.44 -1.74 47.26
CA THR A 169 26.06 -0.45 47.47
C THR A 169 25.83 0.11 48.86
N GLU A 170 24.91 -0.47 49.64
CA GLU A 170 24.63 -0.01 50.99
C GLU A 170 24.77 -1.13 52.02
N ASN A 171 25.47 -2.21 51.68
CA ASN A 171 25.67 -3.28 52.64
C ASN A 171 26.59 -2.81 53.75
N PRO A 172 26.39 -3.28 54.99
CA PRO A 172 27.29 -2.87 56.08
C PRO A 172 28.73 -3.22 55.80
N HIS A 173 28.98 -4.35 55.14
CA HIS A 173 30.33 -4.79 54.83
C HIS A 173 30.79 -4.15 53.52
N LYS A 174 31.87 -4.66 52.95
CA LYS A 174 32.40 -4.16 51.69
C LYS A 174 31.27 -3.88 50.69
N LYS A 175 31.28 -2.69 50.14
CA LYS A 175 30.30 -2.27 49.15
C LYS A 175 30.90 -2.40 47.75
N ALA A 176 30.11 -2.03 46.75
CA ALA A 176 30.54 -2.05 45.36
C ALA A 176 30.51 -0.64 44.80
N ASP A 177 31.59 -0.24 44.14
CA ASP A 177 31.69 1.08 43.54
C ASP A 177 31.25 1.01 42.09
N MET A 178 30.28 1.83 41.72
CA MET A 178 29.79 1.84 40.35
C MET A 178 30.84 2.31 39.36
N ARG A 179 31.80 3.12 39.80
CA ARG A 179 32.78 3.68 38.88
C ARG A 179 33.65 2.59 38.27
N ARG A 180 34.04 1.59 39.06
CA ARG A 180 34.98 0.58 38.58
C ARG A 180 34.50 -0.01 37.27
N GLN A 181 35.42 -0.15 36.34
CA GLN A 181 35.12 -0.60 34.99
C GLN A 181 35.67 -2.01 34.77
N ASP A 182 35.58 -2.48 33.54
CA ASP A 182 35.89 -3.87 33.18
C ASP A 182 36.95 -3.88 32.08
N SER A 183 37.13 -5.06 31.48
CA SER A 183 38.17 -5.23 30.47
C SER A 183 38.07 -4.15 29.40
N ARG A 184 36.87 -3.91 28.87
CA ARG A 184 36.64 -2.87 27.89
C ARG A 184 36.36 -1.52 28.55
N GLY A 185 36.60 -1.39 29.84
CA GLY A 185 36.37 -0.13 30.52
C GLY A 185 34.92 0.30 30.49
N ASN A 186 34.00 -0.63 30.68
CA ASN A 186 32.59 -0.34 30.43
C ASN A 186 31.94 0.35 31.64
N THR A 187 31.90 -0.33 32.78
CA THR A 187 31.15 0.13 33.93
C THR A 187 29.67 -0.14 33.76
N VAL A 188 28.91 0.07 34.83
CA VAL A 188 27.49 -0.28 34.82
C VAL A 188 26.77 0.43 33.70
N LEU A 189 27.11 1.70 33.46
CA LEU A 189 26.38 2.47 32.45
C LEU A 189 26.61 1.88 31.06
N HIS A 190 27.86 1.59 30.73
CA HIS A 190 28.13 1.01 29.42
C HIS A 190 27.44 -0.34 29.27
N ALA A 191 27.55 -1.19 30.29
CA ALA A 191 26.92 -2.50 30.20
C ALA A 191 25.43 -2.36 30.01
N LEU A 192 24.81 -1.43 30.74
CA LEU A 192 23.37 -1.28 30.72
C LEU A 192 22.90 -0.63 29.43
N VAL A 193 23.77 0.12 28.76
CA VAL A 193 23.47 0.53 27.40
C VAL A 193 23.56 -0.66 26.47
N ALA A 194 24.55 -1.53 26.70
CA ALA A 194 24.75 -2.66 25.80
C ALA A 194 23.56 -3.60 25.80
N ILE A 195 23.10 -4.01 26.99
CA ILE A 195 22.01 -4.98 27.03
C ILE A 195 20.70 -4.37 26.56
N ALA A 196 20.61 -3.05 26.48
CA ALA A 196 19.35 -2.41 26.16
C ALA A 196 18.92 -2.75 24.74
N ASP A 197 17.61 -2.69 24.52
CA ASP A 197 17.03 -2.82 23.19
C ASP A 197 16.14 -1.62 22.93
N ASN A 198 15.37 -1.65 21.84
CA ASN A 198 14.43 -0.59 21.53
C ASN A 198 12.99 -0.98 21.84
N THR A 199 12.79 -2.03 22.64
CA THR A 199 11.44 -2.47 23.00
C THR A 199 10.91 -1.56 24.11
N ARG A 200 9.79 -1.96 24.72
CA ARG A 200 9.19 -1.20 25.81
C ARG A 200 9.49 -1.79 27.18
N GLU A 201 9.28 -3.10 27.34
CA GLU A 201 9.58 -3.73 28.63
C GLU A 201 11.06 -3.61 28.96
N ASN A 202 11.92 -3.84 27.97
CA ASN A 202 13.36 -3.71 28.22
C ASN A 202 13.75 -2.26 28.48
N THR A 203 13.24 -1.33 27.67
CA THR A 203 13.64 0.06 27.78
C THR A 203 13.10 0.75 29.01
N LYS A 204 12.22 0.10 29.78
CA LYS A 204 11.67 0.72 30.98
C LYS A 204 12.57 0.50 32.17
N PHE A 205 12.83 -0.76 32.52
CA PHE A 205 13.72 -1.02 33.64
C PHE A 205 15.12 -0.49 33.35
N VAL A 206 15.58 -0.64 32.11
CA VAL A 206 16.92 -0.15 31.77
C VAL A 206 17.02 1.34 32.04
N THR A 207 16.10 2.12 31.48
CA THR A 207 16.22 3.57 31.62
C THR A 207 16.05 3.98 33.07
N LYS A 208 15.05 3.44 33.75
CA LYS A 208 14.81 3.86 35.13
C LYS A 208 16.01 3.53 36.01
N MET A 209 16.45 2.28 35.97
CA MET A 209 17.57 1.87 36.80
C MET A 209 18.86 2.54 36.36
N TYR A 210 18.99 2.93 35.11
CA TYR A 210 20.21 3.59 34.67
C TYR A 210 20.29 5.00 35.22
N ASP A 211 19.17 5.73 35.16
CA ASP A 211 19.10 6.99 35.88
C ASP A 211 19.36 6.77 37.36
N LEU A 212 18.87 5.66 37.92
CA LEU A 212 19.10 5.39 39.33
C LEU A 212 20.58 5.27 39.64
N LEU A 213 21.30 4.50 38.83
CA LEU A 213 22.74 4.36 39.04
C LEU A 213 23.46 5.68 38.88
N LEU A 214 23.12 6.45 37.86
CA LEU A 214 23.78 7.73 37.67
C LEU A 214 23.56 8.64 38.86
N LEU A 215 22.31 8.71 39.34
CA LEU A 215 21.97 9.60 40.44
C LEU A 215 22.60 9.11 41.74
N LYS A 216 22.71 7.80 41.92
CA LYS A 216 23.41 7.27 43.08
C LYS A 216 24.88 7.64 43.06
N CYS A 217 25.55 7.44 41.93
CA CYS A 217 26.94 7.85 41.85
C CYS A 217 27.07 9.34 42.11
N SER A 218 26.08 10.11 41.69
CA SER A 218 26.14 11.55 41.92
C SER A 218 26.10 11.85 43.41
N ARG A 219 25.11 11.31 44.13
CA ARG A 219 25.07 11.57 45.57
C ARG A 219 26.34 11.10 46.25
N LEU A 220 26.78 9.88 45.93
CA LEU A 220 27.99 9.36 46.56
C LEU A 220 29.19 10.24 46.22
N PHE A 221 29.29 10.68 44.97
CA PHE A 221 30.42 11.47 44.50
C PHE A 221 29.91 12.48 43.47
N PRO A 222 29.68 13.72 43.88
CA PRO A 222 29.25 14.75 42.93
C PRO A 222 30.37 15.34 42.09
N ASP A 223 31.62 14.88 42.29
CA ASP A 223 32.74 15.45 41.55
C ASP A 223 32.59 15.23 40.05
N SER A 224 32.21 14.02 39.64
CA SER A 224 32.14 13.66 38.24
C SER A 224 30.94 12.75 38.02
N ASN A 225 30.01 13.18 37.16
CA ASN A 225 28.89 12.32 36.81
C ASN A 225 29.42 11.07 36.10
N LEU A 226 28.85 9.92 36.45
CA LEU A 226 29.36 8.65 35.96
C LEU A 226 29.31 8.56 34.43
N GLU A 227 28.46 9.35 33.77
CA GLU A 227 28.33 9.24 32.33
C GLU A 227 29.62 9.57 31.60
N THR A 228 30.54 10.27 32.24
CA THR A 228 31.74 10.72 31.56
C THR A 228 32.86 9.68 31.53
N VAL A 229 32.66 8.52 32.15
CA VAL A 229 33.68 7.47 32.13
C VAL A 229 33.60 6.75 30.80
N LEU A 230 34.68 6.83 30.03
CA LEU A 230 34.71 6.31 28.67
C LEU A 230 35.38 4.94 28.62
N ASN A 231 34.84 4.07 27.77
CA ASN A 231 35.42 2.76 27.55
C ASN A 231 36.74 2.89 26.81
N ASN A 232 37.45 1.77 26.69
CA ASN A 232 38.68 1.76 25.91
C ASN A 232 38.44 2.25 24.49
N ASP A 233 37.25 2.03 23.95
CA ASP A 233 36.89 2.59 22.65
C ASP A 233 36.75 4.10 22.69
N GLY A 234 36.72 4.71 23.87
CA GLY A 234 36.57 6.15 23.98
C GLY A 234 35.24 6.62 23.45
N LEU A 235 34.15 5.95 23.84
CA LEU A 235 32.82 6.24 23.32
C LEU A 235 31.95 6.96 24.34
N SER A 236 31.78 6.38 25.53
CA SER A 236 30.91 6.90 26.59
C SER A 236 29.49 6.43 26.38
N PRO A 237 28.70 6.29 27.45
CA PRO A 237 27.41 5.59 27.32
C PRO A 237 26.50 6.16 26.26
N LEU A 238 26.40 7.48 26.18
CA LEU A 238 25.54 8.07 25.15
C LEU A 238 26.06 7.68 23.77
N MET A 239 27.37 7.76 23.56
CA MET A 239 27.92 7.44 22.26
C MET A 239 27.70 5.98 21.90
N MET A 240 27.89 5.07 22.87
CA MET A 240 27.64 3.67 22.60
C MET A 240 26.17 3.43 22.27
N ALA A 241 25.28 4.10 22.99
CA ALA A 241 23.86 3.96 22.71
C ALA A 241 23.55 4.42 21.29
N ALA A 242 24.16 5.51 20.87
CA ALA A 242 23.92 6.01 19.52
C ALA A 242 24.47 5.05 18.47
N LYS A 243 25.72 4.63 18.66
CA LYS A 243 26.40 3.83 17.65
C LYS A 243 25.76 2.46 17.49
N THR A 244 25.56 1.74 18.59
CA THR A 244 24.99 0.40 18.51
C THR A 244 23.56 0.40 18.00
N GLY A 245 22.90 1.56 17.97
CA GLY A 245 21.54 1.64 17.47
C GLY A 245 20.50 1.48 18.55
N LYS A 246 20.78 2.03 19.73
CA LYS A 246 19.90 1.88 20.89
C LYS A 246 19.02 3.12 21.00
N ILE A 247 17.99 3.18 20.15
CA ILE A 247 17.05 4.29 20.25
C ILE A 247 16.37 4.32 21.60
N GLY A 248 16.15 3.14 22.20
CA GLY A 248 15.41 3.09 23.45
C GLY A 248 16.05 3.88 24.55
N VAL A 249 17.36 3.70 24.74
CA VAL A 249 18.06 4.44 25.79
C VAL A 249 18.54 5.79 25.29
N PHE A 250 18.83 5.92 24.00
CA PHE A 250 19.24 7.23 23.48
C PHE A 250 18.13 8.25 23.62
N GLN A 251 16.89 7.85 23.33
CA GLN A 251 15.77 8.77 23.41
C GLN A 251 15.63 9.35 24.81
N HIS A 252 16.15 8.66 25.82
CA HIS A 252 16.02 9.10 27.19
C HIS A 252 17.27 9.80 27.70
N ILE A 253 18.45 9.36 27.25
CA ILE A 253 19.69 9.93 27.77
C ILE A 253 19.82 11.39 27.38
N ILE A 254 19.12 11.83 26.34
CA ILE A 254 19.24 13.22 25.92
C ILE A 254 18.24 14.11 26.64
N ARG A 255 17.12 13.56 27.08
CA ARG A 255 16.08 14.31 27.77
C ARG A 255 16.08 14.06 29.27
N ARG A 256 17.21 13.68 29.85
CA ARG A 256 17.29 13.46 31.29
C ARG A 256 17.48 14.79 32.00
N GLU A 257 16.58 15.09 32.93
CA GLU A 257 16.60 16.38 33.63
C GLU A 257 16.30 16.19 35.11
N VAL A 258 16.92 15.19 35.74
CA VAL A 258 16.57 14.80 37.10
C VAL A 258 16.37 16.04 37.96
N THR A 259 15.21 16.12 38.61
CA THR A 259 14.77 17.36 39.22
C THR A 259 15.52 17.70 40.50
N ASP A 260 16.03 16.70 41.20
CA ASP A 260 16.69 16.92 42.48
C ASP A 260 17.79 17.97 42.34
N GLU A 261 17.62 19.11 43.01
CA GLU A 261 18.53 20.24 42.82
C GLU A 261 19.95 19.88 43.26
N ASP A 262 20.09 19.13 44.35
CA ASP A 262 21.41 18.73 44.80
C ASP A 262 22.15 17.95 43.72
N THR A 263 21.42 17.28 42.84
CA THR A 263 22.01 16.51 41.74
C THR A 263 21.37 16.84 40.40
N ARG A 264 20.73 18.00 40.29
CA ARG A 264 20.13 18.40 39.02
C ARG A 264 21.18 18.77 37.99
N HIS A 265 22.38 19.15 38.42
CA HIS A 265 23.38 19.68 37.50
C HIS A 265 23.69 18.69 36.39
N LEU A 266 23.54 17.40 36.66
CA LEU A 266 23.77 16.38 35.63
C LEU A 266 22.52 16.13 34.80
N SER A 267 21.92 17.21 34.33
CA SER A 267 20.71 17.16 33.54
C SER A 267 21.01 17.53 32.09
N ARG A 268 20.09 17.17 31.21
CA ARG A 268 20.19 17.54 29.80
C ARG A 268 19.09 18.48 29.35
N LYS A 269 17.82 18.08 29.46
CA LYS A 269 16.73 18.93 28.98
C LYS A 269 16.49 20.05 29.99
N PHE A 270 17.50 20.90 30.11
CA PHE A 270 17.34 22.11 30.91
C PHE A 270 16.12 22.86 30.44
N LYS A 271 15.30 23.28 31.40
CA LYS A 271 14.10 24.06 31.10
C LYS A 271 14.32 25.47 31.62
N ASP A 272 14.17 26.45 30.73
CA ASP A 272 14.56 27.83 31.03
C ASP A 272 13.38 28.78 31.14
N TRP A 273 12.47 28.77 30.17
CA TRP A 273 11.39 29.76 30.21
C TRP A 273 10.24 29.30 29.33
N ALA A 274 9.16 30.06 29.41
CA ALA A 274 7.95 29.80 28.67
C ALA A 274 7.03 30.99 28.82
N TYR A 275 6.32 31.33 27.75
CA TYR A 275 5.46 32.50 27.78
C TYR A 275 4.02 32.13 28.03
N GLY A 276 3.75 30.85 28.29
CA GLY A 276 2.45 30.35 28.66
C GLY A 276 1.93 29.31 27.69
N PRO A 277 2.02 29.60 26.40
CA PRO A 277 1.70 28.58 25.40
C PRO A 277 2.94 27.96 24.78
N VAL A 278 4.10 28.55 25.04
CA VAL A 278 5.35 28.19 24.37
C VAL A 278 6.39 27.88 25.44
N TYR A 279 6.98 26.70 25.35
CA TYR A 279 8.05 26.27 26.26
C TYR A 279 9.36 26.24 25.48
N SER A 280 10.36 26.95 25.98
CA SER A 280 11.66 27.05 25.32
C SER A 280 12.63 26.14 26.07
N SER A 281 12.72 24.90 25.62
CA SER A 281 13.64 23.95 26.23
C SER A 281 15.06 24.27 25.82
N LEU A 282 16.00 23.93 26.70
CA LEU A 282 17.39 24.34 26.53
C LEU A 282 18.34 23.16 26.41
N TYR A 283 18.01 22.18 25.57
CA TYR A 283 18.74 20.92 25.52
C TYR A 283 20.24 21.16 25.62
N ASP A 284 20.91 20.29 26.34
CA ASP A 284 22.34 20.43 26.60
C ASP A 284 23.08 19.48 25.66
N LEU A 285 23.56 20.02 24.55
CA LEU A 285 24.38 19.25 23.63
C LEU A 285 25.86 19.42 23.97
N SER A 286 26.18 19.13 25.24
CA SER A 286 27.57 19.18 25.67
C SER A 286 28.44 18.16 24.95
N SER A 287 27.84 17.16 24.29
CA SER A 287 28.62 16.18 23.56
C SER A 287 28.00 15.77 22.23
N LEU A 288 27.04 16.53 21.70
CA LEU A 288 26.53 16.25 20.36
C LEU A 288 27.29 16.97 19.27
N ASP A 289 28.24 17.83 19.61
CA ASP A 289 29.19 18.35 18.64
C ASP A 289 30.37 18.94 19.39
N THR A 290 31.54 18.34 19.23
CA THR A 290 32.76 18.82 19.88
C THR A 290 33.45 19.91 19.06
N CYS A 291 32.75 20.54 18.13
CA CYS A 291 33.33 21.54 17.24
C CYS A 291 34.56 20.97 16.54
N GLY A 292 34.46 19.70 16.11
CA GLY A 292 35.57 19.06 15.44
C GLY A 292 36.78 18.84 16.32
N GLU A 293 36.62 18.98 17.64
CA GLU A 293 37.73 18.77 18.57
C GLU A 293 37.90 17.29 18.88
N GLU A 294 36.81 16.62 19.27
CA GLU A 294 36.83 15.20 19.57
C GLU A 294 35.64 14.56 18.88
N VAL A 295 35.40 13.28 19.18
CA VAL A 295 34.29 12.57 18.57
C VAL A 295 32.99 13.27 18.90
N SER A 296 32.06 13.28 17.94
CA SER A 296 30.79 13.98 18.06
C SER A 296 29.65 13.04 17.72
N VAL A 297 28.57 13.11 18.51
CA VAL A 297 27.48 12.16 18.34
C VAL A 297 26.85 12.30 16.97
N LEU A 298 26.74 13.52 16.46
CA LEU A 298 26.12 13.70 15.16
C LEU A 298 26.93 13.02 14.06
N GLU A 299 28.26 13.13 14.14
CA GLU A 299 29.11 12.49 13.14
C GLU A 299 28.90 10.99 13.13
N ILE A 300 29.00 10.36 14.30
CA ILE A 300 28.82 8.91 14.38
C ILE A 300 27.42 8.53 13.93
N LEU A 301 26.43 9.34 14.26
CA LEU A 301 25.06 9.02 13.90
C LEU A 301 24.87 9.03 12.39
N VAL A 302 25.43 10.02 11.70
CA VAL A 302 25.11 10.21 10.29
C VAL A 302 26.10 9.50 9.38
N TYR A 303 27.41 9.74 9.55
CA TYR A 303 28.38 9.15 8.63
C TYR A 303 28.38 7.63 8.72
N ASN A 304 28.40 7.09 9.95
CA ASN A 304 28.46 5.65 10.10
C ASN A 304 27.29 4.98 9.41
N SER A 305 27.58 3.94 8.63
CA SER A 305 26.56 3.20 7.91
C SER A 305 26.12 1.93 8.63
N LYS A 306 26.93 1.44 9.56
CA LYS A 306 26.58 0.24 10.32
C LYS A 306 25.44 0.49 11.31
N ILE A 307 25.04 1.75 11.52
CA ILE A 307 23.98 2.05 12.46
C ILE A 307 22.73 1.27 12.07
N GLU A 308 22.13 0.59 13.04
CA GLU A 308 21.01 -0.30 12.73
C GLU A 308 19.80 0.48 12.25
N ASN A 309 19.39 1.51 13.00
CA ASN A 309 18.15 2.24 12.68
C ASN A 309 18.41 3.74 12.89
N ARG A 310 18.83 4.40 11.83
CA ARG A 310 18.96 5.85 11.83
C ARG A 310 17.67 6.55 11.41
N HIS A 311 16.63 5.78 11.08
CA HIS A 311 15.39 6.39 10.64
C HIS A 311 14.79 7.27 11.72
N GLU A 312 14.78 6.79 12.96
CA GLU A 312 14.16 7.52 14.06
C GLU A 312 15.18 8.25 14.92
N MET A 313 16.42 7.76 14.99
CA MET A 313 17.39 8.39 15.88
C MET A 313 17.64 9.84 15.49
N LEU A 314 17.74 10.13 14.19
CA LEU A 314 17.91 11.51 13.77
C LEU A 314 16.75 12.37 14.23
N ALA A 315 15.58 11.77 14.43
CA ALA A 315 14.39 12.49 14.88
C ALA A 315 14.30 12.54 16.40
N VAL A 316 15.40 12.35 17.11
CA VAL A 316 15.36 12.36 18.57
C VAL A 316 14.78 13.69 19.07
N GLU A 317 15.26 14.79 18.50
CA GLU A 317 14.67 16.13 18.63
C GLU A 317 15.78 17.18 18.64
N PRO A 318 16.67 17.19 19.63
CA PRO A 318 17.75 18.18 19.59
C PRO A 318 18.62 18.05 18.35
N ILE A 319 18.82 16.82 17.87
CA ILE A 319 19.62 16.62 16.65
C ILE A 319 18.86 17.12 15.43
N ASN A 320 17.58 16.76 15.31
CA ASN A 320 16.82 17.15 14.13
C ASN A 320 16.75 18.66 14.01
N GLU A 321 16.78 19.37 15.13
CA GLU A 321 16.74 20.83 15.09
C GLU A 321 18.14 21.44 15.01
N LEU A 322 19.16 20.74 15.52
CA LEU A 322 20.52 21.23 15.35
C LEU A 322 20.92 21.21 13.88
N LEU A 323 20.48 20.20 13.13
CA LEU A 323 20.73 20.19 11.70
C LEU A 323 20.11 21.41 11.03
N ARG A 324 18.86 21.71 11.37
CA ARG A 324 18.20 22.88 10.79
C ARG A 324 18.92 24.16 11.17
N ASP A 325 19.38 24.26 12.41
CA ASP A 325 20.11 25.44 12.84
C ASP A 325 21.40 25.60 12.03
N LYS A 326 22.14 24.52 11.84
CA LYS A 326 23.33 24.60 11.01
C LYS A 326 22.98 25.01 9.59
N TRP A 327 21.90 24.45 9.06
CA TRP A 327 21.46 24.82 7.72
C TRP A 327 21.25 26.33 7.62
N ARG A 328 20.47 26.88 8.56
CA ARG A 328 20.15 28.30 8.51
C ARG A 328 21.39 29.16 8.69
N LYS A 329 22.26 28.80 9.64
CA LYS A 329 23.40 29.64 9.94
C LYS A 329 24.45 29.58 8.84
N PHE A 330 24.99 28.40 8.58
CA PHE A 330 26.08 28.24 7.62
C PHE A 330 25.87 26.99 6.80
N GLY A 331 24.65 26.78 6.30
CA GLY A 331 24.35 25.64 5.47
C GLY A 331 23.84 26.00 4.09
N ALA A 332 23.20 27.15 3.96
CA ALA A 332 22.74 27.61 2.65
C ALA A 332 23.79 28.47 1.97
N VAL A 333 24.40 29.39 2.71
CA VAL A 333 25.43 30.24 2.14
C VAL A 333 26.56 29.40 1.57
N SER A 334 27.21 28.62 2.44
CA SER A 334 28.39 27.87 2.00
C SER A 334 28.05 26.88 0.92
N PHE A 335 26.90 26.21 1.04
CA PHE A 335 26.56 25.20 0.04
C PHE A 335 26.34 25.82 -1.34
N TYR A 336 25.63 26.95 -1.40
CA TYR A 336 25.41 27.58 -2.69
C TYR A 336 26.69 28.16 -3.26
N ILE A 337 27.52 28.76 -2.41
CA ILE A 337 28.84 29.20 -2.88
C ILE A 337 29.60 28.03 -3.47
N ASN A 338 29.58 26.89 -2.78
CA ASN A 338 30.31 25.73 -3.27
C ASN A 338 29.76 25.23 -4.59
N VAL A 339 28.44 25.12 -4.72
CA VAL A 339 27.87 24.57 -5.94
C VAL A 339 28.15 25.50 -7.10
N VAL A 340 27.99 26.81 -6.91
CA VAL A 340 28.28 27.75 -7.99
C VAL A 340 29.76 27.69 -8.35
N SER A 341 30.63 27.65 -7.34
CA SER A 341 32.06 27.60 -7.63
C SER A 341 32.41 26.36 -8.44
N TYR A 342 31.89 25.20 -8.04
CA TYR A 342 32.19 23.97 -8.76
C TYR A 342 31.62 24.00 -10.16
N LEU A 343 30.36 24.43 -10.32
CA LEU A 343 29.75 24.42 -11.64
C LEU A 343 30.48 25.36 -12.58
N CYS A 344 30.84 26.57 -12.10
CA CYS A 344 31.59 27.48 -12.94
C CYS A 344 32.98 26.94 -13.23
N ALA A 345 33.60 26.26 -12.26
CA ALA A 345 34.90 25.67 -12.51
C ALA A 345 34.82 24.65 -13.64
N MET A 346 33.77 23.82 -13.63
CA MET A 346 33.65 22.82 -14.67
C MET A 346 33.29 23.44 -16.02
N VAL A 347 32.47 24.49 -16.02
CA VAL A 347 32.15 25.16 -17.27
C VAL A 347 33.40 25.79 -17.87
N ILE A 348 34.20 26.46 -17.05
CA ILE A 348 35.45 27.01 -17.58
C ILE A 348 36.39 25.89 -18.00
N PHE A 349 36.31 24.73 -17.34
CA PHE A 349 37.10 23.59 -17.77
C PHE A 349 36.68 23.16 -19.17
N THR A 350 35.37 23.09 -19.42
CA THR A 350 34.87 22.74 -20.74
C THR A 350 35.30 23.75 -21.79
N LEU A 351 35.20 25.03 -21.47
CA LEU A 351 35.56 26.07 -22.43
C LEU A 351 37.06 26.29 -22.50
N THR A 352 37.83 25.66 -21.62
CA THR A 352 39.26 25.51 -21.86
C THR A 352 39.52 24.34 -22.79
N ALA A 353 38.73 23.29 -22.67
CA ALA A 353 38.86 22.15 -23.58
C ALA A 353 38.56 22.56 -25.02
N TYR A 354 37.40 23.18 -25.23
CA TYR A 354 37.03 23.59 -26.58
C TYR A 354 38.07 24.52 -27.18
N TYR A 355 38.67 25.37 -26.35
CA TYR A 355 39.78 26.21 -26.78
C TYR A 355 41.13 25.53 -26.64
N GLN A 356 41.18 24.30 -26.11
CA GLN A 356 42.42 23.67 -25.70
C GLN A 356 43.52 23.92 -26.73
N PRO A 357 44.77 24.12 -26.30
CA PRO A 357 45.85 24.47 -27.24
C PRO A 357 45.76 23.73 -28.57
N LEU A 358 45.68 24.50 -29.65
CA LEU A 358 45.49 23.98 -30.99
C LEU A 358 46.77 24.08 -31.79
N GLU A 359 46.78 23.40 -32.94
CA GLU A 359 47.94 23.41 -33.84
C GLU A 359 49.21 23.01 -33.09
N GLY A 360 49.11 21.96 -32.28
CA GLY A 360 50.24 21.55 -31.48
C GLY A 360 50.62 22.62 -30.46
N THR A 361 51.93 22.71 -30.20
CA THR A 361 52.47 23.66 -29.23
C THR A 361 51.77 23.51 -27.89
N PRO A 362 51.85 22.34 -27.25
CA PRO A 362 51.19 22.17 -25.96
C PRO A 362 51.89 22.92 -24.85
N PRO A 363 53.24 22.91 -24.77
CA PRO A 363 53.87 23.41 -23.53
C PRO A 363 53.59 24.88 -23.26
N TYR A 364 53.94 25.76 -24.19
CA TYR A 364 53.76 27.21 -24.00
C TYR A 364 53.11 27.80 -25.24
N PRO A 365 51.80 27.61 -25.41
CA PRO A 365 51.09 28.24 -26.52
C PRO A 365 50.65 29.67 -26.25
N TYR A 366 50.76 30.13 -25.01
CA TYR A 366 50.20 31.43 -24.61
C TYR A 366 51.03 32.54 -25.24
N ARG A 367 50.58 33.04 -26.40
CA ARG A 367 51.30 34.11 -27.09
C ARG A 367 50.35 35.14 -27.71
N THR A 368 49.08 35.17 -27.33
CA THR A 368 48.15 36.14 -27.88
C THR A 368 46.98 36.32 -26.91
N THR A 369 46.15 37.31 -27.22
CA THR A 369 45.11 37.72 -26.28
C THR A 369 44.13 36.58 -25.99
N VAL A 370 43.61 35.94 -27.05
CA VAL A 370 42.69 34.84 -26.84
C VAL A 370 43.39 33.68 -26.16
N ASP A 371 44.62 33.39 -26.58
CA ASP A 371 45.41 32.36 -25.90
C ASP A 371 45.77 32.78 -24.47
N TYR A 372 45.95 34.07 -24.24
CA TYR A 372 46.16 34.54 -22.88
C TYR A 372 44.94 34.26 -22.01
N LEU A 373 43.74 34.52 -22.55
CA LEU A 373 42.52 34.20 -21.83
C LEU A 373 42.39 32.70 -21.59
N ARG A 374 42.75 31.90 -22.60
CA ARG A 374 42.71 30.44 -22.42
C ARG A 374 43.65 30.01 -21.31
N LEU A 375 44.86 30.56 -21.27
CA LEU A 375 45.79 30.21 -20.21
C LEU A 375 45.25 30.68 -18.86
N ALA A 376 44.61 31.84 -18.81
CA ALA A 376 44.02 32.30 -17.56
C ALA A 376 42.97 31.31 -17.07
N GLY A 377 42.09 30.86 -17.98
CA GLY A 377 41.12 29.85 -17.61
C GLY A 377 41.78 28.58 -17.12
N GLU A 378 42.81 28.11 -17.83
CA GLU A 378 43.48 26.88 -17.44
C GLU A 378 44.12 27.00 -16.07
N VAL A 379 44.77 28.13 -15.79
CA VAL A 379 45.47 28.28 -14.52
C VAL A 379 44.48 28.41 -13.38
N ILE A 380 43.37 29.14 -13.59
CA ILE A 380 42.40 29.23 -12.52
C ILE A 380 41.78 27.87 -12.25
N THR A 381 41.56 27.08 -13.31
CA THR A 381 41.01 25.74 -13.11
C THR A 381 42.00 24.85 -12.38
N LEU A 382 43.28 24.94 -12.72
CA LEU A 382 44.28 24.16 -11.99
C LEU A 382 44.32 24.56 -10.52
N PHE A 383 44.24 25.88 -10.25
CA PHE A 383 44.25 26.34 -8.87
C PHE A 383 43.03 25.84 -8.12
N THR A 384 41.86 25.86 -8.76
CA THR A 384 40.66 25.32 -8.13
C THR A 384 40.82 23.84 -7.82
N GLY A 385 41.35 23.08 -8.79
CA GLY A 385 41.54 21.66 -8.57
C GLY A 385 42.48 21.38 -7.42
N VAL A 386 43.62 22.07 -7.39
CA VAL A 386 44.60 21.80 -6.33
C VAL A 386 44.06 22.27 -4.98
N LEU A 387 43.33 23.39 -4.94
CA LEU A 387 42.79 23.88 -3.67
C LEU A 387 41.75 22.92 -3.11
N PHE A 388 40.79 22.49 -3.93
CA PHE A 388 39.77 21.61 -3.39
C PHE A 388 40.32 20.20 -3.17
N PHE A 389 41.45 19.85 -3.81
CA PHE A 389 42.20 18.66 -3.43
C PHE A 389 42.87 18.83 -2.08
N PHE A 390 43.38 20.02 -1.79
CA PHE A 390 43.89 20.30 -0.45
C PHE A 390 42.79 20.10 0.58
N THR A 391 41.58 20.58 0.28
CA THR A 391 40.45 20.36 1.17
C THR A 391 40.19 18.87 1.35
N SER A 392 40.21 18.11 0.25
CA SER A 392 39.94 16.69 0.35
C SER A 392 40.97 15.97 1.21
N ILE A 393 42.25 16.31 1.04
CA ILE A 393 43.30 15.62 1.80
C ILE A 393 43.23 16.01 3.28
N LYS A 394 43.00 17.29 3.57
CA LYS A 394 42.97 17.72 4.97
C LYS A 394 41.93 16.93 5.76
N ASP A 395 40.90 16.44 5.10
CA ASP A 395 39.86 15.67 5.78
C ASP A 395 40.28 14.24 6.00
N PHE A 413 31.88 9.45 -1.88
CA PHE A 413 31.94 10.52 -2.87
C PHE A 413 33.22 11.32 -2.72
N GLN A 414 33.97 11.09 -1.65
CA GLN A 414 35.26 11.74 -1.52
C GLN A 414 36.30 11.07 -2.42
N LEU A 415 36.18 9.76 -2.61
CA LEU A 415 37.08 9.08 -3.54
C LEU A 415 36.88 9.60 -4.96
N LEU A 416 35.64 9.91 -5.33
CA LEU A 416 35.38 10.39 -6.68
C LEU A 416 36.19 11.65 -6.96
N TYR A 417 36.07 12.64 -6.08
CA TYR A 417 36.90 13.83 -6.26
C TYR A 417 38.38 13.55 -6.06
N PHE A 418 38.73 12.57 -5.23
CA PHE A 418 40.15 12.28 -5.07
C PHE A 418 40.76 11.87 -6.41
N ILE A 419 40.14 10.90 -7.08
CA ILE A 419 40.64 10.48 -8.39
C ILE A 419 40.54 11.64 -9.38
N TYR A 420 39.41 12.36 -9.37
CA TYR A 420 39.30 13.58 -10.15
C TYR A 420 40.57 14.41 -10.10
N SER A 421 40.94 14.85 -8.89
CA SER A 421 41.96 15.86 -8.78
C SER A 421 43.35 15.29 -9.02
N VAL A 422 43.59 14.04 -8.61
CA VAL A 422 44.89 13.45 -8.96
C VAL A 422 45.04 13.41 -10.48
N LEU A 423 43.97 13.02 -11.19
CA LEU A 423 44.05 13.00 -12.65
C LEU A 423 44.31 14.40 -13.20
N VAL A 424 43.61 15.41 -12.68
CA VAL A 424 43.78 16.75 -13.24
C VAL A 424 45.19 17.27 -13.00
N VAL A 425 45.72 17.05 -11.80
CA VAL A 425 47.07 17.54 -11.51
C VAL A 425 48.09 16.79 -12.34
N VAL A 426 47.89 15.48 -12.54
CA VAL A 426 48.82 14.73 -13.40
C VAL A 426 48.77 15.28 -14.82
N SER A 427 47.58 15.55 -15.33
CA SER A 427 47.46 16.08 -16.68
C SER A 427 48.15 17.44 -16.79
N ALA A 428 47.97 18.30 -15.78
CA ALA A 428 48.64 19.59 -15.81
C ALA A 428 50.16 19.42 -15.79
N ALA A 429 50.64 18.45 -15.00
CA ALA A 429 52.08 18.19 -14.97
C ALA A 429 52.59 17.76 -16.34
N LEU A 430 51.87 16.86 -17.02
CA LEU A 430 52.26 16.47 -18.36
C LEU A 430 52.21 17.66 -19.31
N TYR A 431 51.23 18.53 -19.15
CA TYR A 431 51.16 19.75 -19.97
C TYR A 431 52.40 20.61 -19.78
N LEU A 432 52.89 20.70 -18.54
CA LEU A 432 54.03 21.56 -18.27
C LEU A 432 55.17 21.28 -19.23
N ALA A 433 55.43 20.01 -19.53
CA ALA A 433 56.46 19.64 -20.48
C ALA A 433 55.98 19.67 -21.93
N GLY A 434 54.69 19.86 -22.16
CA GLY A 434 54.15 19.88 -23.50
C GLY A 434 54.37 18.57 -24.23
N ILE A 435 54.09 17.46 -23.56
CA ILE A 435 54.24 16.14 -24.18
C ILE A 435 53.05 15.90 -25.09
N GLU A 436 53.32 15.64 -26.37
CA GLU A 436 52.26 15.50 -27.35
C GLU A 436 51.34 14.35 -27.00
N ALA A 437 50.05 14.54 -27.20
CA ALA A 437 49.01 13.53 -27.01
C ALA A 437 48.95 13.03 -25.57
N TYR A 438 49.69 13.62 -24.66
CA TYR A 438 49.65 13.22 -23.26
C TYR A 438 48.54 13.90 -22.47
N LEU A 439 47.93 14.94 -23.02
CA LEU A 439 46.76 15.56 -22.40
C LEU A 439 45.49 14.81 -22.78
N ALA A 440 45.53 13.49 -22.56
CA ALA A 440 44.40 12.65 -22.88
C ALA A 440 43.44 12.56 -21.70
N VAL A 441 43.94 12.08 -20.55
CA VAL A 441 43.09 11.86 -19.39
C VAL A 441 42.64 13.19 -18.81
N MET A 442 43.12 14.31 -19.36
CA MET A 442 42.56 15.59 -18.95
C MET A 442 41.08 15.65 -19.28
N VAL A 443 40.70 15.22 -20.48
CA VAL A 443 39.29 15.24 -20.83
C VAL A 443 38.53 14.20 -20.00
N PHE A 444 39.16 13.07 -19.69
CA PHE A 444 38.47 12.11 -18.83
C PHE A 444 38.23 12.70 -17.46
N ALA A 445 39.17 13.48 -16.96
CA ALA A 445 38.95 14.21 -15.73
C ALA A 445 37.81 15.20 -15.89
N LEU A 446 37.69 15.83 -17.05
CA LEU A 446 36.56 16.71 -17.28
C LEU A 446 35.25 15.98 -17.11
N VAL A 447 35.10 14.85 -17.79
CA VAL A 447 33.83 14.13 -17.71
C VAL A 447 33.61 13.60 -16.30
N LEU A 448 34.70 13.19 -15.63
CA LEU A 448 34.59 12.76 -14.24
C LEU A 448 34.06 13.89 -13.38
N GLY A 449 34.59 15.09 -13.55
CA GLY A 449 34.11 16.22 -12.79
C GLY A 449 32.64 16.49 -13.06
N TRP A 450 32.22 16.37 -14.32
CA TRP A 450 30.83 16.64 -14.62
C TRP A 450 29.91 15.63 -13.94
N MET A 451 30.24 14.35 -14.06
CA MET A 451 29.41 13.36 -13.38
C MET A 451 29.50 13.52 -11.86
N ASN A 452 30.63 14.02 -11.36
CA ASN A 452 30.74 14.32 -9.94
C ASN A 452 29.79 15.42 -9.53
N ALA A 453 29.67 16.46 -10.36
CA ALA A 453 28.68 17.50 -10.10
C ALA A 453 27.28 16.92 -10.09
N LEU A 454 26.96 16.06 -11.06
CA LEU A 454 25.68 15.37 -11.03
C LEU A 454 25.51 14.57 -9.75
N TYR A 455 26.62 14.08 -9.20
CA TYR A 455 26.56 13.23 -8.01
C TYR A 455 26.31 14.05 -6.74
N PHE A 456 27.25 14.91 -6.38
CA PHE A 456 27.25 15.48 -5.04
C PHE A 456 26.07 16.42 -4.81
N THR A 457 25.83 17.34 -5.74
CA THR A 457 24.84 18.39 -5.53
C THR A 457 23.44 17.78 -5.67
N ARG A 458 23.04 17.09 -4.60
CA ARG A 458 21.70 16.53 -4.48
C ARG A 458 20.80 17.35 -3.55
N GLY A 459 21.29 18.48 -3.03
CA GLY A 459 20.53 19.30 -2.12
C GLY A 459 19.57 20.29 -2.75
N LEU A 460 19.48 20.30 -4.08
CA LEU A 460 18.57 21.20 -4.79
C LEU A 460 17.18 20.57 -4.81
N LYS A 461 16.47 20.75 -3.69
CA LYS A 461 15.16 20.12 -3.46
C LYS A 461 15.17 18.64 -3.84
N LEU A 462 14.05 17.96 -3.62
CA LEU A 462 13.95 16.55 -3.96
C LEU A 462 13.52 16.40 -5.42
N THR A 463 14.27 15.59 -6.17
CA THR A 463 13.92 15.22 -7.54
C THR A 463 14.07 13.71 -7.65
N GLY A 464 13.02 12.99 -7.27
CA GLY A 464 13.14 11.54 -7.19
C GLY A 464 14.30 11.17 -6.30
N THR A 465 15.13 10.25 -6.79
CA THR A 465 16.40 9.91 -6.15
C THR A 465 17.40 9.60 -7.26
N TYR A 466 18.09 10.64 -7.76
CA TYR A 466 18.96 10.44 -8.91
C TYR A 466 20.22 9.67 -8.51
N SER A 467 20.95 10.18 -7.52
CA SER A 467 22.21 9.55 -7.13
C SER A 467 21.98 8.14 -6.61
N ILE A 468 20.92 7.94 -5.81
CA ILE A 468 20.67 6.63 -5.24
C ILE A 468 20.35 5.63 -6.35
N MET A 469 19.59 6.07 -7.36
CA MET A 469 19.42 5.22 -8.54
C MET A 469 20.75 4.95 -9.22
N ILE A 470 21.63 5.95 -9.29
CA ILE A 470 22.98 5.69 -9.82
C ILE A 470 23.59 4.48 -9.11
N GLN A 471 23.75 4.58 -7.78
CA GLN A 471 24.45 3.51 -7.08
C GLN A 471 23.72 2.17 -7.22
N LYS A 472 22.38 2.19 -7.13
CA LYS A 472 21.67 0.92 -7.27
C LYS A 472 21.86 0.33 -8.67
N ILE A 473 22.08 1.17 -9.67
CA ILE A 473 22.35 0.68 -11.02
C ILE A 473 23.85 0.81 -11.29
N LEU A 474 24.35 2.04 -11.30
CA LEU A 474 25.77 2.32 -11.44
C LEU A 474 26.40 1.40 -12.48
N PHE A 475 27.15 0.38 -12.04
CA PHE A 475 27.78 -0.57 -12.93
C PHE A 475 27.31 -2.01 -12.72
N LYS A 476 26.34 -2.23 -11.83
CA LYS A 476 25.99 -3.61 -11.45
C LYS A 476 25.59 -4.42 -12.67
N ASP A 477 24.51 -4.04 -13.34
CA ASP A 477 24.03 -4.76 -14.51
C ASP A 477 24.99 -4.66 -15.69
N LEU A 478 25.80 -3.61 -15.75
CA LEU A 478 26.60 -3.38 -16.96
C LEU A 478 27.60 -4.49 -17.17
N PHE A 479 28.30 -4.91 -16.11
CA PHE A 479 29.28 -5.98 -16.28
C PHE A 479 28.64 -7.34 -16.49
N ARG A 480 27.45 -7.56 -15.91
CA ARG A 480 26.69 -8.76 -16.27
C ARG A 480 26.41 -8.81 -17.76
N PHE A 481 25.96 -7.69 -18.31
CA PHE A 481 25.81 -7.60 -19.76
C PHE A 481 27.15 -7.97 -20.38
N LEU A 482 28.17 -7.14 -20.14
CA LEU A 482 29.46 -7.36 -20.79
C LEU A 482 29.85 -8.83 -20.81
N LEU A 483 29.63 -9.53 -19.70
CA LEU A 483 30.08 -10.91 -19.62
C LEU A 483 29.22 -11.83 -20.49
N VAL A 484 27.89 -11.73 -20.40
CA VAL A 484 27.05 -12.56 -21.26
C VAL A 484 27.32 -12.22 -22.72
N TYR A 485 27.51 -10.93 -22.99
CA TYR A 485 27.84 -10.44 -24.32
C TYR A 485 29.06 -11.13 -24.87
N LEU A 486 30.14 -11.11 -24.09
CA LEU A 486 31.39 -11.70 -24.55
C LEU A 486 31.25 -13.20 -24.73
N LEU A 487 30.55 -13.87 -23.83
CA LEU A 487 30.39 -15.31 -24.00
C LEU A 487 29.63 -15.62 -25.28
N PHE A 488 28.54 -14.91 -25.55
CA PHE A 488 27.82 -15.17 -26.79
C PHE A 488 28.70 -14.91 -28.01
N MET A 489 29.45 -13.81 -27.97
CA MET A 489 30.33 -13.51 -29.09
C MET A 489 31.31 -14.65 -29.33
N ILE A 490 32.00 -15.08 -28.27
CA ILE A 490 32.96 -16.15 -28.42
C ILE A 490 32.28 -17.44 -28.85
N GLY A 491 31.09 -17.71 -28.32
CA GLY A 491 30.43 -18.96 -28.67
C GLY A 491 30.10 -19.03 -30.14
N TYR A 492 29.49 -17.99 -30.70
CA TYR A 492 29.12 -18.12 -32.09
C TYR A 492 30.34 -17.93 -33.00
N ALA A 493 31.34 -17.18 -32.56
CA ALA A 493 32.59 -17.12 -33.33
C ALA A 493 33.24 -18.49 -33.38
N SER A 494 33.17 -19.24 -32.28
CA SER A 494 33.67 -20.62 -32.29
C SER A 494 32.86 -21.48 -33.24
N ALA A 495 31.55 -21.26 -33.27
CA ALA A 495 30.73 -21.94 -34.27
C ALA A 495 31.27 -21.68 -35.67
N LEU A 496 31.55 -20.42 -35.98
CA LEU A 496 32.06 -20.08 -37.31
C LEU A 496 33.42 -20.74 -37.57
N VAL A 497 34.32 -20.70 -36.58
CA VAL A 497 35.67 -21.23 -36.80
C VAL A 497 35.68 -22.74 -36.94
N THR A 498 34.79 -23.45 -36.25
CA THR A 498 34.60 -24.87 -36.54
C THR A 498 33.85 -25.08 -37.85
N LEU A 499 33.15 -24.06 -38.34
CA LEU A 499 32.48 -24.17 -39.64
C LEU A 499 33.33 -23.64 -40.78
N LEU A 500 33.71 -22.36 -40.77
CA LEU A 500 34.46 -21.79 -41.88
C LEU A 500 35.83 -21.23 -41.51
N ASN A 501 35.89 -20.33 -40.52
CA ASN A 501 37.14 -19.60 -40.27
C ASN A 501 38.27 -20.60 -40.05
N PRO A 502 39.22 -20.73 -41.01
CA PRO A 502 40.29 -21.70 -40.84
C PRO A 502 41.53 -21.11 -40.15
N PRO A 522 32.99 -16.15 -41.91
CA PRO A 522 32.24 -16.29 -43.14
C PRO A 522 31.87 -14.95 -43.76
N ALA A 523 31.03 -14.18 -43.08
CA ALA A 523 30.67 -12.86 -43.55
C ALA A 523 31.89 -11.95 -43.59
N CYS A 524 32.72 -12.00 -42.55
CA CYS A 524 33.89 -11.13 -42.45
C CYS A 524 35.14 -11.83 -42.98
N ARG A 525 35.03 -12.35 -44.20
CA ARG A 525 36.17 -12.80 -44.98
C ARG A 525 36.79 -14.10 -44.48
N ASP A 526 36.24 -14.68 -43.41
CA ASP A 526 36.57 -16.03 -42.92
C ASP A 526 38.03 -16.42 -43.09
N SER A 527 38.95 -15.66 -42.49
CA SER A 527 40.37 -15.97 -42.57
C SER A 527 41.03 -15.96 -41.20
N GLU A 528 40.39 -16.59 -40.22
CA GLU A 528 40.88 -16.62 -38.84
C GLU A 528 41.20 -15.20 -38.39
N THR A 529 40.20 -14.35 -38.51
CA THR A 529 40.36 -12.92 -38.27
C THR A 529 40.16 -12.63 -36.79
N PHE A 530 40.08 -11.34 -36.44
CA PHE A 530 39.85 -10.95 -35.07
C PHE A 530 38.39 -11.17 -34.69
N SER A 531 38.17 -11.34 -33.38
CA SER A 531 36.82 -11.50 -32.85
C SER A 531 36.21 -10.19 -32.37
N ALA A 532 37.02 -9.26 -31.85
CA ALA A 532 36.46 -8.02 -31.33
C ALA A 532 35.63 -7.30 -32.39
N PHE A 533 35.96 -7.48 -33.67
CA PHE A 533 35.12 -6.91 -34.71
C PHE A 533 33.75 -7.58 -34.72
N LEU A 534 33.67 -8.83 -34.28
CA LEU A 534 32.35 -9.44 -34.11
C LEU A 534 31.57 -8.71 -33.02
N LEU A 535 32.24 -8.33 -31.93
CA LEU A 535 31.56 -7.53 -30.91
C LEU A 535 31.09 -6.21 -31.48
N ASP A 536 31.94 -5.56 -32.27
CA ASP A 536 31.54 -4.28 -32.85
C ASP A 536 30.33 -4.45 -33.75
N LEU A 537 30.34 -5.49 -34.58
CA LEU A 537 29.20 -5.76 -35.45
C LEU A 537 27.94 -6.02 -34.64
N PHE A 538 28.06 -6.84 -33.59
CA PHE A 538 26.90 -7.19 -32.79
C PHE A 538 26.31 -5.95 -32.13
N LYS A 539 27.17 -5.09 -31.59
CA LYS A 539 26.69 -3.82 -31.05
C LYS A 539 26.00 -3.00 -32.13
N LEU A 540 26.62 -2.92 -33.31
CA LEU A 540 26.15 -1.99 -34.32
C LEU A 540 24.79 -2.39 -34.87
N THR A 541 24.63 -3.64 -35.29
CA THR A 541 23.43 -4.02 -36.02
C THR A 541 22.39 -4.76 -35.18
N ILE A 542 22.73 -5.88 -34.56
CA ILE A 542 21.78 -6.56 -33.70
C ILE A 542 21.37 -5.65 -32.53
N GLY A 543 22.15 -4.62 -32.24
CA GLY A 543 21.69 -3.57 -31.35
C GLY A 543 20.89 -2.48 -32.01
N MET A 544 21.34 -1.95 -33.14
CA MET A 544 20.62 -0.86 -33.79
C MET A 544 20.16 -1.21 -35.21
N GLY A 545 21.05 -1.69 -36.07
CA GLY A 545 20.61 -2.18 -37.37
C GLY A 545 21.74 -2.26 -38.37
N ASP A 546 21.36 -2.68 -39.59
CA ASP A 546 22.29 -2.92 -40.69
C ASP A 546 23.23 -4.10 -40.44
N LEU A 547 22.67 -5.29 -40.24
CA LEU A 547 23.43 -6.53 -40.14
C LEU A 547 23.96 -6.96 -41.51
N GLU A 548 24.98 -7.81 -41.48
CA GLU A 548 25.55 -8.41 -42.67
C GLU A 548 24.86 -9.72 -43.03
N MET A 549 23.62 -9.91 -42.56
CA MET A 549 22.92 -11.18 -42.73
C MET A 549 23.73 -12.30 -42.09
N LEU A 550 24.91 -12.54 -42.65
CA LEU A 550 25.94 -13.40 -42.07
C LEU A 550 25.67 -14.88 -42.32
N SER A 551 24.47 -15.24 -42.73
CA SER A 551 24.20 -16.58 -43.25
C SER A 551 23.64 -16.55 -44.66
N SER A 552 22.57 -15.79 -44.89
CA SER A 552 21.83 -15.76 -46.17
C SER A 552 20.86 -16.89 -46.57
N PHE A 559 25.19 -22.68 -40.07
CA PHE A 559 25.21 -21.38 -39.43
C PHE A 559 23.90 -21.06 -38.74
N ILE A 560 22.83 -21.01 -39.54
CA ILE A 560 21.56 -20.47 -39.10
C ILE A 560 20.96 -21.09 -37.83
N LEU A 561 20.97 -22.42 -37.75
CA LEU A 561 20.42 -23.10 -36.58
C LEU A 561 20.96 -22.45 -35.33
N LEU A 562 22.26 -22.16 -35.33
CA LEU A 562 22.87 -21.52 -34.17
C LEU A 562 22.44 -20.06 -34.07
N LEU A 563 22.81 -19.26 -35.07
CA LEU A 563 22.65 -17.82 -34.96
C LEU A 563 21.24 -17.43 -34.56
N VAL A 564 20.23 -18.06 -35.16
CA VAL A 564 18.85 -17.65 -34.87
C VAL A 564 18.55 -17.81 -33.39
N THR A 565 18.83 -19.00 -32.85
CA THR A 565 18.57 -19.25 -31.44
C THR A 565 19.39 -18.33 -30.55
N TYR A 566 20.67 -18.16 -30.88
CA TYR A 566 21.53 -17.34 -30.03
C TYR A 566 21.05 -15.90 -30.00
N ILE A 567 20.66 -15.36 -31.15
CA ILE A 567 20.25 -13.95 -31.20
C ILE A 567 18.92 -13.75 -30.51
N ILE A 568 17.98 -14.68 -30.71
CA ILE A 568 16.72 -14.54 -29.98
C ILE A 568 16.98 -14.63 -28.48
N LEU A 569 17.90 -15.49 -28.06
CA LEU A 569 18.23 -15.60 -26.65
C LEU A 569 18.86 -14.32 -26.12
N THR A 570 19.79 -13.74 -26.88
CA THR A 570 20.44 -12.53 -26.39
C THR A 570 19.43 -11.39 -26.29
N PHE A 571 18.51 -11.30 -27.26
CA PHE A 571 17.44 -10.32 -27.13
C PHE A 571 16.59 -10.58 -25.90
N VAL A 572 16.23 -11.84 -25.65
CA VAL A 572 15.40 -12.14 -24.51
C VAL A 572 16.09 -11.74 -23.22
N LEU A 573 17.39 -12.06 -23.12
CA LEU A 573 18.15 -11.71 -21.93
C LEU A 573 18.25 -10.21 -21.75
N LEU A 574 18.53 -9.48 -22.83
CA LEU A 574 18.58 -8.03 -22.75
C LEU A 574 17.25 -7.46 -22.27
N LEU A 575 16.16 -7.91 -22.89
CA LEU A 575 14.85 -7.50 -22.40
C LEU A 575 14.77 -7.74 -20.90
N ASN A 576 14.80 -9.00 -20.49
CA ASN A 576 14.52 -9.32 -19.09
C ASN A 576 15.41 -8.50 -18.16
N MET A 577 16.70 -8.41 -18.45
CA MET A 577 17.59 -7.66 -17.57
C MET A 577 17.14 -6.20 -17.49
N LEU A 578 16.92 -5.54 -18.63
CA LEU A 578 16.56 -4.14 -18.62
C LEU A 578 15.26 -3.92 -17.87
N ILE A 579 14.21 -4.65 -18.25
CA ILE A 579 12.89 -4.47 -17.65
C ILE A 579 12.92 -4.78 -16.16
N ALA A 580 13.43 -5.96 -15.79
CA ALA A 580 13.42 -6.33 -14.39
C ALA A 580 14.17 -5.31 -13.56
N LEU A 581 15.39 -4.95 -13.98
CA LEU A 581 16.17 -3.98 -13.22
C LEU A 581 15.39 -2.68 -13.06
N MET A 582 14.97 -2.13 -14.19
CA MET A 582 14.25 -0.82 -14.22
C MET A 582 13.06 -0.82 -13.28
N GLY A 583 12.15 -1.78 -13.44
CA GLY A 583 10.91 -1.82 -12.67
C GLY A 583 11.19 -2.02 -11.20
N GLU A 584 11.95 -3.06 -10.86
CA GLU A 584 12.18 -3.37 -9.46
C GLU A 584 12.90 -2.23 -8.75
N THR A 585 13.92 -1.66 -9.38
CA THR A 585 14.70 -0.62 -8.72
C THR A 585 13.91 0.65 -8.54
N VAL A 586 13.26 1.13 -9.60
CA VAL A 586 12.57 2.42 -9.51
C VAL A 586 11.33 2.32 -8.64
N GLY A 587 10.59 1.21 -8.74
CA GLY A 587 9.30 1.13 -8.09
C GLY A 587 9.32 0.88 -6.59
N GLN A 588 9.82 -0.29 -6.19
CA GLN A 588 9.65 -0.74 -4.81
C GLN A 588 10.68 -0.11 -3.86
N VAL A 589 11.97 -0.35 -4.13
CA VAL A 589 13.03 -0.04 -3.18
C VAL A 589 13.31 1.46 -3.14
N SER A 590 12.52 2.25 -3.86
CA SER A 590 12.80 3.67 -4.00
C SER A 590 12.98 4.35 -2.65
N LYS A 591 11.94 4.36 -1.82
CA LYS A 591 11.92 5.14 -0.58
C LYS A 591 12.53 6.52 -0.84
N GLU A 592 11.85 7.26 -1.72
CA GLU A 592 12.49 8.34 -2.45
C GLU A 592 13.12 9.38 -1.53
N SER A 593 12.30 10.11 -0.78
CA SER A 593 12.71 11.42 -0.27
C SER A 593 12.99 11.45 1.22
N LYS A 594 12.03 11.05 2.04
CA LYS A 594 12.02 11.50 3.43
C LYS A 594 13.31 11.19 4.18
N HIS A 595 13.61 9.93 4.50
CA HIS A 595 14.84 9.67 5.25
C HIS A 595 16.07 9.72 4.36
N ILE A 596 15.92 9.30 3.11
CA ILE A 596 17.06 9.37 2.19
C ILE A 596 17.51 10.81 2.04
N TRP A 597 16.57 11.73 1.80
CA TRP A 597 16.95 13.13 1.65
C TRP A 597 17.38 13.73 2.98
N LYS A 598 16.75 13.32 4.08
CA LYS A 598 17.23 13.75 5.39
C LYS A 598 18.71 13.44 5.56
N LEU A 599 19.10 12.19 5.34
CA LEU A 599 20.50 11.81 5.43
C LEU A 599 21.33 12.59 4.43
N GLN A 600 20.79 12.85 3.24
CA GLN A 600 21.56 13.59 2.24
C GLN A 600 21.93 14.97 2.75
N TRP A 601 20.95 15.76 3.20
CA TRP A 601 21.36 17.10 3.60
C TRP A 601 22.09 17.06 4.93
N ALA A 602 21.88 16.02 5.73
CA ALA A 602 22.67 15.87 6.94
C ALA A 602 24.15 15.72 6.60
N THR A 603 24.45 14.84 5.65
CA THR A 603 25.83 14.66 5.22
C THR A 603 26.39 15.94 4.62
N THR A 604 25.57 16.64 3.82
CA THR A 604 26.06 17.90 3.25
C THR A 604 26.40 18.90 4.34
N ILE A 605 25.52 19.04 5.34
CA ILE A 605 25.78 20.02 6.39
C ILE A 605 27.00 19.62 7.22
N LEU A 606 27.09 18.34 7.59
CA LEU A 606 28.20 17.91 8.43
C LEU A 606 29.53 18.07 7.72
N ASP A 607 29.63 17.61 6.47
CA ASP A 607 30.89 17.75 5.77
C ASP A 607 31.16 19.20 5.38
N ILE A 608 30.12 20.03 5.24
CA ILE A 608 30.33 21.46 5.09
C ILE A 608 31.06 22.00 6.31
N GLU A 609 30.57 21.67 7.50
CA GLU A 609 31.22 22.12 8.71
C GLU A 609 32.63 21.55 8.82
N ARG A 610 32.78 20.28 8.46
CA ARG A 610 34.10 19.66 8.51
C ARG A 610 35.08 20.35 7.57
N SER A 611 34.59 20.90 6.46
CA SER A 611 35.49 21.50 5.48
C SER A 611 36.29 22.64 6.08
N PHE A 612 35.62 23.71 6.46
CA PHE A 612 36.30 24.88 7.00
C PHE A 612 36.38 24.80 8.52
N PRO A 613 37.27 25.58 9.14
CA PRO A 613 37.41 25.51 10.60
C PRO A 613 36.14 25.91 11.34
N VAL A 614 35.50 24.95 12.00
CA VAL A 614 34.24 25.22 12.68
C VAL A 614 34.47 26.12 13.88
N PHE A 615 35.58 25.93 14.60
CA PHE A 615 35.82 26.68 15.83
C PHE A 615 35.68 28.19 15.64
N LEU A 616 35.70 28.67 14.40
CA LEU A 616 35.53 30.08 14.14
C LEU A 616 34.15 30.53 14.60
N ARG A 617 33.87 31.81 14.45
CA ARG A 617 32.64 32.38 14.99
C ARG A 617 31.44 31.98 14.14
N LYS A 618 31.24 30.68 13.96
CA LYS A 618 30.15 30.16 13.15
C LYS A 618 29.56 28.91 13.79
N ALA A 619 29.63 28.84 15.12
CA ALA A 619 29.20 27.67 15.87
C ALA A 619 27.79 27.89 16.40
N PHE A 620 27.35 26.97 17.24
CA PHE A 620 26.04 27.02 17.88
C PHE A 620 26.10 27.83 19.18
N ARG A 621 24.97 27.88 19.87
CA ARG A 621 24.78 28.81 20.97
C ARG A 621 25.61 28.44 22.20
N SER A 622 25.78 29.41 23.10
CA SER A 622 26.25 29.19 24.45
C SER A 622 25.18 29.60 25.45
N GLY A 623 25.28 29.06 26.67
CA GLY A 623 24.18 29.18 27.62
C GLY A 623 24.56 29.64 29.01
N GLU A 624 24.00 28.99 30.01
CA GLU A 624 24.16 29.41 31.40
C GLU A 624 25.62 29.38 31.83
N MET A 625 25.99 30.29 32.72
CA MET A 625 27.40 30.47 33.07
C MET A 625 27.89 29.46 34.10
N VAL A 626 27.40 29.54 35.33
CA VAL A 626 27.97 28.81 36.45
C VAL A 626 26.99 28.80 37.60
N THR A 627 27.18 27.88 38.54
CA THR A 627 26.39 27.66 39.74
C THR A 627 25.09 26.93 39.44
N VAL A 628 24.74 26.73 38.16
CA VAL A 628 23.66 25.84 37.77
C VAL A 628 24.14 24.77 36.79
N GLY A 629 24.97 25.17 35.82
CA GLY A 629 25.58 24.22 34.89
C GLY A 629 27.06 24.47 34.76
N ARG A 638 30.62 26.65 31.25
CA ARG A 638 29.59 27.39 30.53
C ARG A 638 28.51 26.44 30.05
N ARG A 639 28.89 25.28 29.55
CA ARG A 639 27.94 24.25 29.16
C ARG A 639 27.00 24.76 28.06
N TRP A 640 27.58 25.00 26.89
CA TRP A 640 26.79 25.48 25.76
C TRP A 640 25.51 24.66 25.61
N CYS A 641 24.50 25.28 25.02
CA CYS A 641 23.19 24.65 24.86
C CYS A 641 22.52 25.13 23.60
N PHE A 642 21.51 24.38 23.16
CA PHE A 642 20.73 24.67 21.97
C PHE A 642 19.26 24.73 22.35
N ARG A 643 18.63 25.87 22.10
CA ARG A 643 17.27 26.11 22.60
C ARG A 643 16.25 25.80 21.52
N VAL A 644 15.33 24.90 21.81
CA VAL A 644 14.25 24.55 20.91
C VAL A 644 12.94 25.03 21.53
N ASP A 645 12.13 25.72 20.75
CA ASP A 645 10.88 26.30 21.23
C ASP A 645 9.72 25.43 20.76
N GLU A 646 9.09 24.73 21.70
CA GLU A 646 7.89 23.97 21.43
C GLU A 646 6.68 24.79 21.88
N VAL A 647 5.50 24.37 21.40
CA VAL A 647 4.25 24.99 21.82
C VAL A 647 3.29 23.88 22.23
N ASN A 648 2.71 24.03 23.41
CA ASN A 648 1.73 23.09 23.94
C ASN A 648 0.58 23.87 24.55
N TRP A 649 -0.57 23.23 24.63
CA TRP A 649 -1.80 23.86 25.12
C TRP A 649 -2.26 23.23 26.43
N SER A 650 -1.32 23.00 27.35
CA SER A 650 -1.64 22.51 28.68
C SER A 650 -1.90 23.67 29.64
N VAL B 12 16.16 49.39 50.09
CA VAL B 12 15.63 49.94 48.80
C VAL B 12 16.63 50.92 48.22
N PHE B 13 17.67 50.39 47.60
CA PHE B 13 18.73 51.21 47.01
C PHE B 13 18.95 50.95 45.54
N ASN B 14 18.76 49.71 45.09
CA ASN B 14 18.98 49.36 43.70
C ASN B 14 18.05 48.22 43.32
N ARG B 15 17.85 48.06 42.01
CA ARG B 15 16.94 47.03 41.52
C ARG B 15 17.30 45.64 42.00
N PRO B 16 18.57 45.21 42.01
CA PRO B 16 18.88 43.83 42.41
C PRO B 16 18.34 43.43 43.77
N ILE B 17 18.43 44.30 44.77
CA ILE B 17 17.95 43.92 46.09
C ILE B 17 16.42 43.82 46.08
N LEU B 18 15.75 44.70 45.34
CA LEU B 18 14.30 44.61 45.21
C LEU B 18 13.91 43.26 44.59
N PHE B 19 14.61 42.87 43.53
CA PHE B 19 14.31 41.59 42.89
C PHE B 19 14.60 40.42 43.83
N ASP B 20 15.69 40.53 44.61
CA ASP B 20 16.01 39.47 45.55
C ASP B 20 14.92 39.32 46.60
N ILE B 21 14.45 40.43 47.15
CA ILE B 21 13.46 40.36 48.22
C ILE B 21 12.12 39.87 47.67
N VAL B 22 11.72 40.35 46.49
CA VAL B 22 10.43 39.94 45.95
C VAL B 22 10.47 38.48 45.50
N SER B 23 11.62 38.00 45.03
CA SER B 23 11.71 36.62 44.56
C SER B 23 11.40 35.64 45.68
N ARG B 24 11.92 35.87 46.88
CA ARG B 24 11.73 34.96 48.00
C ARG B 24 10.43 35.22 48.75
N GLY B 25 9.64 36.20 48.33
CA GLY B 25 8.38 36.48 49.00
C GLY B 25 8.55 37.00 50.41
N SER B 26 9.49 37.91 50.63
CA SER B 26 9.72 38.52 51.94
C SER B 26 9.25 39.97 51.88
N THR B 27 8.37 40.34 52.80
CA THR B 27 7.80 41.68 52.85
C THR B 27 8.22 42.48 54.08
N ALA B 28 8.42 41.82 55.23
CA ALA B 28 8.79 42.54 56.44
C ALA B 28 10.12 43.27 56.26
N ASP B 29 11.07 42.63 55.57
CA ASP B 29 12.38 43.24 55.36
C ASP B 29 12.31 44.49 54.50
N LEU B 30 11.19 44.73 53.81
CA LEU B 30 11.05 45.88 52.94
C LEU B 30 10.23 47.01 53.55
N ASP B 31 9.47 46.74 54.61
CA ASP B 31 8.61 47.76 55.18
C ASP B 31 9.43 48.90 55.78
N GLY B 32 10.52 48.57 56.47
CA GLY B 32 11.33 49.58 57.12
C GLY B 32 12.02 50.55 56.17
N LEU B 33 12.14 50.19 54.90
CA LEU B 33 12.81 51.03 53.91
C LEU B 33 11.87 51.65 52.89
N LEU B 34 10.78 50.96 52.52
CA LEU B 34 9.83 51.57 51.61
C LEU B 34 9.21 52.82 52.21
N SER B 35 8.97 52.81 53.53
CA SER B 35 8.45 54.00 54.19
C SER B 35 9.43 55.16 54.08
N PHE B 36 10.71 54.89 54.29
CA PHE B 36 11.71 55.95 54.17
C PHE B 36 11.78 56.49 52.74
N LEU B 37 11.75 55.60 51.75
CA LEU B 37 11.77 56.06 50.36
C LEU B 37 10.54 56.90 50.05
N LEU B 38 9.37 56.49 50.52
CA LEU B 38 8.18 57.30 50.34
C LEU B 38 8.32 58.66 51.05
N THR B 39 9.05 58.68 52.17
CA THR B 39 9.31 59.92 52.87
C THR B 39 10.30 60.81 52.14
N HIS B 40 11.09 60.26 51.22
CA HIS B 40 12.05 61.02 50.44
C HIS B 40 11.48 61.50 49.11
N LYS B 41 10.16 61.72 49.05
CA LYS B 41 9.47 62.18 47.85
C LYS B 41 9.96 61.46 46.60
N LYS B 42 10.32 60.19 46.75
CA LYS B 42 10.72 59.35 45.62
C LYS B 42 9.57 58.49 45.15
N ARG B 43 9.57 58.18 43.86
CA ARG B 43 8.52 57.38 43.24
C ARG B 43 9.14 56.14 42.61
N LEU B 44 8.47 55.00 42.77
CA LEU B 44 8.97 53.74 42.23
C LEU B 44 8.96 53.71 40.72
N THR B 45 8.32 54.67 40.05
CA THR B 45 8.27 54.69 38.60
C THR B 45 9.56 55.24 37.98
N ASP B 46 10.44 55.82 38.77
CA ASP B 46 11.67 56.38 38.22
C ASP B 46 12.55 55.28 37.62
N GLU B 47 13.26 55.64 36.56
CA GLU B 47 14.07 54.64 35.85
C GLU B 47 15.09 53.99 36.77
N GLU B 48 15.61 54.73 37.76
CA GLU B 48 16.57 54.14 38.69
C GLU B 48 15.94 53.07 39.56
N PHE B 49 14.61 52.99 39.61
CA PHE B 49 13.90 51.91 40.29
C PHE B 49 13.44 50.83 39.32
N ARG B 50 13.76 50.96 38.04
CA ARG B 50 13.37 50.01 37.01
C ARG B 50 14.62 49.41 36.39
N GLU B 51 14.57 48.13 36.06
CA GLU B 51 15.72 47.46 35.47
C GLU B 51 16.10 48.18 34.17
N PRO B 52 17.36 48.59 34.00
CA PRO B 52 17.68 49.49 32.89
C PRO B 52 17.67 48.84 31.52
N SER B 53 17.95 47.54 31.42
CA SER B 53 18.04 46.90 30.11
C SER B 53 16.73 47.01 29.35
N THR B 54 15.60 46.77 30.03
CA THR B 54 14.28 46.84 29.41
C THR B 54 13.36 47.84 30.09
N GLY B 55 13.74 48.37 31.24
CA GLY B 55 12.86 49.28 31.95
C GLY B 55 11.74 48.62 32.70
N LYS B 56 11.81 47.30 32.91
CA LYS B 56 10.77 46.58 33.61
C LYS B 56 10.74 47.00 35.08
N THR B 57 9.53 47.13 35.61
CA THR B 57 9.37 47.40 37.03
C THR B 57 9.49 46.11 37.82
N CYS B 58 9.49 46.24 39.15
CA CYS B 58 9.52 45.06 40.01
C CYS B 58 8.23 44.29 39.98
N LEU B 59 7.14 44.89 39.48
CA LEU B 59 5.86 44.17 39.40
C LEU B 59 5.95 42.94 38.52
N PRO B 60 6.39 43.04 37.26
CA PRO B 60 6.52 41.83 36.44
C PRO B 60 7.48 40.82 37.03
N LYS B 61 8.57 41.28 37.66
CA LYS B 61 9.51 40.35 38.29
C LYS B 61 8.82 39.56 39.38
N ALA B 62 8.11 40.25 40.28
CA ALA B 62 7.41 39.56 41.35
C ALA B 62 6.35 38.61 40.80
N LEU B 63 5.64 39.05 39.76
CA LEU B 63 4.62 38.19 39.16
C LEU B 63 5.24 36.92 38.59
N LEU B 64 6.39 37.05 37.92
CA LEU B 64 7.13 35.88 37.44
C LEU B 64 7.68 35.05 38.58
N ASN B 65 7.77 35.62 39.79
CA ASN B 65 8.18 34.88 40.98
C ASN B 65 6.99 34.36 41.76
N LEU B 66 5.87 34.07 41.08
CA LEU B 66 4.68 33.61 41.77
C LEU B 66 4.97 32.33 42.55
N SER B 67 4.51 32.31 43.81
CA SER B 67 4.67 31.14 44.67
C SER B 67 3.50 30.20 44.43
N ASN B 68 3.61 29.43 43.35
CA ASN B 68 2.52 28.54 42.92
C ASN B 68 1.24 29.34 42.71
N GLY B 69 1.38 30.54 42.13
CA GLY B 69 0.24 31.41 41.94
C GLY B 69 -0.25 32.09 43.18
N ARG B 70 0.50 32.03 44.28
CA ARG B 70 0.09 32.57 45.57
C ARG B 70 1.09 33.60 46.07
N ASN B 71 1.50 34.52 45.19
CA ASN B 71 2.40 35.60 45.57
C ASN B 71 1.62 36.62 46.40
N ASP B 72 1.92 36.69 47.69
CA ASP B 72 1.22 37.56 48.62
C ASP B 72 1.93 38.91 48.82
N THR B 73 3.01 39.16 48.07
CA THR B 73 3.72 40.43 48.20
C THR B 73 3.16 41.50 47.28
N ILE B 74 2.67 41.12 46.10
CA ILE B 74 2.19 42.08 45.11
C ILE B 74 1.07 42.95 45.67
N PRO B 75 0.24 42.48 46.61
CA PRO B 75 -0.66 43.46 47.27
C PRO B 75 0.10 44.57 47.96
N VAL B 76 1.25 44.26 48.56
CA VAL B 76 2.07 45.30 49.16
C VAL B 76 2.58 46.24 48.07
N LEU B 77 2.89 45.70 46.90
CA LEU B 77 3.34 46.54 45.79
C LEU B 77 2.23 47.47 45.33
N LEU B 78 0.99 46.98 45.28
CA LEU B 78 -0.13 47.85 44.95
C LEU B 78 -0.32 48.92 46.02
N ASP B 79 -0.13 48.57 47.29
CA ASP B 79 -0.19 49.56 48.35
C ASP B 79 0.87 50.63 48.15
N ILE B 80 2.09 50.21 47.77
CA ILE B 80 3.16 51.17 47.49
C ILE B 80 2.77 52.07 46.34
N ALA B 81 2.19 51.49 45.29
CA ALA B 81 1.78 52.28 44.14
C ALA B 81 0.76 53.33 44.54
N GLU B 82 -0.23 52.93 45.35
CA GLU B 82 -1.24 53.88 45.81
C GLU B 82 -0.61 54.98 46.66
N ARG B 83 0.32 54.61 47.53
CA ARG B 83 0.98 55.60 48.37
C ARG B 83 1.77 56.60 47.52
N THR B 84 2.46 56.12 46.50
CA THR B 84 3.27 57.00 45.67
C THR B 84 2.42 58.05 44.98
N GLY B 85 1.14 57.74 44.74
CA GLY B 85 0.25 58.64 44.04
C GLY B 85 0.32 58.54 42.53
N ASN B 86 1.21 57.70 42.00
CA ASN B 86 1.33 57.48 40.56
C ASN B 86 0.88 56.07 40.24
N MET B 87 -0.09 55.94 39.34
CA MET B 87 -0.63 54.65 38.96
C MET B 87 -0.44 54.33 37.49
N ARG B 88 -0.69 55.30 36.59
CA ARG B 88 -0.61 55.02 35.16
C ARG B 88 0.80 54.59 34.77
N GLU B 89 1.80 55.42 35.09
CA GLU B 89 3.17 55.09 34.69
C GLU B 89 3.64 53.80 35.35
N PHE B 90 3.33 53.62 36.64
CA PHE B 90 3.72 52.39 37.31
C PHE B 90 3.02 51.18 36.68
N ILE B 91 1.69 51.27 36.53
CA ILE B 91 0.95 50.17 35.92
C ILE B 91 1.33 50.04 34.45
N ASN B 92 1.31 51.15 33.72
CA ASN B 92 1.74 51.15 32.31
C ASN B 92 3.25 51.34 32.31
N SER B 93 3.96 50.22 32.44
CA SER B 93 5.41 50.18 32.53
C SER B 93 5.93 49.28 31.42
N PRO B 94 5.89 49.75 30.17
CA PRO B 94 6.26 48.90 29.05
C PRO B 94 7.72 48.49 29.11
N PHE B 95 8.10 47.65 28.16
CA PHE B 95 9.49 47.23 28.00
C PHE B 95 10.15 48.07 26.92
N ARG B 96 11.31 48.64 27.24
CA ARG B 96 11.96 49.60 26.36
C ARG B 96 12.86 48.95 25.31
N ASP B 97 13.05 47.63 25.36
CA ASP B 97 13.84 46.94 24.37
C ASP B 97 12.95 46.55 23.17
N ILE B 98 13.61 46.18 22.08
CA ILE B 98 12.87 45.76 20.89
C ILE B 98 12.35 44.33 21.01
N TYR B 99 13.00 43.49 21.81
CA TYR B 99 12.55 42.11 21.96
C TYR B 99 11.14 42.04 22.52
N TYR B 100 10.72 43.06 23.29
CA TYR B 100 9.38 43.11 23.85
C TYR B 100 8.80 44.51 23.68
N ARG B 101 7.47 44.58 23.64
CA ARG B 101 6.76 45.84 23.60
C ARG B 101 5.59 45.77 24.58
N GLY B 102 5.26 46.92 25.18
CA GLY B 102 4.19 46.94 26.16
C GLY B 102 4.43 45.91 27.23
N GLN B 103 3.60 44.86 27.25
CA GLN B 103 3.77 43.76 28.18
C GLN B 103 3.68 44.24 29.62
N THR B 104 2.63 44.99 29.91
CA THR B 104 2.46 45.58 31.24
C THR B 104 1.93 44.53 32.21
N SER B 105 1.49 44.97 33.39
CA SER B 105 1.08 44.05 34.44
C SER B 105 -0.02 43.11 33.95
N LEU B 106 -0.95 43.62 33.15
CA LEU B 106 -2.02 42.76 32.65
C LEU B 106 -1.46 41.63 31.82
N HIS B 107 -0.56 41.94 30.88
CA HIS B 107 0.02 40.90 30.04
C HIS B 107 0.69 39.84 30.89
N ILE B 108 1.54 40.27 31.82
CA ILE B 108 2.30 39.31 32.62
C ILE B 108 1.36 38.47 33.46
N ALA B 109 0.38 39.11 34.09
CA ALA B 109 -0.56 38.37 34.93
C ALA B 109 -1.31 37.33 34.12
N ILE B 110 -1.83 37.71 32.95
CA ILE B 110 -2.61 36.77 32.17
C ILE B 110 -1.74 35.62 31.68
N GLU B 111 -0.51 35.93 31.22
CA GLU B 111 0.38 34.87 30.78
C GLU B 111 0.57 33.82 31.86
N ARG B 112 0.66 34.25 33.11
CA ARG B 112 0.86 33.34 34.23
C ARG B 112 -0.41 32.58 34.60
N ARG B 113 -1.52 32.83 33.91
CA ARG B 113 -2.77 32.14 34.21
C ARG B 113 -3.19 32.39 35.65
N CYS B 114 -3.04 33.62 36.11
CA CYS B 114 -3.34 34.00 37.49
C CYS B 114 -4.58 34.88 37.51
N LYS B 115 -5.73 34.28 37.77
CA LYS B 115 -6.95 35.04 37.99
C LYS B 115 -7.03 35.58 39.41
N HIS B 116 -6.19 35.11 40.32
CA HIS B 116 -6.25 35.50 41.72
C HIS B 116 -5.71 36.90 41.97
N TYR B 117 -5.07 37.51 40.98
CA TYR B 117 -4.48 38.84 41.15
C TYR B 117 -4.76 39.79 39.99
N VAL B 118 -5.07 39.29 38.79
CA VAL B 118 -5.46 40.18 37.72
C VAL B 118 -6.70 40.96 38.11
N GLU B 119 -7.65 40.30 38.77
CA GLU B 119 -8.87 40.99 39.20
C GLU B 119 -8.54 42.08 40.21
N LEU B 120 -7.64 41.79 41.15
CA LEU B 120 -7.29 42.80 42.15
C LEU B 120 -6.61 43.99 41.51
N LEU B 121 -5.67 43.74 40.59
CA LEU B 121 -4.94 44.85 39.99
C LEU B 121 -5.81 45.67 39.06
N VAL B 122 -6.78 45.05 38.37
CA VAL B 122 -7.70 45.84 37.56
C VAL B 122 -8.64 46.64 38.45
N ALA B 123 -9.11 46.04 39.55
CA ALA B 123 -9.92 46.79 40.49
C ALA B 123 -9.16 48.00 41.02
N GLN B 124 -7.86 47.84 41.25
CA GLN B 124 -7.03 48.98 41.62
C GLN B 124 -7.04 50.04 40.52
N GLY B 125 -7.32 49.64 39.28
CA GLY B 125 -7.31 50.55 38.16
C GLY B 125 -6.06 50.37 37.32
N ALA B 126 -6.19 49.64 36.22
CA ALA B 126 -5.06 49.34 35.35
C ALA B 126 -5.49 49.44 33.90
N ASP B 127 -4.54 49.78 33.04
CA ASP B 127 -4.81 49.89 31.61
C ASP B 127 -5.14 48.50 31.07
N VAL B 128 -6.27 48.39 30.39
CA VAL B 128 -6.76 47.10 29.90
C VAL B 128 -6.75 47.11 28.37
N HIS B 129 -6.00 48.03 27.77
CA HIS B 129 -5.91 48.11 26.32
C HIS B 129 -4.49 48.42 25.89
N ALA B 130 -3.51 47.97 26.67
CA ALA B 130 -2.11 48.17 26.29
C ALA B 130 -1.80 47.39 25.03
N GLN B 131 -1.21 48.06 24.05
CA GLN B 131 -0.94 47.45 22.75
C GLN B 131 0.45 46.85 22.78
N ALA B 132 0.53 45.52 22.64
CA ALA B 132 1.79 44.79 22.69
C ALA B 132 2.23 44.50 21.25
N ARG B 133 2.84 45.50 20.63
CA ARG B 133 3.32 45.39 19.25
C ARG B 133 4.79 44.97 19.21
N GLY B 134 5.08 43.87 19.93
CA GLY B 134 6.45 43.47 20.14
C GLY B 134 6.97 42.49 19.10
N ARG B 135 8.30 42.47 18.99
CA ARG B 135 8.96 41.48 18.14
C ARG B 135 8.68 40.07 18.64
N PHE B 136 8.72 39.88 19.95
CA PHE B 136 8.30 38.61 20.53
C PHE B 136 6.82 38.35 20.37
N PHE B 137 6.05 39.35 19.95
CA PHE B 137 4.59 39.26 19.79
C PHE B 137 4.17 39.35 18.34
N GLN B 138 4.87 38.64 17.45
CA GLN B 138 4.61 38.67 16.03
C GLN B 138 4.70 37.25 15.49
N PRO B 139 3.99 36.92 14.41
CA PRO B 139 3.79 35.50 14.08
C PRO B 139 5.09 34.74 13.92
N LYS B 140 5.05 33.47 14.32
CA LYS B 140 6.23 32.62 14.31
C LYS B 140 6.89 32.60 12.94
N ASP B 141 6.10 32.29 11.89
CA ASP B 141 6.68 32.20 10.55
C ASP B 141 7.26 33.52 10.09
N GLU B 142 6.87 34.63 10.72
CA GLU B 142 7.43 35.92 10.36
C GLU B 142 8.72 36.23 11.11
N GLY B 143 8.94 35.62 12.27
CA GLY B 143 10.17 35.82 13.00
C GLY B 143 9.99 35.87 14.51
N GLY B 144 8.76 36.00 14.98
CA GLY B 144 8.48 36.07 16.40
C GLY B 144 8.35 34.69 17.02
N TYR B 145 7.81 34.67 18.23
CA TYR B 145 7.66 33.43 18.99
C TYR B 145 6.21 33.08 19.29
N PHE B 146 5.42 34.05 19.77
CA PHE B 146 4.02 33.81 20.10
C PHE B 146 3.21 35.03 19.70
N TYR B 147 2.26 34.85 18.79
CA TYR B 147 1.40 35.93 18.31
C TYR B 147 -0.01 35.73 18.85
N PHE B 148 -0.56 36.80 19.42
CA PHE B 148 -1.86 36.70 20.06
C PHE B 148 -2.80 37.85 19.75
N GLY B 149 -2.41 38.80 18.91
CA GLY B 149 -3.26 39.91 18.57
C GLY B 149 -2.96 41.20 19.30
N GLU B 150 -1.92 41.23 20.13
CA GLU B 150 -1.42 42.46 20.72
C GLU B 150 -2.44 43.14 21.62
N LEU B 151 -3.40 42.39 22.17
CA LEU B 151 -4.38 42.93 23.09
C LEU B 151 -4.41 42.12 24.37
N PRO B 152 -4.63 42.77 25.51
CA PRO B 152 -4.72 42.03 26.77
C PRO B 152 -5.86 41.03 26.78
N LEU B 153 -7.06 41.49 26.42
CA LEU B 153 -8.20 40.58 26.36
C LEU B 153 -7.97 39.50 25.30
N SER B 154 -7.44 39.90 24.14
CA SER B 154 -7.11 38.89 23.13
C SER B 154 -6.08 37.92 23.66
N LEU B 155 -5.21 38.38 24.55
CA LEU B 155 -4.20 37.49 25.14
C LEU B 155 -4.84 36.51 26.11
N ALA B 156 -5.84 36.96 26.87
CA ALA B 156 -6.57 36.04 27.73
C ALA B 156 -7.38 35.05 26.89
N ALA B 157 -7.94 35.52 25.79
CA ALA B 157 -8.73 34.66 24.93
C ALA B 157 -7.87 33.61 24.26
N CYS B 158 -6.74 34.02 23.70
CA CYS B 158 -5.89 33.10 22.97
C CYS B 158 -5.38 32.00 23.89
N THR B 159 -4.94 32.36 25.09
CA THR B 159 -4.33 31.44 26.03
C THR B 159 -5.34 30.60 26.80
N ASN B 160 -6.59 30.52 26.32
CA ASN B 160 -7.62 29.67 26.93
C ASN B 160 -7.88 30.06 28.38
N GLN B 161 -8.40 31.28 28.56
CA GLN B 161 -8.74 31.81 29.87
C GLN B 161 -10.16 32.38 29.82
N PRO B 162 -11.17 31.52 29.69
CA PRO B 162 -12.54 32.03 29.63
C PRO B 162 -12.91 32.88 30.84
N HIS B 163 -12.47 32.48 32.03
CA HIS B 163 -12.80 33.25 33.23
C HIS B 163 -12.23 34.65 33.16
N ILE B 164 -11.00 34.78 32.66
CA ILE B 164 -10.40 36.11 32.53
C ILE B 164 -11.20 36.96 31.57
N VAL B 165 -11.60 36.40 30.43
CA VAL B 165 -12.37 37.17 29.46
C VAL B 165 -13.69 37.62 30.09
N ASN B 166 -14.36 36.69 30.76
CA ASN B 166 -15.65 37.03 31.38
C ASN B 166 -15.49 38.15 32.39
N TYR B 167 -14.54 38.00 33.32
CA TYR B 167 -14.35 39.03 34.33
C TYR B 167 -13.94 40.35 33.71
N LEU B 168 -13.02 40.31 32.74
CA LEU B 168 -12.50 41.53 32.16
C LEU B 168 -13.59 42.29 31.43
N THR B 169 -14.47 41.59 30.74
CA THR B 169 -15.60 42.25 30.08
C THR B 169 -16.73 42.58 31.03
N GLU B 170 -16.73 42.03 32.24
CA GLU B 170 -17.78 42.29 33.22
C GLU B 170 -17.22 42.80 34.55
N ASN B 171 -16.00 43.31 34.55
CA ASN B 171 -15.44 43.86 35.78
C ASN B 171 -16.17 45.15 36.14
N PRO B 172 -16.33 45.43 37.44
CA PRO B 172 -17.00 46.68 37.82
C PRO B 172 -16.31 47.91 37.28
N HIS B 173 -14.98 47.88 37.19
CA HIS B 173 -14.21 49.01 36.71
C HIS B 173 -14.12 48.92 35.18
N LYS B 174 -13.21 49.71 34.60
CA LYS B 174 -12.99 49.71 33.16
C LYS B 174 -13.01 48.29 32.60
N LYS B 175 -13.83 48.08 31.57
CA LYS B 175 -13.94 46.81 30.90
C LYS B 175 -13.10 46.83 29.63
N ALA B 176 -13.13 45.72 28.90
CA ALA B 176 -12.42 45.58 27.64
C ALA B 176 -13.42 45.34 26.52
N ASP B 177 -13.29 46.09 25.44
CA ASP B 177 -14.17 45.95 24.28
C ASP B 177 -13.55 44.99 23.28
N MET B 178 -14.30 43.95 22.91
CA MET B 178 -13.79 42.98 21.96
C MET B 178 -13.58 43.57 20.58
N ARG B 179 -14.31 44.63 20.22
CA ARG B 179 -14.21 45.18 18.88
C ARG B 179 -12.83 45.75 18.61
N ARG B 180 -12.22 46.40 19.60
CA ARG B 180 -10.96 47.09 19.39
C ARG B 180 -9.94 46.15 18.76
N GLN B 181 -9.24 46.63 17.75
CA GLN B 181 -8.31 45.84 16.98
C GLN B 181 -6.87 46.26 17.29
N ASP B 182 -5.94 45.70 16.54
CA ASP B 182 -4.50 45.84 16.80
C ASP B 182 -3.81 46.40 15.55
N SER B 183 -2.48 46.34 15.57
CA SER B 183 -1.69 46.91 14.48
C SER B 183 -2.20 46.41 13.12
N ARG B 184 -2.39 45.11 12.99
CA ARG B 184 -2.92 44.52 11.77
C ARG B 184 -4.44 44.51 11.75
N GLY B 185 -5.08 45.23 12.66
CA GLY B 185 -6.53 45.28 12.70
C GLY B 185 -7.17 43.94 12.95
N ASN B 186 -6.60 43.15 13.86
CA ASN B 186 -7.02 41.75 13.99
C ASN B 186 -8.26 41.62 14.86
N THR B 187 -8.18 42.03 16.12
CA THR B 187 -9.23 41.78 17.10
C THR B 187 -9.18 40.34 17.59
N VAL B 188 -9.98 40.04 18.61
CA VAL B 188 -9.93 38.74 19.24
C VAL B 188 -10.20 37.64 18.23
N LEU B 189 -11.15 37.86 17.33
CA LEU B 189 -11.51 36.81 16.39
C LEU B 189 -10.35 36.48 15.46
N HIS B 190 -9.71 37.51 14.90
CA HIS B 190 -8.58 37.25 14.02
C HIS B 190 -7.46 36.56 14.78
N ALA B 191 -7.13 37.05 15.98
CA ALA B 191 -6.06 36.42 16.73
C ALA B 191 -6.38 34.97 17.01
N LEU B 192 -7.63 34.70 17.37
CA LEU B 192 -8.02 33.35 17.77
C LEU B 192 -8.11 32.43 16.57
N VAL B 193 -8.32 32.98 15.37
CA VAL B 193 -8.13 32.18 14.18
C VAL B 193 -6.66 31.90 13.95
N ALA B 194 -5.82 32.89 14.22
CA ALA B 194 -4.39 32.73 13.96
C ALA B 194 -3.79 31.63 14.81
N ILE B 195 -4.04 31.65 16.13
CA ILE B 195 -3.39 30.66 16.98
C ILE B 195 -3.97 29.28 16.74
N ALA B 196 -5.11 29.17 16.09
CA ALA B 196 -5.77 27.88 15.94
C ALA B 196 -4.93 26.94 15.09
N ASP B 197 -5.12 25.64 15.34
CA ASP B 197 -4.53 24.60 14.51
C ASP B 197 -5.65 23.69 14.01
N ASN B 198 -5.28 22.56 13.40
CA ASN B 198 -6.26 21.58 12.97
C ASN B 198 -6.31 20.36 13.89
N THR B 199 -5.78 20.47 15.11
CA THR B 199 -5.79 19.37 16.06
C THR B 199 -7.17 19.31 16.71
N ARG B 200 -7.30 18.51 17.77
CA ARG B 200 -8.56 18.37 18.49
C ARG B 200 -8.57 19.17 19.78
N GLU B 201 -7.55 19.03 20.62
CA GLU B 201 -7.50 19.79 21.86
C GLU B 201 -7.47 21.29 21.58
N ASN B 202 -6.68 21.72 20.59
CA ASN B 202 -6.63 23.13 20.24
C ASN B 202 -7.95 23.59 19.64
N THR B 203 -8.51 22.82 18.72
CA THR B 203 -9.70 23.23 18.00
C THR B 203 -10.96 23.21 18.87
N LYS B 204 -10.88 22.68 20.08
CA LYS B 204 -12.06 22.64 20.95
C LYS B 204 -12.22 23.94 21.72
N PHE B 205 -11.21 24.31 22.52
CA PHE B 205 -11.32 25.56 23.26
C PHE B 205 -11.40 26.74 22.31
N VAL B 206 -10.63 26.69 21.20
CA VAL B 206 -10.66 27.79 20.25
C VAL B 206 -12.07 27.99 19.73
N THR B 207 -12.69 26.93 19.20
CA THR B 207 -13.99 27.10 18.59
C THR B 207 -15.03 27.51 19.62
N LYS B 208 -15.04 26.84 20.78
CA LYS B 208 -16.05 27.14 21.78
C LYS B 208 -15.93 28.59 22.24
N MET B 209 -14.72 28.99 22.66
CA MET B 209 -14.53 30.34 23.16
C MET B 209 -14.69 31.37 22.06
N TYR B 210 -14.46 31.00 20.80
CA TYR B 210 -14.61 31.96 19.72
C TYR B 210 -16.08 32.25 19.48
N ASP B 211 -16.90 31.19 19.45
CA ASP B 211 -18.35 31.40 19.47
C ASP B 211 -18.75 32.22 20.68
N LEU B 212 -18.11 31.97 21.83
CA LEU B 212 -18.46 32.72 23.03
C LEU B 212 -18.21 34.21 22.84
N LEU B 213 -17.04 34.57 22.30
CA LEU B 213 -16.73 35.97 22.06
C LEU B 213 -17.70 36.58 21.06
N LEU B 214 -17.99 35.87 19.98
CA LEU B 214 -18.91 36.42 18.99
C LEU B 214 -20.27 36.68 19.61
N LEU B 215 -20.77 35.71 20.38
CA LEU B 215 -22.10 35.82 20.96
C LEU B 215 -22.13 36.90 22.04
N LYS B 216 -21.04 37.06 22.78
CA LYS B 216 -20.95 38.15 23.74
C LYS B 216 -21.00 39.50 23.05
N CYS B 217 -20.19 39.68 22.01
CA CYS B 217 -20.26 40.94 21.27
C CYS B 217 -21.67 41.17 20.75
N SER B 218 -22.34 40.09 20.35
CA SER B 218 -23.70 40.23 19.85
C SER B 218 -24.63 40.77 20.92
N ARG B 219 -24.64 40.14 22.10
CA ARG B 219 -25.52 40.65 23.16
C ARG B 219 -25.16 42.08 23.51
N LEU B 220 -23.87 42.37 23.68
CA LEU B 220 -23.47 43.72 24.03
C LEU B 220 -23.87 44.70 22.95
N PHE B 221 -23.69 44.31 21.68
CA PHE B 221 -23.97 45.18 20.54
C PHE B 221 -24.49 44.33 19.39
N PRO B 222 -25.82 44.27 19.21
CA PRO B 222 -26.38 43.51 18.09
C PRO B 222 -26.32 44.23 16.76
N ASP B 223 -25.77 45.46 16.72
CA ASP B 223 -25.74 46.21 15.48
C ASP B 223 -24.91 45.49 14.41
N SER B 224 -23.74 44.98 14.79
CA SER B 224 -22.82 44.38 13.84
C SER B 224 -22.15 43.18 14.49
N ASN B 225 -22.32 42.00 13.91
CA ASN B 225 -21.61 40.83 14.40
C ASN B 225 -20.12 41.04 14.23
N LEU B 226 -19.37 40.65 15.25
CA LEU B 226 -17.94 40.92 15.29
C LEU B 226 -17.19 40.30 14.11
N GLU B 227 -17.77 39.25 13.49
CA GLU B 227 -17.05 38.58 12.40
C GLU B 227 -16.78 39.50 11.23
N THR B 228 -17.52 40.59 11.11
CA THR B 228 -17.39 41.45 9.93
C THR B 228 -16.25 42.45 10.03
N VAL B 229 -15.55 42.51 11.16
CA VAL B 229 -14.43 43.44 11.30
C VAL B 229 -13.22 42.86 10.59
N LEU B 230 -12.75 43.55 9.55
CA LEU B 230 -11.69 43.06 8.69
C LEU B 230 -10.35 43.65 9.07
N ASN B 231 -9.31 42.83 8.97
CA ASN B 231 -7.96 43.27 9.23
C ASN B 231 -7.49 44.22 8.12
N ASN B 232 -6.32 44.81 8.32
CA ASN B 232 -5.76 45.66 7.27
C ASN B 232 -5.60 44.89 5.96
N ASP B 233 -5.39 43.59 6.03
CA ASP B 233 -5.38 42.75 4.84
C ASP B 233 -6.75 42.65 4.18
N GLY B 234 -7.82 43.08 4.86
CA GLY B 234 -9.15 42.98 4.32
C GLY B 234 -9.58 41.55 4.11
N LEU B 235 -9.36 40.70 5.12
CA LEU B 235 -9.64 39.27 5.00
C LEU B 235 -10.88 38.86 5.78
N SER B 236 -10.93 39.15 7.09
CA SER B 236 -12.01 38.76 7.98
C SER B 236 -11.76 37.36 8.52
N PRO B 237 -12.26 37.04 9.72
CA PRO B 237 -11.82 35.81 10.38
C PRO B 237 -12.03 34.56 9.55
N LEU B 238 -13.17 34.43 8.89
CA LEU B 238 -13.40 33.25 8.06
C LEU B 238 -12.36 33.19 6.95
N MET B 239 -12.09 34.33 6.31
CA MET B 239 -11.13 34.34 5.21
C MET B 239 -9.74 33.99 5.70
N MET B 240 -9.33 34.54 6.84
CA MET B 240 -8.02 34.19 7.38
C MET B 240 -7.94 32.72 7.71
N ALA B 241 -9.01 32.17 8.29
CA ALA B 241 -9.02 30.75 8.61
C ALA B 241 -8.86 29.92 7.34
N ALA B 242 -9.53 30.32 6.26
CA ALA B 242 -9.41 29.58 5.01
C ALA B 242 -8.02 29.70 4.42
N LYS B 243 -7.49 30.92 4.37
CA LYS B 243 -6.21 31.16 3.69
C LYS B 243 -5.06 30.49 4.43
N THR B 244 -4.96 30.73 5.74
CA THR B 244 -3.85 30.17 6.50
C THR B 244 -3.89 28.65 6.56
N GLY B 245 -5.02 28.03 6.21
CA GLY B 245 -5.12 26.59 6.21
C GLY B 245 -5.63 26.05 7.52
N LYS B 246 -6.58 26.75 8.13
CA LYS B 246 -7.13 26.39 9.43
C LYS B 246 -8.43 25.62 9.22
N ILE B 247 -8.30 24.34 8.86
CA ILE B 247 -9.50 23.52 8.71
C ILE B 247 -10.24 23.41 10.04
N GLY B 248 -9.51 23.43 11.15
CA GLY B 248 -10.15 23.22 12.44
C GLY B 248 -11.21 24.25 12.75
N VAL B 249 -10.89 25.52 12.55
CA VAL B 249 -11.86 26.57 12.82
C VAL B 249 -12.75 26.83 11.61
N PHE B 250 -12.25 26.60 10.40
CA PHE B 250 -13.08 26.79 9.22
C PHE B 250 -14.25 25.82 9.22
N GLN B 251 -14.01 24.57 9.60
CA GLN B 251 -15.06 23.57 9.60
C GLN B 251 -16.21 23.97 10.51
N HIS B 252 -15.95 24.83 11.48
CA HIS B 252 -16.96 25.24 12.44
C HIS B 252 -17.57 26.59 12.09
N ILE B 253 -16.77 27.51 11.55
CA ILE B 253 -17.27 28.85 11.27
C ILE B 253 -18.36 28.83 10.22
N ILE B 254 -18.42 27.79 9.39
CA ILE B 254 -19.43 27.74 8.34
C ILE B 254 -20.71 27.11 8.85
N ARG B 255 -20.63 26.22 9.85
CA ARG B 255 -21.78 25.54 10.40
C ARG B 255 -22.23 26.11 11.75
N ARG B 256 -21.93 27.37 12.01
CA ARG B 256 -22.36 28.00 13.25
C ARG B 256 -23.80 28.45 13.14
N GLU B 257 -24.64 27.98 14.05
CA GLU B 257 -26.07 28.28 14.01
C GLU B 257 -26.61 28.55 15.40
N VAL B 258 -25.90 29.37 16.18
CA VAL B 258 -26.21 29.57 17.60
C VAL B 258 -27.71 29.71 17.77
N THR B 259 -28.29 28.90 18.65
CA THR B 259 -29.73 28.72 18.69
C THR B 259 -30.45 29.90 19.32
N ASP B 260 -29.78 30.66 20.20
CA ASP B 260 -30.42 31.75 20.91
C ASP B 260 -31.07 32.72 19.93
N GLU B 261 -32.40 32.82 19.99
CA GLU B 261 -33.14 33.59 19.00
C GLU B 261 -32.75 35.07 19.05
N ASP B 262 -32.54 35.61 20.25
CA ASP B 262 -32.15 37.00 20.36
C ASP B 262 -30.85 37.27 19.61
N THR B 263 -30.01 36.25 19.45
CA THR B 263 -28.75 36.38 18.73
C THR B 263 -28.57 35.27 17.69
N ARG B 264 -29.66 34.64 17.27
CA ARG B 264 -29.56 33.61 16.24
C ARG B 264 -29.24 34.19 14.88
N HIS B 265 -29.54 35.46 14.65
CA HIS B 265 -29.42 36.01 13.31
C HIS B 265 -28.01 35.88 12.77
N LEU B 266 -27.02 35.85 13.65
CA LEU B 266 -25.63 35.67 13.23
C LEU B 266 -25.28 34.19 13.09
N SER B 267 -26.14 33.46 12.40
CA SER B 267 -25.96 32.03 12.19
C SER B 267 -25.60 31.76 10.74
N ARG B 268 -25.08 30.56 10.49
CA ARG B 268 -24.75 30.13 9.14
C ARG B 268 -25.58 28.93 8.69
N LYS B 269 -25.52 27.81 9.40
CA LYS B 269 -26.26 26.62 8.97
C LYS B 269 -27.73 26.79 9.33
N PHE B 270 -28.35 27.77 8.69
CA PHE B 270 -29.78 27.94 8.81
C PHE B 270 -30.47 26.63 8.50
N LYS B 271 -31.42 26.23 9.35
CA LYS B 271 -32.19 25.01 9.14
C LYS B 271 -33.62 25.43 8.81
N ASP B 272 -34.12 24.95 7.68
CA ASP B 272 -35.39 25.43 7.14
C ASP B 272 -36.49 24.39 7.16
N TRP B 273 -36.23 23.17 6.68
CA TRP B 273 -37.32 22.20 6.60
C TRP B 273 -36.74 20.80 6.50
N ALA B 274 -37.65 19.83 6.57
CA ALA B 274 -37.31 18.43 6.50
C ALA B 274 -38.60 17.64 6.36
N TYR B 275 -38.56 16.57 5.56
CA TYR B 275 -39.76 15.80 5.31
C TYR B 275 -39.80 14.55 6.20
N GLY B 276 -38.85 14.41 7.10
CA GLY B 276 -38.81 13.35 8.07
C GLY B 276 -37.57 12.49 7.95
N PRO B 277 -37.24 12.07 6.73
CA PRO B 277 -35.96 11.39 6.50
C PRO B 277 -34.92 12.30 5.88
N VAL B 278 -35.34 13.47 5.43
CA VAL B 278 -34.50 14.37 4.64
C VAL B 278 -34.50 15.74 5.30
N TYR B 279 -33.30 16.25 5.59
CA TYR B 279 -33.13 17.58 6.18
C TYR B 279 -32.52 18.49 5.12
N SER B 280 -33.18 19.62 4.86
CA SER B 280 -32.74 20.56 3.84
C SER B 280 -32.08 21.74 4.54
N SER B 281 -30.78 21.65 4.75
CA SER B 281 -30.04 22.72 5.38
C SER B 281 -29.87 23.89 4.41
N LEU B 282 -29.79 25.09 4.98
CA LEU B 282 -29.83 26.31 4.18
C LEU B 282 -28.56 27.13 4.33
N TYR B 283 -27.38 26.49 4.22
CA TYR B 283 -26.11 27.16 4.53
C TYR B 283 -26.10 28.57 4.00
N ASP B 284 -25.53 29.48 4.78
CA ASP B 284 -25.50 30.90 4.44
C ASP B 284 -24.13 31.20 3.88
N LEU B 285 -24.02 31.23 2.56
CA LEU B 285 -22.78 31.63 1.91
C LEU B 285 -22.81 33.13 1.60
N SER B 286 -23.05 33.92 2.65
CA SER B 286 -23.02 35.36 2.52
C SER B 286 -21.65 35.88 2.13
N SER B 287 -20.60 35.07 2.26
CA SER B 287 -19.26 35.51 1.88
C SER B 287 -18.43 34.43 1.20
N LEU B 288 -19.04 33.35 0.73
CA LEU B 288 -18.31 32.36 -0.04
C LEU B 288 -18.33 32.64 -1.54
N ASP B 289 -19.06 33.66 -1.98
CA ASP B 289 -18.91 34.16 -3.34
C ASP B 289 -19.55 35.54 -3.41
N THR B 290 -18.73 36.56 -3.65
CA THR B 290 -19.21 37.94 -3.76
C THR B 290 -19.68 38.26 -5.17
N CYS B 291 -19.96 37.25 -5.99
CA CYS B 291 -20.34 37.47 -7.38
C CYS B 291 -19.29 38.32 -8.10
N GLY B 292 -18.02 38.07 -7.82
CA GLY B 292 -16.96 38.83 -8.42
C GLY B 292 -16.92 40.28 -8.01
N GLU B 293 -17.66 40.65 -6.96
CA GLU B 293 -17.67 42.02 -6.46
C GLU B 293 -16.47 42.30 -5.56
N GLU B 294 -16.25 41.44 -4.57
CA GLU B 294 -15.13 41.56 -3.66
C GLU B 294 -14.49 40.19 -3.51
N VAL B 295 -13.54 40.09 -2.58
CA VAL B 295 -12.85 38.82 -2.37
C VAL B 295 -13.86 37.75 -1.99
N SER B 296 -13.62 36.53 -2.47
CA SER B 296 -14.52 35.41 -2.28
C SER B 296 -13.76 34.21 -1.72
N VAL B 297 -14.36 33.53 -0.75
CA VAL B 297 -13.66 32.45 -0.07
C VAL B 297 -13.28 31.35 -1.04
N LEU B 298 -14.16 31.05 -2.00
CA LEU B 298 -13.87 29.97 -2.93
C LEU B 298 -12.64 30.30 -3.77
N GLU B 299 -12.53 31.55 -4.21
CA GLU B 299 -11.37 31.96 -5.01
C GLU B 299 -10.08 31.76 -4.22
N ILE B 300 -10.02 32.30 -3.01
CA ILE B 300 -8.81 32.15 -2.19
C ILE B 300 -8.53 30.68 -1.91
N LEU B 301 -9.58 29.90 -1.70
CA LEU B 301 -9.39 28.50 -1.38
C LEU B 301 -8.77 27.74 -2.54
N VAL B 302 -9.24 28.00 -3.76
CA VAL B 302 -8.85 27.17 -4.90
C VAL B 302 -7.64 27.73 -5.63
N TYR B 303 -7.68 29.00 -6.04
CA TYR B 303 -6.59 29.55 -6.83
C TYR B 303 -5.29 29.57 -6.03
N ASN B 304 -5.34 30.06 -4.80
CA ASN B 304 -4.14 30.18 -3.99
C ASN B 304 -3.47 28.82 -3.86
N SER B 305 -2.15 28.79 -4.10
CA SER B 305 -1.37 27.56 -3.98
C SER B 305 -0.65 27.44 -2.65
N LYS B 306 -0.48 28.54 -1.93
CA LYS B 306 0.18 28.50 -0.62
C LYS B 306 -0.68 27.84 0.44
N ILE B 307 -1.95 27.55 0.15
CA ILE B 307 -2.83 26.92 1.13
C ILE B 307 -2.21 25.62 1.60
N GLU B 308 -2.15 25.43 2.91
CA GLU B 308 -1.44 24.28 3.46
C GLU B 308 -2.14 22.97 3.11
N ASN B 309 -3.44 22.88 3.36
CA ASN B 309 -4.18 21.63 3.18
C ASN B 309 -5.53 21.95 2.55
N ARG B 310 -5.58 21.93 1.23
CA ARG B 310 -6.83 22.06 0.50
C ARG B 310 -7.49 20.71 0.26
N HIS B 311 -6.87 19.62 0.71
CA HIS B 311 -7.44 18.30 0.47
C HIS B 311 -8.81 18.17 1.13
N GLU B 312 -8.92 18.63 2.37
CA GLU B 312 -10.16 18.50 3.13
C GLU B 312 -10.99 19.77 3.13
N MET B 313 -10.37 20.93 3.01
CA MET B 313 -11.12 22.17 3.11
C MET B 313 -12.18 22.26 2.02
N LEU B 314 -11.84 21.86 0.79
CA LEU B 314 -12.85 21.86 -0.27
C LEU B 314 -14.02 20.96 0.09
N ALA B 315 -13.80 19.95 0.92
CA ALA B 315 -14.85 19.04 1.35
C ALA B 315 -15.58 19.53 2.59
N VAL B 316 -15.52 20.83 2.90
CA VAL B 316 -16.17 21.35 4.09
C VAL B 316 -17.66 21.00 4.06
N GLU B 317 -18.31 21.22 2.91
CA GLU B 317 -19.64 20.74 2.57
C GLU B 317 -20.37 21.77 1.72
N PRO B 318 -20.65 22.97 2.22
CA PRO B 318 -21.30 23.96 1.36
C PRO B 318 -20.48 24.28 0.12
N ILE B 319 -19.15 24.28 0.23
CA ILE B 319 -18.31 24.55 -0.93
C ILE B 319 -18.34 23.39 -1.91
N ASN B 320 -18.21 22.16 -1.40
CA ASN B 320 -18.18 21.01 -2.29
C ASN B 320 -19.46 20.90 -3.09
N GLU B 321 -20.57 21.35 -2.53
CA GLU B 321 -21.84 21.31 -3.23
C GLU B 321 -22.08 22.58 -4.05
N LEU B 322 -21.51 23.71 -3.66
CA LEU B 322 -21.61 24.91 -4.48
C LEU B 322 -20.88 24.71 -5.81
N LEU B 323 -19.74 24.01 -5.77
CA LEU B 323 -19.06 23.70 -7.03
C LEU B 323 -19.95 22.87 -7.94
N ARG B 324 -20.60 21.85 -7.39
CA ARG B 324 -21.49 21.02 -8.19
C ARG B 324 -22.66 21.83 -8.74
N ASP B 325 -23.20 22.73 -7.92
CA ASP B 325 -24.29 23.58 -8.39
C ASP B 325 -23.84 24.46 -9.55
N LYS B 326 -22.66 25.06 -9.44
CA LYS B 326 -22.15 25.86 -10.55
C LYS B 326 -21.95 24.99 -11.79
N TRP B 327 -21.43 23.78 -11.59
CA TRP B 327 -21.25 22.86 -12.71
C TRP B 327 -22.58 22.63 -13.43
N ARG B 328 -23.61 22.27 -12.68
CA ARG B 328 -24.90 21.96 -13.29
C ARG B 328 -25.51 23.18 -13.96
N LYS B 329 -25.44 24.34 -13.31
CA LYS B 329 -26.11 25.52 -13.84
C LYS B 329 -25.38 26.06 -15.07
N PHE B 330 -24.12 26.46 -14.89
CA PHE B 330 -23.36 27.11 -15.95
C PHE B 330 -21.93 26.59 -15.97
N GLY B 331 -21.77 25.27 -15.87
CA GLY B 331 -20.44 24.67 -15.89
C GLY B 331 -20.25 23.67 -17.01
N ALA B 332 -21.33 23.03 -17.45
CA ALA B 332 -21.24 22.11 -18.58
C ALA B 332 -21.50 22.83 -19.90
N VAL B 333 -22.54 23.67 -19.94
CA VAL B 333 -22.84 24.41 -21.16
C VAL B 333 -21.64 25.24 -21.60
N SER B 334 -21.21 26.17 -20.73
CA SER B 334 -20.16 27.08 -21.13
C SER B 334 -18.86 26.34 -21.42
N PHE B 335 -18.53 25.33 -20.62
CA PHE B 335 -17.27 24.63 -20.84
C PHE B 335 -17.26 23.90 -22.18
N TYR B 336 -18.35 23.24 -22.54
CA TYR B 336 -18.38 22.52 -23.81
C TYR B 336 -18.41 23.49 -24.98
N ILE B 337 -19.16 24.60 -24.85
CA ILE B 337 -19.09 25.62 -25.89
C ILE B 337 -17.67 26.10 -26.07
N ASN B 338 -16.97 26.35 -24.96
CA ASN B 338 -15.59 26.83 -25.04
C ASN B 338 -14.68 25.81 -25.71
N VAL B 339 -14.78 24.54 -25.30
CA VAL B 339 -13.86 23.55 -25.84
C VAL B 339 -14.11 23.36 -27.34
N VAL B 340 -15.38 23.29 -27.74
CA VAL B 340 -15.68 23.15 -29.17
C VAL B 340 -15.20 24.38 -29.92
N SER B 341 -15.44 25.58 -29.38
CA SER B 341 -15.01 26.78 -30.08
C SER B 341 -13.50 26.78 -30.26
N TYR B 342 -12.75 26.46 -29.21
CA TYR B 342 -11.30 26.46 -29.31
C TYR B 342 -10.81 25.38 -30.27
N LEU B 343 -11.35 24.17 -30.17
CA LEU B 343 -10.89 23.10 -31.04
C LEU B 343 -11.17 23.42 -32.50
N CYS B 344 -12.36 23.94 -32.79
CA CYS B 344 -12.67 24.31 -34.17
C CYS B 344 -11.81 25.48 -34.61
N ALA B 345 -11.52 26.41 -33.71
CA ALA B 345 -10.65 27.53 -34.07
C ALA B 345 -9.27 27.01 -34.47
N MET B 346 -8.74 26.06 -33.72
CA MET B 346 -7.42 25.54 -34.05
C MET B 346 -7.45 24.69 -35.33
N VAL B 347 -8.53 23.93 -35.55
CA VAL B 347 -8.62 23.16 -36.78
C VAL B 347 -8.68 24.08 -37.99
N ILE B 348 -9.48 25.15 -37.90
CA ILE B 348 -9.50 26.09 -39.01
C ILE B 348 -8.16 26.79 -39.14
N PHE B 349 -7.45 26.97 -38.02
CA PHE B 349 -6.11 27.53 -38.10
C PHE B 349 -5.19 26.60 -38.89
N THR B 350 -5.27 25.31 -38.62
CA THR B 350 -4.46 24.34 -39.36
C THR B 350 -4.82 24.32 -40.84
N LEU B 351 -6.10 24.36 -41.16
CA LEU B 351 -6.53 24.33 -42.55
C LEU B 351 -6.41 25.69 -43.22
N THR B 352 -6.11 26.74 -42.46
CA THR B 352 -5.61 27.97 -43.06
C THR B 352 -4.12 27.86 -43.35
N ALA B 353 -3.39 27.15 -42.48
CA ALA B 353 -1.97 26.92 -42.72
C ALA B 353 -1.76 26.10 -43.99
N TYR B 354 -2.42 24.95 -44.07
CA TYR B 354 -2.25 24.08 -45.24
C TYR B 354 -2.62 24.82 -46.52
N TYR B 355 -3.62 25.71 -46.44
CA TYR B 355 -3.96 26.57 -47.57
C TYR B 355 -3.18 27.87 -47.59
N GLN B 356 -2.32 28.10 -46.59
CA GLN B 356 -1.71 29.42 -46.37
C GLN B 356 -1.28 30.03 -47.69
N PRO B 357 -1.41 31.36 -47.86
CA PRO B 357 -1.11 31.99 -49.15
C PRO B 357 0.11 31.40 -49.85
N LEU B 358 -0.11 30.92 -51.06
CA LEU B 358 0.90 30.22 -51.84
C LEU B 358 1.40 31.10 -52.98
N GLU B 359 2.51 30.67 -53.59
CA GLU B 359 3.10 31.39 -54.71
C GLU B 359 3.37 32.85 -54.34
N GLY B 360 3.91 33.06 -53.15
CA GLY B 360 4.13 34.42 -52.69
C GLY B 360 2.82 35.16 -52.49
N THR B 361 2.86 36.47 -52.77
CA THR B 361 1.70 37.34 -52.61
C THR B 361 1.12 37.20 -51.20
N PRO B 362 1.88 37.52 -50.17
CA PRO B 362 1.35 37.40 -48.81
C PRO B 362 0.32 38.48 -48.49
N PRO B 363 0.55 39.76 -48.88
CA PRO B 363 -0.32 40.81 -48.33
C PRO B 363 -1.79 40.67 -48.70
N TYR B 364 -2.09 40.63 -50.00
CA TYR B 364 -3.47 40.54 -50.48
C TYR B 364 -3.58 39.47 -51.55
N PRO B 365 -3.57 38.19 -51.15
CA PRO B 365 -3.77 37.11 -52.12
C PRO B 365 -5.23 36.82 -52.43
N TYR B 366 -6.17 37.40 -51.68
CA TYR B 366 -7.59 37.04 -51.79
C TYR B 366 -8.13 37.57 -53.11
N ARG B 367 -8.14 36.72 -54.13
CA ARG B 367 -8.65 37.11 -55.44
C ARG B 367 -9.45 36.01 -56.12
N THR B 368 -9.88 34.97 -55.40
CA THR B 368 -10.66 33.91 -55.99
C THR B 368 -11.47 33.21 -54.90
N THR B 369 -12.36 32.32 -55.34
CA THR B 369 -13.32 31.72 -54.42
C THR B 369 -12.64 30.92 -53.33
N VAL B 370 -11.71 30.03 -53.70
CA VAL B 370 -10.99 29.25 -52.69
C VAL B 370 -10.14 30.16 -51.83
N ASP B 371 -9.47 31.15 -52.44
CA ASP B 371 -8.72 32.12 -51.66
C ASP B 371 -9.65 33.00 -50.82
N TYR B 372 -10.86 33.26 -51.32
CA TYR B 372 -11.83 34.00 -50.49
C TYR B 372 -12.19 33.19 -49.26
N LEU B 373 -12.39 31.88 -49.42
CA LEU B 373 -12.66 31.02 -48.27
C LEU B 373 -11.47 30.99 -47.31
N ARG B 374 -10.25 30.94 -47.87
CA ARG B 374 -9.07 30.96 -47.01
C ARG B 374 -8.99 32.25 -46.22
N LEU B 375 -9.26 33.38 -46.86
CA LEU B 375 -9.26 34.65 -46.14
C LEU B 375 -10.35 34.67 -45.09
N ALA B 376 -11.52 34.10 -45.39
CA ALA B 376 -12.57 34.03 -44.39
C ALA B 376 -12.11 33.25 -43.17
N GLY B 377 -11.48 32.10 -43.40
CA GLY B 377 -10.93 31.33 -42.29
C GLY B 377 -9.92 32.12 -41.50
N GLU B 378 -9.01 32.80 -42.20
CA GLU B 378 -7.96 33.56 -41.53
C GLU B 378 -8.55 34.69 -40.69
N VAL B 379 -9.55 35.40 -41.23
CA VAL B 379 -10.11 36.53 -40.50
C VAL B 379 -10.91 36.05 -39.30
N ILE B 380 -11.66 34.95 -39.44
CA ILE B 380 -12.39 34.46 -38.29
C ILE B 380 -11.42 33.98 -37.22
N THR B 381 -10.30 33.38 -37.63
CA THR B 381 -9.31 32.93 -36.66
C THR B 381 -8.67 34.12 -35.95
N LEU B 382 -8.36 35.19 -36.70
CA LEU B 382 -7.81 36.38 -36.07
C LEU B 382 -8.80 36.99 -35.08
N PHE B 383 -10.08 37.02 -35.47
CA PHE B 383 -11.10 37.56 -34.57
C PHE B 383 -11.21 36.71 -33.31
N THR B 384 -11.18 35.40 -33.44
CA THR B 384 -11.20 34.53 -32.27
C THR B 384 -9.99 34.79 -31.38
N GLY B 385 -8.81 34.89 -31.98
CA GLY B 385 -7.62 35.16 -31.19
C GLY B 385 -7.70 36.46 -30.43
N VAL B 386 -8.10 37.53 -31.12
CA VAL B 386 -8.16 38.83 -30.46
C VAL B 386 -9.26 38.87 -29.41
N LEU B 387 -10.40 38.21 -29.67
CA LEU B 387 -11.48 38.18 -28.68
C LEU B 387 -11.07 37.45 -27.41
N PHE B 388 -10.52 36.25 -27.55
CA PHE B 388 -10.17 35.50 -26.36
C PHE B 388 -8.92 36.10 -25.69
N PHE B 389 -8.14 36.89 -26.43
CA PHE B 389 -7.10 37.72 -25.80
C PHE B 389 -7.72 38.87 -25.01
N PHE B 390 -8.81 39.46 -25.51
CA PHE B 390 -9.55 40.43 -24.73
C PHE B 390 -10.03 39.80 -23.42
N THR B 391 -10.54 38.58 -23.50
CA THR B 391 -10.94 37.87 -22.28
C THR B 391 -9.76 37.70 -21.34
N SER B 392 -8.61 37.29 -21.88
CA SER B 392 -7.45 37.07 -21.03
C SER B 392 -7.00 38.36 -20.34
N ILE B 393 -6.99 39.48 -21.07
CA ILE B 393 -6.52 40.73 -20.47
C ILE B 393 -7.53 41.24 -19.44
N LYS B 394 -8.82 41.13 -19.73
CA LYS B 394 -9.82 41.64 -18.79
C LYS B 394 -9.67 41.00 -17.41
N ASP B 395 -9.13 39.79 -17.36
CA ASP B 395 -8.95 39.08 -16.11
C ASP B 395 -7.70 39.55 -15.39
N PHE B 413 -1.60 28.75 -16.70
CA PHE B 413 -2.09 28.43 -18.03
C PHE B 413 -2.62 29.67 -18.72
N GLN B 414 -2.75 30.77 -17.98
CA GLN B 414 -3.14 32.03 -18.63
C GLN B 414 -1.97 32.63 -19.39
N LEU B 415 -0.75 32.44 -18.89
CA LEU B 415 0.43 32.91 -19.62
C LEU B 415 0.55 32.20 -20.95
N LEU B 416 0.21 30.91 -20.99
CA LEU B 416 0.33 30.15 -22.22
C LEU B 416 -0.51 30.79 -23.32
N TYR B 417 -1.79 31.02 -23.04
CA TYR B 417 -2.60 31.73 -24.03
C TYR B 417 -2.17 33.17 -24.23
N PHE B 418 -1.61 33.81 -23.21
CA PHE B 418 -1.15 35.18 -23.41
C PHE B 418 -0.10 35.24 -24.52
N ILE B 419 0.94 34.40 -24.39
CA ILE B 419 1.97 34.36 -25.42
C ILE B 419 1.37 33.89 -26.74
N TYR B 420 0.52 32.86 -26.70
CA TYR B 420 -0.23 32.44 -27.89
C TYR B 420 -0.75 33.65 -28.65
N SER B 421 -1.59 34.45 -28.01
CA SER B 421 -2.35 35.45 -28.74
C SER B 421 -1.48 36.63 -29.13
N VAL B 422 -0.51 37.00 -28.29
CA VAL B 422 0.39 38.07 -28.72
C VAL B 422 1.13 37.62 -29.99
N LEU B 423 1.59 36.37 -30.03
CA LEU B 423 2.25 35.88 -31.22
C LEU B 423 1.31 35.92 -32.42
N VAL B 424 0.07 35.47 -32.25
CA VAL B 424 -0.84 35.41 -33.41
C VAL B 424 -1.13 36.81 -33.92
N VAL B 425 -1.37 37.76 -33.02
CA VAL B 425 -1.68 39.12 -33.47
C VAL B 425 -0.46 39.75 -34.13
N VAL B 426 0.73 39.48 -33.62
CA VAL B 426 1.94 40.00 -34.26
C VAL B 426 2.08 39.43 -35.66
N SER B 427 1.84 38.12 -35.81
CA SER B 427 1.93 37.50 -37.11
C SER B 427 0.91 38.10 -38.08
N ALA B 428 -0.32 38.31 -37.62
CA ALA B 428 -1.31 38.93 -38.48
C ALA B 428 -0.89 40.34 -38.88
N ALA B 429 -0.29 41.09 -37.95
CA ALA B 429 0.19 42.42 -38.28
C ALA B 429 1.26 42.37 -39.37
N LEU B 430 2.21 41.44 -39.23
CA LEU B 430 3.22 41.29 -40.28
C LEU B 430 2.59 40.89 -41.60
N TYR B 431 1.57 40.03 -41.56
CA TYR B 431 0.85 39.67 -42.77
C TYR B 431 0.23 40.89 -43.44
N LEU B 432 -0.30 41.81 -42.64
CA LEU B 432 -0.97 42.97 -43.22
C LEU B 432 -0.09 43.66 -44.26
N ALA B 433 1.21 43.78 -43.98
CA ALA B 433 2.14 44.37 -44.92
C ALA B 433 2.66 43.37 -45.95
N GLY B 434 2.35 42.08 -45.79
CA GLY B 434 2.83 41.07 -46.71
C GLY B 434 4.33 40.98 -46.75
N ILE B 435 4.97 40.98 -45.59
CA ILE B 435 6.42 40.89 -45.52
C ILE B 435 6.81 39.43 -45.75
N GLU B 436 7.65 39.20 -46.75
CA GLU B 436 8.01 37.84 -47.12
C GLU B 436 8.71 37.12 -45.98
N ALA B 437 8.38 35.84 -45.81
CA ALA B 437 8.99 34.96 -44.82
C ALA B 437 8.80 35.45 -43.39
N TYR B 438 8.01 36.49 -43.18
CA TYR B 438 7.75 36.99 -41.84
C TYR B 438 6.59 36.27 -41.16
N LEU B 439 5.81 35.49 -41.88
CA LEU B 439 4.77 34.65 -41.28
C LEU B 439 5.37 33.34 -40.80
N ALA B 440 6.43 33.45 -40.02
CA ALA B 440 7.11 32.28 -39.49
C ALA B 440 6.49 31.85 -38.17
N VAL B 441 6.50 32.74 -37.19
CA VAL B 441 6.03 32.41 -35.84
C VAL B 441 4.52 32.22 -35.85
N MET B 442 3.87 32.45 -36.99
CA MET B 442 2.46 32.11 -37.08
C MET B 442 2.27 30.60 -36.88
N VAL B 443 3.10 29.80 -37.53
CA VAL B 443 3.00 28.35 -37.35
C VAL B 443 3.39 27.97 -35.93
N PHE B 444 4.37 28.66 -35.34
CA PHE B 444 4.72 28.34 -33.96
C PHE B 444 3.55 28.65 -33.04
N ALA B 445 2.82 29.73 -33.32
CA ALA B 445 1.59 29.99 -32.59
C ALA B 445 0.58 28.89 -32.81
N LEU B 446 0.52 28.33 -34.02
CA LEU B 446 -0.36 27.20 -34.25
C LEU B 446 -0.04 26.05 -33.31
N VAL B 447 1.22 25.64 -33.29
CA VAL B 447 1.59 24.50 -32.45
C VAL B 447 1.39 24.85 -30.98
N LEU B 448 1.66 26.10 -30.61
CA LEU B 448 1.40 26.53 -29.24
C LEU B 448 -0.06 26.37 -28.89
N GLY B 449 -0.94 26.81 -29.78
CA GLY B 449 -2.36 26.65 -29.54
C GLY B 449 -2.75 25.20 -29.39
N TRP B 450 -2.17 24.33 -30.22
CA TRP B 450 -2.54 22.92 -30.13
C TRP B 450 -2.11 22.34 -28.78
N MET B 451 -0.87 22.59 -28.38
CA MET B 451 -0.45 22.09 -27.08
C MET B 451 -1.24 22.74 -25.95
N ASN B 452 -1.68 23.98 -26.16
CA ASN B 452 -2.56 24.64 -25.19
C ASN B 452 -3.88 23.91 -25.06
N ALA B 453 -4.45 23.48 -26.19
CA ALA B 453 -5.66 22.68 -26.13
C ALA B 453 -5.42 21.38 -25.38
N LEU B 454 -4.30 20.72 -25.66
CA LEU B 454 -3.95 19.54 -24.88
C LEU B 454 -3.83 19.87 -23.40
N TYR B 455 -3.44 21.10 -23.08
CA TYR B 455 -3.22 21.51 -21.70
C TYR B 455 -4.54 21.75 -20.96
N PHE B 456 -5.28 22.76 -21.40
CA PHE B 456 -6.37 23.29 -20.58
C PHE B 456 -7.51 22.29 -20.44
N THR B 457 -7.96 21.72 -21.56
CA THR B 457 -9.16 20.88 -21.56
C THR B 457 -8.83 19.53 -20.90
N ARG B 458 -8.77 19.57 -19.58
CA ARG B 458 -8.57 18.38 -18.77
C ARG B 458 -9.86 17.90 -18.10
N GLY B 459 -10.99 18.56 -18.38
CA GLY B 459 -12.26 18.22 -17.77
C GLY B 459 -13.02 17.10 -18.43
N LEU B 460 -12.47 16.50 -19.48
CA LEU B 460 -13.12 15.38 -20.19
C LEU B 460 -12.82 14.10 -19.44
N LYS B 461 -13.59 13.86 -18.38
CA LYS B 461 -13.39 12.74 -17.45
C LYS B 461 -11.92 12.60 -17.06
N LEU B 462 -11.62 11.64 -16.18
CA LEU B 462 -10.25 11.42 -15.75
C LEU B 462 -9.55 10.46 -16.72
N THR B 463 -8.37 10.86 -17.20
CA THR B 463 -7.51 10.01 -18.03
C THR B 463 -6.10 10.10 -17.44
N GLY B 464 -5.84 9.28 -16.44
CA GLY B 464 -4.58 9.41 -15.72
C GLY B 464 -4.42 10.82 -15.21
N THR B 465 -3.25 11.40 -15.45
CA THR B 465 -3.00 12.83 -15.20
C THR B 465 -2.05 13.32 -16.29
N TYR B 466 -2.61 13.76 -17.41
CA TYR B 466 -1.77 14.13 -18.54
C TYR B 466 -1.05 15.45 -18.28
N SER B 467 -1.80 16.51 -17.97
CA SER B 467 -1.17 17.81 -17.76
C SER B 467 -0.20 17.78 -16.60
N ILE B 468 -0.57 17.12 -15.50
CA ILE B 468 0.29 17.11 -14.32
C ILE B 468 1.59 16.37 -14.65
N MET B 469 1.51 15.29 -15.42
CA MET B 469 2.74 14.67 -15.93
C MET B 469 3.52 15.65 -16.80
N ILE B 470 2.84 16.44 -17.62
CA ILE B 470 3.54 17.47 -18.37
C ILE B 470 4.40 18.30 -17.44
N GLN B 471 3.77 18.96 -16.46
CA GLN B 471 4.54 19.87 -15.61
C GLN B 471 5.64 19.14 -14.85
N LYS B 472 5.34 17.95 -14.33
CA LYS B 472 6.38 17.22 -13.61
C LYS B 472 7.54 16.87 -14.52
N ILE B 473 7.29 16.69 -15.81
CA ILE B 473 8.35 16.42 -16.77
C ILE B 473 8.64 17.69 -17.54
N LEU B 474 7.66 18.16 -18.31
CA LEU B 474 7.74 19.43 -19.03
C LEU B 474 9.12 19.60 -19.66
N PHE B 475 9.95 20.45 -19.06
CA PHE B 475 11.31 20.69 -19.54
C PHE B 475 12.38 20.34 -18.53
N LYS B 476 12.01 19.78 -17.37
CA LYS B 476 12.99 19.60 -16.29
C LYS B 476 14.17 18.76 -16.77
N ASP B 477 13.92 17.51 -17.14
CA ASP B 477 14.99 16.62 -17.58
C ASP B 477 15.60 17.04 -18.90
N LEU B 478 14.85 17.78 -19.73
CA LEU B 478 15.32 18.05 -21.08
C LEU B 478 16.57 18.90 -21.07
N PHE B 479 16.61 19.94 -20.24
CA PHE B 479 17.81 20.78 -20.20
C PHE B 479 18.97 20.09 -19.51
N ARG B 480 18.70 19.22 -18.54
CA ARG B 480 19.76 18.39 -17.99
C ARG B 480 20.41 17.56 -19.09
N PHE B 481 19.58 16.92 -19.93
CA PHE B 481 20.11 16.23 -21.09
C PHE B 481 20.96 17.23 -21.87
N LEU B 482 20.32 18.27 -22.41
CA LEU B 482 21.02 19.21 -23.28
C LEU B 482 22.40 19.56 -22.71
N LEU B 483 22.49 19.78 -21.40
CA LEU B 483 23.76 20.22 -20.83
C LEU B 483 24.79 19.09 -20.82
N VAL B 484 24.41 17.90 -20.34
CA VAL B 484 25.36 16.80 -20.37
C VAL B 484 25.75 16.48 -21.82
N TYR B 485 24.77 16.55 -22.71
CA TYR B 485 24.98 16.34 -24.13
C TYR B 485 26.07 17.27 -24.66
N LEU B 486 25.91 18.57 -24.39
CA LEU B 486 26.86 19.55 -24.91
C LEU B 486 28.23 19.34 -24.30
N LEU B 487 28.29 19.03 -23.00
CA LEU B 487 29.61 18.82 -22.41
C LEU B 487 30.30 17.62 -23.04
N PHE B 488 29.58 16.52 -23.25
CA PHE B 488 30.22 15.37 -23.88
C PHE B 488 30.69 15.73 -25.28
N MET B 489 29.85 16.43 -26.04
CA MET B 489 30.24 16.81 -27.39
C MET B 489 31.53 17.62 -27.36
N ILE B 490 31.56 18.67 -26.53
CA ILE B 490 32.76 19.50 -26.47
C ILE B 490 33.95 18.69 -25.98
N GLY B 491 33.73 17.80 -25.02
CA GLY B 491 34.86 17.05 -24.48
C GLY B 491 35.52 16.18 -25.53
N TYR B 492 34.73 15.41 -26.28
CA TYR B 492 35.38 14.53 -27.23
C TYR B 492 35.84 15.31 -28.46
N ALA B 493 35.17 16.41 -28.81
CA ALA B 493 35.69 17.26 -29.87
C ALA B 493 37.04 17.84 -29.48
N SER B 494 37.20 18.20 -28.20
CA SER B 494 38.50 18.65 -27.71
C SER B 494 39.53 17.53 -27.81
N ALA B 495 39.11 16.31 -27.50
CA ALA B 495 40.00 15.17 -27.72
C ALA B 495 40.48 15.14 -29.16
N LEU B 496 39.56 15.28 -30.11
CA LEU B 496 39.94 15.24 -31.52
C LEU B 496 40.88 16.39 -31.87
N VAL B 497 40.58 17.60 -31.40
CA VAL B 497 41.40 18.77 -31.78
C VAL B 497 42.78 18.71 -31.18
N THR B 498 42.94 18.15 -29.97
CA THR B 498 44.28 17.86 -29.47
C THR B 498 44.91 16.67 -30.18
N LEU B 499 44.10 15.83 -30.83
CA LEU B 499 44.62 14.72 -31.61
C LEU B 499 44.82 15.07 -33.08
N LEU B 500 43.76 15.43 -33.80
CA LEU B 500 43.89 15.70 -35.23
C LEU B 500 43.49 17.11 -35.64
N ASN B 501 42.27 17.55 -35.30
CA ASN B 501 41.76 18.80 -35.86
C ASN B 501 42.75 19.92 -35.59
N PRO B 502 43.45 20.43 -36.63
CA PRO B 502 44.43 21.49 -36.39
C PRO B 502 43.84 22.89 -36.51
N PRO B 522 38.67 14.36 -37.45
CA PRO B 522 39.20 13.18 -38.13
C PRO B 522 38.21 12.61 -39.15
N ALA B 523 37.08 12.10 -38.67
CA ALA B 523 36.06 11.59 -39.57
C ALA B 523 35.50 12.70 -40.44
N CYS B 524 35.25 13.87 -39.84
CA CYS B 524 34.65 15.00 -40.57
C CYS B 524 35.74 15.94 -41.09
N ARG B 525 36.70 15.36 -41.79
CA ARG B 525 37.65 16.12 -42.61
C ARG B 525 38.70 16.89 -41.79
N ASP B 526 38.64 16.79 -40.46
CA ASP B 526 39.66 17.27 -39.53
C ASP B 526 40.36 18.56 -39.96
N SER B 527 39.59 19.64 -40.15
CA SER B 527 40.18 20.91 -40.54
C SER B 527 39.68 22.05 -39.65
N GLU B 528 39.69 21.84 -38.35
CA GLU B 528 39.20 22.82 -37.38
C GLU B 528 37.81 23.29 -37.79
N THR B 529 36.93 22.32 -37.95
CA THR B 529 35.60 22.55 -38.50
C THR B 529 34.65 22.94 -37.36
N PHE B 530 33.36 23.01 -37.66
CA PHE B 530 32.36 23.33 -36.66
C PHE B 530 32.13 22.12 -35.75
N SER B 531 31.65 22.41 -34.54
CA SER B 531 31.31 21.37 -33.57
C SER B 531 29.84 20.99 -33.61
N ALA B 532 28.94 21.94 -33.89
CA ALA B 532 27.53 21.64 -33.88
C ALA B 532 27.20 20.46 -34.79
N PHE B 533 27.98 20.28 -35.86
CA PHE B 533 27.79 19.12 -36.70
C PHE B 533 28.12 17.84 -35.93
N LEU B 534 29.02 17.92 -34.95
CA LEU B 534 29.23 16.78 -34.08
C LEU B 534 27.97 16.47 -33.28
N LEU B 535 27.27 17.50 -32.80
CA LEU B 535 26.00 17.28 -32.12
C LEU B 535 25.01 16.62 -33.06
N ASP B 536 24.93 17.11 -34.29
CA ASP B 536 23.99 16.53 -35.24
C ASP B 536 24.31 15.06 -35.49
N LEU B 537 25.59 14.75 -35.66
CA LEU B 537 26.00 13.36 -35.86
C LEU B 537 25.64 12.51 -34.65
N PHE B 538 25.92 13.02 -33.45
CA PHE B 538 25.67 12.25 -32.25
C PHE B 538 24.18 11.96 -32.10
N LYS B 539 23.34 12.97 -32.36
CA LYS B 539 21.90 12.74 -32.36
C LYS B 539 21.52 11.69 -33.40
N LEU B 540 22.07 11.81 -34.60
CA LEU B 540 21.62 10.99 -35.72
C LEU B 540 21.96 9.52 -35.51
N THR B 541 23.22 9.21 -35.20
CA THR B 541 23.65 7.81 -35.22
C THR B 541 23.73 7.18 -33.83
N ILE B 542 24.52 7.73 -32.91
CA ILE B 542 24.55 7.17 -31.57
C ILE B 542 23.18 7.25 -30.91
N GLY B 543 22.28 8.08 -31.43
CA GLY B 543 20.89 8.01 -31.05
C GLY B 543 20.07 7.01 -31.84
N MET B 544 20.18 7.00 -33.16
CA MET B 544 19.37 6.09 -33.96
C MET B 544 20.22 5.12 -34.79
N GLY B 545 21.18 5.62 -35.57
CA GLY B 545 22.09 4.71 -36.24
C GLY B 545 22.82 5.36 -37.40
N ASP B 546 23.65 4.55 -38.06
CA ASP B 546 24.52 4.98 -39.15
C ASP B 546 25.62 5.94 -38.70
N LEU B 547 26.48 5.49 -37.79
CA LEU B 547 27.66 6.24 -37.37
C LEU B 547 28.73 6.19 -38.45
N GLU B 548 29.65 7.15 -38.37
CA GLU B 548 30.82 7.22 -39.24
C GLU B 548 32.00 6.43 -38.69
N MET B 549 31.74 5.48 -37.81
CA MET B 549 32.79 4.75 -37.09
C MET B 549 33.64 5.74 -36.31
N LEU B 550 34.32 6.61 -37.04
CA LEU B 550 35.02 7.79 -36.53
C LEU B 550 36.37 7.45 -35.92
N SER B 551 36.66 6.16 -35.68
CA SER B 551 38.01 5.72 -35.37
C SER B 551 38.50 4.66 -36.36
N SER B 552 37.73 3.58 -36.55
CA SER B 552 38.13 2.40 -37.35
C SER B 552 39.12 1.36 -36.81
N PHE B 559 42.16 7.82 -30.22
CA PHE B 559 40.74 8.10 -30.34
C PHE B 559 39.92 7.14 -29.48
N ILE B 560 40.03 5.86 -29.79
CA ILE B 560 39.12 4.85 -29.27
C ILE B 560 39.00 4.78 -27.75
N LEU B 561 40.14 4.84 -27.04
CA LEU B 561 40.13 4.75 -25.59
C LEU B 561 39.10 5.74 -25.05
N LEU B 562 39.07 6.94 -25.63
CA LEU B 562 38.12 7.95 -25.21
C LEU B 562 36.72 7.60 -25.66
N LEU B 563 36.52 7.56 -26.99
CA LEU B 563 35.17 7.45 -27.53
C LEU B 563 34.40 6.31 -26.90
N VAL B 564 35.03 5.14 -26.77
CA VAL B 564 34.28 3.98 -26.27
C VAL B 564 33.72 4.27 -24.88
N THR B 565 34.58 4.73 -23.97
CA THR B 565 34.14 5.02 -22.61
C THR B 565 33.09 6.12 -22.61
N TYR B 566 33.32 7.19 -23.38
CA TYR B 566 32.40 8.30 -23.37
C TYR B 566 31.02 7.89 -23.87
N ILE B 567 30.97 7.09 -24.94
CA ILE B 567 29.69 6.70 -25.52
C ILE B 567 28.96 5.73 -24.59
N ILE B 568 29.69 4.79 -23.99
CA ILE B 568 29.02 3.90 -23.05
C ILE B 568 28.47 4.71 -21.87
N LEU B 569 29.23 5.72 -21.43
CA LEU B 569 28.76 6.57 -20.34
C LEU B 569 27.52 7.36 -20.73
N THR B 570 27.51 7.93 -21.95
CA THR B 570 26.36 8.72 -22.34
C THR B 570 25.14 7.82 -22.46
N PHE B 571 25.30 6.60 -22.97
CA PHE B 571 24.18 5.67 -22.99
C PHE B 571 23.72 5.36 -21.57
N VAL B 572 24.65 5.12 -20.66
CA VAL B 572 24.26 4.78 -19.29
C VAL B 572 23.47 5.92 -18.67
N LEU B 573 23.95 7.15 -18.88
CA LEU B 573 23.27 8.31 -18.32
C LEU B 573 21.88 8.48 -18.94
N LEU B 574 21.76 8.32 -20.26
CA LEU B 574 20.46 8.41 -20.90
C LEU B 574 19.51 7.37 -20.33
N LEU B 575 19.97 6.12 -20.25
CA LEU B 575 19.15 5.10 -19.60
C LEU B 575 18.69 5.60 -18.25
N ASN B 576 19.63 5.78 -17.31
CA ASN B 576 19.24 6.06 -15.94
C ASN B 576 18.28 7.24 -15.88
N MET B 577 18.56 8.32 -16.59
CA MET B 577 17.67 9.48 -16.53
C MET B 577 16.27 9.10 -17.00
N LEU B 578 16.17 8.47 -18.16
CA LEU B 578 14.85 8.13 -18.71
C LEU B 578 14.08 7.22 -17.76
N ILE B 579 14.71 6.11 -17.37
CA ILE B 579 14.04 5.12 -16.53
C ILE B 579 13.67 5.71 -15.17
N ALA B 580 14.64 6.32 -14.49
CA ALA B 580 14.36 6.86 -13.16
C ALA B 580 13.23 7.87 -13.23
N LEU B 581 13.32 8.83 -14.15
CA LEU B 581 12.29 9.85 -14.26
C LEU B 581 10.93 9.20 -14.49
N MET B 582 10.85 8.37 -15.53
CA MET B 582 9.59 7.70 -15.94
C MET B 582 8.96 6.95 -14.77
N GLY B 583 9.70 6.06 -14.13
CA GLY B 583 9.17 5.22 -13.08
C GLY B 583 8.75 6.03 -11.88
N GLU B 584 9.66 6.87 -11.37
CA GLU B 584 9.36 7.61 -10.15
C GLU B 584 8.18 8.55 -10.36
N THR B 585 8.14 9.25 -11.49
CA THR B 585 7.09 10.23 -11.70
C THR B 585 5.73 9.56 -11.90
N VAL B 586 5.65 8.56 -12.77
CA VAL B 586 4.35 7.97 -13.08
C VAL B 586 3.84 7.16 -11.90
N GLY B 587 4.71 6.44 -11.22
CA GLY B 587 4.27 5.49 -10.21
C GLY B 587 3.83 6.09 -8.88
N GLN B 588 4.77 6.70 -8.17
CA GLN B 588 4.53 7.07 -6.77
C GLN B 588 3.76 8.37 -6.65
N VAL B 589 4.33 9.46 -7.18
CA VAL B 589 3.84 10.81 -6.92
C VAL B 589 2.54 11.09 -7.69
N SER B 590 2.02 10.08 -8.39
CA SER B 590 0.88 10.30 -9.27
C SER B 590 -0.27 10.99 -8.55
N LYS B 591 -0.84 10.34 -7.54
CA LYS B 591 -2.06 10.80 -6.90
C LYS B 591 -3.06 11.26 -7.96
N GLU B 592 -3.45 10.30 -8.80
CA GLU B 592 -3.96 10.62 -10.13
C GLU B 592 -5.16 11.57 -10.09
N SER B 593 -6.28 11.09 -9.55
CA SER B 593 -7.58 11.67 -9.90
C SER B 593 -8.22 12.50 -8.79
N LYS B 594 -8.40 11.93 -7.61
CA LYS B 594 -9.40 12.45 -6.69
C LYS B 594 -9.22 13.93 -6.37
N HIS B 595 -8.20 14.32 -5.61
CA HIS B 595 -8.08 15.74 -5.29
C HIS B 595 -7.49 16.54 -6.43
N ILE B 596 -6.60 15.93 -7.22
CA ILE B 596 -6.05 16.63 -8.38
C ILE B 596 -7.17 17.00 -9.34
N TRP B 597 -8.05 16.03 -9.65
CA TRP B 597 -9.14 16.33 -10.57
C TRP B 597 -10.17 17.24 -9.92
N LYS B 598 -10.41 17.08 -8.62
CA LYS B 598 -11.28 18.03 -7.92
C LYS B 598 -10.81 19.46 -8.14
N LEU B 599 -9.53 19.72 -7.85
CA LEU B 599 -8.99 21.05 -8.06
C LEU B 599 -9.08 21.44 -9.53
N GLN B 600 -8.88 20.48 -10.43
CA GLN B 600 -8.96 20.81 -11.85
C GLN B 600 -10.32 21.35 -12.22
N TRP B 601 -11.39 20.63 -11.91
CA TRP B 601 -12.67 21.16 -12.36
C TRP B 601 -13.08 22.35 -11.49
N ALA B 602 -12.57 22.46 -10.28
CA ALA B 602 -12.81 23.65 -9.50
C ALA B 602 -12.25 24.88 -10.19
N THR B 603 -11.01 24.79 -10.65
CA THR B 603 -10.41 25.90 -11.38
C THR B 603 -11.18 26.19 -12.66
N THR B 604 -11.58 25.14 -13.37
CA THR B 604 -12.34 25.37 -14.59
C THR B 604 -13.65 26.11 -14.30
N ILE B 605 -14.37 25.69 -13.26
CA ILE B 605 -15.65 26.32 -12.95
C ILE B 605 -15.43 27.77 -12.50
N LEU B 606 -14.45 27.99 -11.63
CA LEU B 606 -14.24 29.34 -11.10
C LEU B 606 -13.81 30.29 -12.20
N ASP B 607 -12.85 29.89 -13.03
CA ASP B 607 -12.44 30.81 -14.09
C ASP B 607 -13.48 30.90 -15.19
N ILE B 608 -14.34 29.89 -15.35
CA ILE B 608 -15.50 30.03 -16.22
C ILE B 608 -16.37 31.17 -15.73
N GLU B 609 -16.70 31.17 -14.44
CA GLU B 609 -17.51 32.25 -13.89
C GLU B 609 -16.79 33.58 -14.01
N ARG B 610 -15.49 33.59 -13.74
CA ARG B 610 -14.71 34.82 -13.85
C ARG B 610 -14.73 35.37 -15.27
N SER B 611 -14.82 34.49 -16.27
CA SER B 611 -14.75 34.94 -17.65
C SER B 611 -15.87 35.93 -17.97
N PHE B 612 -17.11 35.45 -17.95
CA PHE B 612 -18.24 36.30 -18.30
C PHE B 612 -18.82 36.95 -17.06
N PRO B 613 -19.62 38.00 -17.22
CA PRO B 613 -20.16 38.70 -16.04
C PRO B 613 -21.08 37.81 -15.21
N VAL B 614 -20.63 37.47 -14.00
CA VAL B 614 -21.41 36.58 -13.15
C VAL B 614 -22.69 37.24 -12.67
N PHE B 615 -22.63 38.54 -12.38
CA PHE B 615 -23.79 39.24 -11.81
C PHE B 615 -25.05 39.05 -12.65
N LEU B 616 -24.93 38.59 -13.89
CA LEU B 616 -26.09 38.34 -14.71
C LEU B 616 -26.94 37.24 -14.08
N ARG B 617 -28.06 36.92 -14.72
CA ARG B 617 -29.02 35.99 -14.14
C ARG B 617 -28.51 34.56 -14.25
N LYS B 618 -27.33 34.30 -13.70
CA LYS B 618 -26.71 32.98 -13.75
C LYS B 618 -26.02 32.68 -12.43
N ALA B 619 -26.51 33.26 -11.34
CA ALA B 619 -25.90 33.15 -10.04
C ALA B 619 -26.59 32.05 -9.23
N PHE B 620 -26.22 31.96 -7.96
CA PHE B 620 -26.79 31.00 -7.03
C PHE B 620 -28.06 31.55 -6.37
N ARG B 621 -28.62 30.76 -5.45
CA ARG B 621 -29.96 31.02 -4.95
C ARG B 621 -30.00 32.25 -4.04
N SER B 622 -31.23 32.76 -3.83
CA SER B 622 -31.54 33.72 -2.78
C SER B 622 -32.54 33.11 -1.81
N GLY B 623 -32.58 33.65 -0.60
CA GLY B 623 -33.30 33.01 0.48
C GLY B 623 -34.24 33.89 1.26
N GLU B 624 -34.21 33.76 2.59
CA GLU B 624 -35.17 34.44 3.46
C GLU B 624 -35.05 35.95 3.32
N MET B 625 -36.18 36.64 3.50
CA MET B 625 -36.23 38.08 3.22
C MET B 625 -35.69 38.93 4.37
N VAL B 626 -36.41 38.93 5.51
CA VAL B 626 -36.13 39.90 6.57
C VAL B 626 -36.82 39.42 7.84
N THR B 627 -36.38 39.96 8.98
CA THR B 627 -36.87 39.70 10.33
C THR B 627 -36.33 38.37 10.85
N VAL B 628 -35.66 37.57 10.04
CA VAL B 628 -34.91 36.41 10.50
C VAL B 628 -33.45 36.48 10.06
N GLY B 629 -33.22 36.87 8.80
CA GLY B 629 -31.87 37.07 8.29
C GLY B 629 -31.75 38.40 7.57
N ARG B 638 -31.48 40.35 2.49
CA ARG B 638 -32.00 39.13 1.89
C ARG B 638 -31.16 37.93 2.31
N ARG B 639 -29.84 38.10 2.33
CA ARG B 639 -28.94 37.05 2.82
C ARG B 639 -29.09 35.77 2.01
N TRP B 640 -28.67 35.86 0.74
CA TRP B 640 -28.76 34.70 -0.14
C TRP B 640 -28.20 33.46 0.55
N CYS B 641 -28.67 32.29 0.12
CA CYS B 641 -28.29 31.04 0.74
C CYS B 641 -28.29 29.92 -0.30
N PHE B 642 -27.62 28.82 0.04
CA PHE B 642 -27.50 27.64 -0.81
C PHE B 642 -27.99 26.44 -0.02
N ARG B 643 -29.00 25.76 -0.55
CA ARG B 643 -29.69 24.70 0.18
C ARG B 643 -29.12 23.35 -0.22
N VAL B 644 -28.63 22.60 0.77
CA VAL B 644 -28.12 21.25 0.57
C VAL B 644 -29.06 20.29 1.28
N ASP B 645 -29.48 19.23 0.58
CA ASP B 645 -30.43 18.27 1.12
C ASP B 645 -29.68 17.01 1.55
N GLU B 646 -29.58 16.80 2.86
CA GLU B 646 -29.03 15.57 3.40
C GLU B 646 -30.16 14.63 3.78
N VAL B 647 -29.81 13.36 3.98
CA VAL B 647 -30.76 12.36 4.45
C VAL B 647 -30.15 11.63 5.64
N ASN B 648 -30.90 11.55 6.73
CA ASN B 648 -30.48 10.85 7.92
C ASN B 648 -31.66 10.02 8.43
N TRP B 649 -31.34 8.98 9.19
CA TRP B 649 -32.34 8.04 9.70
C TRP B 649 -32.44 8.11 11.22
N SER B 650 -32.47 9.33 11.76
CA SER B 650 -32.68 9.54 13.18
C SER B 650 -34.17 9.68 13.50
N VAL C 12 -46.85 -52.88 14.50
CA VAL C 12 -45.50 -53.33 14.07
C VAL C 12 -45.63 -54.21 12.83
N PHE C 13 -45.84 -53.59 11.68
CA PHE C 13 -46.02 -54.30 10.42
C PHE C 13 -45.03 -53.90 9.36
N ASN C 14 -44.62 -52.63 9.32
CA ASN C 14 -43.69 -52.15 8.32
C ASN C 14 -42.86 -51.02 8.90
N ARG C 15 -41.72 -50.76 8.25
CA ARG C 15 -40.81 -49.73 8.74
C ARG C 15 -41.48 -48.37 8.88
N PRO C 16 -42.31 -47.90 7.95
CA PRO C 16 -42.86 -46.54 8.09
C PRO C 16 -43.59 -46.28 9.40
N ILE C 17 -44.38 -47.24 9.87
CA ILE C 17 -45.11 -47.00 11.11
C ILE C 17 -44.15 -46.98 12.30
N LEU C 18 -43.10 -47.82 12.27
CA LEU C 18 -42.09 -47.77 13.31
C LEU C 18 -41.43 -46.39 13.35
N PHE C 19 -41.07 -45.87 12.18
CA PHE C 19 -40.43 -44.56 12.12
C PHE C 19 -41.40 -43.48 12.59
N ASP C 20 -42.67 -43.59 12.24
CA ASP C 20 -43.66 -42.60 12.67
C ASP C 20 -43.78 -42.60 14.19
N ILE C 21 -43.86 -43.78 14.80
CA ILE C 21 -44.06 -43.84 16.25
C ILE C 21 -42.81 -43.37 16.98
N VAL C 22 -41.62 -43.76 16.49
CA VAL C 22 -40.40 -43.36 17.18
C VAL C 22 -40.14 -41.86 17.00
N SER C 23 -40.54 -41.30 15.86
CA SER C 23 -40.29 -39.88 15.63
C SER C 23 -40.99 -39.01 16.66
N ARG C 24 -42.24 -39.33 16.98
CA ARG C 24 -43.02 -38.53 17.92
C ARG C 24 -42.76 -38.92 19.37
N GLY C 25 -41.90 -39.88 19.64
CA GLY C 25 -41.61 -40.28 21.01
C GLY C 25 -42.78 -40.92 21.72
N SER C 26 -43.51 -41.81 21.04
CA SER C 26 -44.63 -42.52 21.63
C SER C 26 -44.23 -43.97 21.83
N THR C 27 -44.38 -44.46 23.06
CA THR C 27 -44.01 -45.83 23.40
C THR C 27 -45.18 -46.71 23.78
N ALA C 28 -46.22 -46.14 24.41
CA ALA C 28 -47.36 -46.95 24.82
C ALA C 28 -48.04 -47.60 23.61
N ASP C 29 -48.14 -46.87 22.50
CA ASP C 29 -48.78 -47.40 21.30
C ASP C 29 -48.01 -48.57 20.70
N LEU C 30 -46.77 -48.79 21.11
CA LEU C 30 -45.95 -49.86 20.57
C LEU C 30 -45.85 -51.08 21.48
N ASP C 31 -46.21 -50.94 22.76
CA ASP C 31 -46.07 -52.06 23.69
C ASP C 31 -46.99 -53.20 23.33
N GLY C 32 -48.23 -52.88 22.95
CA GLY C 32 -49.20 -53.92 22.64
C GLY C 32 -48.87 -54.76 21.43
N LEU C 33 -47.98 -54.28 20.56
CA LEU C 33 -47.61 -55.01 19.35
C LEU C 33 -46.20 -55.57 19.38
N LEU C 34 -45.26 -54.90 20.05
CA LEU C 34 -43.92 -55.46 20.16
C LEU C 34 -43.94 -56.79 20.91
N SER C 35 -44.80 -56.90 21.92
CA SER C 35 -44.93 -58.18 22.62
C SER C 35 -45.42 -59.27 21.69
N PHE C 36 -46.41 -58.97 20.85
CA PHE C 36 -46.91 -59.98 19.92
C PHE C 36 -45.82 -60.37 18.92
N LEU C 37 -45.08 -59.40 18.40
CA LEU C 37 -44.00 -59.73 17.48
C LEU C 37 -42.94 -60.60 18.14
N LEU C 38 -42.58 -60.28 19.38
CA LEU C 38 -41.66 -61.13 20.12
C LEU C 38 -42.24 -62.52 20.33
N THR C 39 -43.57 -62.62 20.47
CA THR C 39 -44.22 -63.91 20.60
C THR C 39 -44.25 -64.69 19.29
N HIS C 40 -44.06 -64.02 18.16
CA HIS C 40 -44.03 -64.66 16.85
C HIS C 40 -42.63 -65.05 16.42
N LYS C 41 -41.74 -65.33 17.38
CA LYS C 41 -40.36 -65.70 17.12
C LYS C 41 -39.73 -64.85 16.01
N LYS C 42 -40.11 -63.58 15.95
CA LYS C 42 -39.54 -62.64 15.00
C LYS C 42 -38.48 -61.79 15.68
N ARG C 43 -37.49 -61.36 14.89
CA ARG C 43 -36.38 -60.55 15.38
C ARG C 43 -36.34 -59.24 14.62
N LEU C 44 -36.08 -58.15 15.34
CA LEU C 44 -36.03 -56.83 14.73
C LEU C 44 -34.86 -56.65 13.78
N THR C 45 -33.91 -57.58 13.78
CA THR C 45 -32.75 -57.48 12.89
C THR C 45 -33.06 -57.91 11.47
N ASP C 46 -34.21 -58.52 11.22
CA ASP C 46 -34.54 -58.98 9.89
C ASP C 46 -34.68 -57.79 8.93
N GLU C 47 -34.29 -58.01 7.68
CA GLU C 47 -34.30 -56.93 6.70
C GLU C 47 -35.69 -56.32 6.54
N GLU C 48 -36.74 -57.12 6.69
CA GLU C 48 -38.10 -56.58 6.60
C GLU C 48 -38.42 -55.62 7.73
N PHE C 49 -37.62 -55.60 8.79
CA PHE C 49 -37.74 -54.61 9.86
C PHE C 49 -36.74 -53.48 9.72
N ARG C 50 -35.95 -53.48 8.65
CA ARG C 50 -34.95 -52.45 8.38
C ARG C 50 -35.28 -51.74 7.08
N GLU C 51 -35.04 -50.44 7.04
CA GLU C 51 -35.34 -49.68 5.84
C GLU C 51 -34.56 -50.26 4.66
N PRO C 52 -35.20 -50.60 3.55
CA PRO C 52 -34.51 -51.39 2.51
C PRO C 52 -33.48 -50.61 1.71
N SER C 53 -33.62 -49.29 1.57
CA SER C 53 -32.71 -48.53 0.73
C SER C 53 -31.28 -48.63 1.26
N THR C 54 -31.10 -48.51 2.57
CA THR C 54 -29.79 -48.57 3.19
C THR C 54 -29.68 -49.67 4.24
N GLY C 55 -30.79 -50.29 4.63
CA GLY C 55 -30.75 -51.30 5.66
C GLY C 55 -30.64 -50.75 7.06
N LYS C 56 -30.90 -49.46 7.25
CA LYS C 56 -30.82 -48.85 8.57
C LYS C 56 -31.91 -49.40 9.48
N THR C 57 -31.56 -49.64 10.73
CA THR C 57 -32.54 -50.04 11.72
C THR C 57 -33.28 -48.81 12.25
N CYS C 58 -34.29 -49.07 13.07
CA CYS C 58 -35.04 -47.97 13.69
C CYS C 58 -34.21 -47.25 14.75
N LEU C 59 -33.12 -47.85 15.23
CA LEU C 59 -32.27 -47.19 16.22
C LEU C 59 -31.70 -45.88 15.70
N PRO C 60 -31.00 -45.85 14.56
CA PRO C 60 -30.51 -44.56 14.06
C PRO C 60 -31.62 -43.57 13.78
N LYS C 61 -32.77 -44.04 13.29
CA LYS C 61 -33.88 -43.13 13.05
C LYS C 61 -34.33 -42.46 14.34
N ALA C 62 -34.54 -43.26 15.39
CA ALA C 62 -34.96 -42.71 16.67
C ALA C 62 -33.90 -41.76 17.23
N LEU C 63 -32.62 -42.13 17.08
CA LEU C 63 -31.55 -41.27 17.56
C LEU C 63 -31.56 -39.93 16.84
N LEU C 64 -31.76 -39.95 15.52
CA LEU C 64 -31.91 -38.71 14.76
C LEU C 64 -33.17 -37.96 15.14
N ASN C 65 -34.14 -38.63 15.76
CA ASN C 65 -35.34 -37.98 16.26
C ASN C 65 -35.22 -37.58 17.72
N LEU C 66 -34.00 -37.28 18.19
CA LEU C 66 -33.80 -36.94 19.58
C LEU C 66 -34.65 -35.73 19.96
N SER C 67 -35.32 -35.83 21.10
CA SER C 67 -36.13 -34.74 21.63
C SER C 67 -35.24 -33.84 22.47
N ASN C 68 -34.51 -32.96 21.78
CA ASN C 68 -33.52 -32.10 22.42
C ASN C 68 -32.51 -32.92 23.21
N GLY C 69 -32.11 -34.06 22.64
CA GLY C 69 -31.20 -34.97 23.31
C GLY C 69 -31.83 -35.78 24.41
N ARG C 70 -33.16 -35.77 24.53
CA ARG C 70 -33.87 -36.45 25.60
C ARG C 70 -34.84 -37.48 25.05
N ASN C 71 -34.38 -38.29 24.10
CA ASN C 71 -35.21 -39.36 23.55
C ASN C 71 -35.31 -40.48 24.58
N ASP C 72 -36.50 -40.65 25.16
CA ASP C 72 -36.73 -41.65 26.20
C ASP C 72 -37.28 -42.96 25.65
N THR C 73 -37.38 -43.10 24.33
CA THR C 73 -37.87 -44.34 23.75
C THR C 73 -36.76 -45.35 23.49
N ILE C 74 -35.56 -44.89 23.18
CA ILE C 74 -34.46 -45.78 22.82
C ILE C 74 -34.14 -46.74 23.97
N PRO C 75 -34.36 -46.40 25.25
CA PRO C 75 -34.26 -47.46 26.27
C PRO C 75 -35.22 -48.60 26.02
N VAL C 76 -36.42 -48.30 25.54
CA VAL C 76 -37.37 -49.35 25.17
C VAL C 76 -36.81 -50.17 24.02
N LEU C 77 -36.11 -49.50 23.09
CA LEU C 77 -35.51 -50.22 21.97
C LEU C 77 -34.42 -51.16 22.45
N LEU C 78 -33.62 -50.72 23.43
CA LEU C 78 -32.62 -51.61 24.01
C LEU C 78 -33.28 -52.78 24.72
N ASP C 79 -34.39 -52.52 25.41
CA ASP C 79 -35.14 -53.61 26.03
C ASP C 79 -35.61 -54.61 24.98
N ILE C 80 -36.11 -54.11 23.85
CA ILE C 80 -36.53 -54.99 22.76
C ILE C 80 -35.36 -55.80 22.25
N ALA C 81 -34.20 -55.16 22.08
CA ALA C 81 -33.02 -55.86 21.62
C ALA C 81 -32.64 -56.99 22.57
N GLU C 82 -32.66 -56.71 23.87
CA GLU C 82 -32.33 -57.73 24.85
C GLU C 82 -33.34 -58.87 24.81
N ARG C 83 -34.62 -58.54 24.66
CA ARG C 83 -35.65 -59.58 24.59
C ARG C 83 -35.44 -60.46 23.36
N THR C 84 -35.11 -59.86 22.23
CA THR C 84 -34.95 -60.62 21.00
C THR C 84 -33.82 -61.65 21.13
N GLY C 85 -32.86 -61.38 21.99
CA GLY C 85 -31.71 -62.24 22.16
C GLY C 85 -30.60 -62.00 21.17
N ASN C 86 -30.77 -61.08 20.23
CA ASN C 86 -29.76 -60.73 19.23
C ASN C 86 -29.29 -59.31 19.52
N MET C 87 -27.98 -59.16 19.71
CA MET C 87 -27.39 -57.86 20.00
C MET C 87 -26.38 -57.41 18.97
N ARG C 88 -25.49 -58.30 18.52
CA ARG C 88 -24.45 -57.89 17.57
C ARG C 88 -25.06 -57.36 16.28
N GLU C 89 -25.90 -58.17 15.62
CA GLU C 89 -26.48 -57.75 14.35
C GLU C 89 -27.34 -56.50 14.51
N PHE C 90 -28.15 -56.45 15.57
CA PHE C 90 -28.97 -55.27 15.82
C PHE C 90 -28.08 -54.06 16.07
N ILE C 91 -27.13 -54.17 16.99
CA ILE C 91 -26.23 -53.07 17.28
C ILE C 91 -25.33 -52.79 16.08
N ASN C 92 -24.70 -53.82 15.53
CA ASN C 92 -23.90 -53.69 14.32
C ASN C 92 -24.85 -53.79 13.12
N SER C 93 -25.44 -52.66 12.77
CA SER C 93 -26.44 -52.58 11.71
C SER C 93 -25.94 -51.55 10.68
N PRO C 94 -24.94 -51.91 9.90
CA PRO C 94 -24.33 -50.95 8.98
C PRO C 94 -25.32 -50.49 7.92
N PHE C 95 -24.87 -49.54 7.10
CA PHE C 95 -25.64 -49.05 5.97
C PHE C 95 -25.19 -49.76 4.71
N ARG C 96 -26.15 -50.30 3.97
CA ARG C 96 -25.85 -51.16 2.82
C ARG C 96 -25.63 -50.38 1.52
N ASP C 97 -25.85 -49.07 1.53
CA ASP C 97 -25.60 -48.24 0.35
C ASP C 97 -24.14 -47.80 0.33
N ILE C 98 -23.72 -47.29 -0.84
CA ILE C 98 -22.35 -46.81 -0.97
C ILE C 98 -22.17 -45.42 -0.38
N TYR C 99 -23.25 -44.63 -0.30
CA TYR C 99 -23.13 -43.30 0.28
C TYR C 99 -22.66 -43.33 1.73
N TYR C 100 -22.95 -44.43 2.44
CA TYR C 100 -22.54 -44.60 3.82
C TYR C 100 -21.97 -45.99 4.03
N ARG C 101 -21.10 -46.12 5.02
CA ARG C 101 -20.58 -47.40 5.45
C ARG C 101 -20.59 -47.47 6.97
N GLY C 102 -20.80 -48.67 7.50
CA GLY C 102 -20.88 -48.83 8.93
C GLY C 102 -21.90 -47.88 9.52
N GLN C 103 -21.43 -46.89 10.26
CA GLN C 103 -22.30 -45.86 10.82
C GLN C 103 -23.34 -46.48 11.75
N THR C 104 -22.87 -47.29 12.68
CA THR C 104 -23.76 -48.01 13.59
C THR C 104 -24.22 -47.07 14.70
N SER C 105 -24.83 -47.64 15.74
CA SER C 105 -25.42 -46.83 16.79
C SER C 105 -24.39 -45.90 17.42
N LEU C 106 -23.15 -46.38 17.61
CA LEU C 106 -22.12 -45.53 18.19
C LEU C 106 -21.88 -44.30 17.33
N HIS C 107 -21.72 -44.49 16.02
CA HIS C 107 -21.47 -43.35 15.14
C HIS C 107 -22.60 -42.34 15.25
N ILE C 108 -23.84 -42.82 15.14
CA ILE C 108 -24.98 -41.91 15.14
C ILE C 108 -25.07 -41.18 16.48
N ALA C 109 -24.91 -41.92 17.58
CA ALA C 109 -25.00 -41.30 18.89
C ALA C 109 -23.94 -40.22 19.06
N ILE C 110 -22.69 -40.53 18.69
CA ILE C 110 -21.63 -39.55 18.89
C ILE C 110 -21.86 -38.33 18.00
N GLU C 111 -22.26 -38.54 16.76
CA GLU C 111 -22.52 -37.40 15.88
C GLU C 111 -23.53 -36.45 16.49
N ARG C 112 -24.53 -36.99 17.18
CA ARG C 112 -25.56 -36.17 17.82
C ARG C 112 -25.07 -35.52 19.10
N ARG C 113 -23.83 -35.74 19.50
CA ARG C 113 -23.29 -35.13 20.72
C ARG C 113 -24.13 -35.53 21.92
N CYS C 114 -24.53 -36.79 21.99
CA CYS C 114 -25.39 -37.30 23.04
C CYS C 114 -24.58 -38.24 23.93
N LYS C 115 -24.08 -37.70 25.04
CA LYS C 115 -23.45 -38.55 26.06
C LYS C 115 -24.47 -39.21 26.97
N HIS C 116 -25.73 -38.77 26.92
CA HIS C 116 -26.75 -39.30 27.82
C HIS C 116 -27.22 -40.69 27.43
N TYR C 117 -26.85 -41.19 26.26
CA TYR C 117 -27.29 -42.50 25.78
C TYR C 117 -26.19 -43.34 25.19
N VAL C 118 -25.09 -42.76 24.73
CA VAL C 118 -23.96 -43.56 24.27
C VAL C 118 -23.46 -44.43 25.40
N GLU C 119 -23.38 -43.87 26.61
CA GLU C 119 -22.93 -44.65 27.76
C GLU C 119 -23.86 -45.81 28.03
N LEU C 120 -25.17 -45.57 27.97
CA LEU C 120 -26.12 -46.64 28.23
C LEU C 120 -26.00 -47.74 27.20
N LEU C 121 -25.90 -47.37 25.91
CA LEU C 121 -25.87 -48.39 24.87
C LEU C 121 -24.55 -49.17 24.89
N VAL C 122 -23.43 -48.52 25.26
CA VAL C 122 -22.20 -49.28 25.38
C VAL C 122 -22.26 -50.20 26.60
N ALA C 123 -22.83 -49.72 27.70
CA ALA C 123 -23.01 -50.58 28.86
C ALA C 123 -23.86 -51.79 28.50
N GLN C 124 -24.86 -51.61 27.65
CA GLN C 124 -25.62 -52.75 27.13
C GLN C 124 -24.72 -53.69 26.35
N GLY C 125 -23.60 -53.20 25.84
CA GLY C 125 -22.70 -54.01 25.04
C GLY C 125 -22.86 -53.70 23.56
N ALA C 126 -21.96 -52.88 23.03
CA ALA C 126 -22.02 -52.45 21.64
C ALA C 126 -20.62 -52.44 21.05
N ASP C 127 -20.54 -52.67 19.75
CA ASP C 127 -19.26 -52.65 19.05
C ASP C 127 -18.70 -51.24 19.09
N VAL C 128 -17.45 -51.11 19.54
CA VAL C 128 -16.82 -49.81 19.73
C VAL C 128 -15.64 -49.68 18.76
N HIS C 129 -15.62 -50.51 17.72
CA HIS C 129 -14.56 -50.46 16.73
C HIS C 129 -15.11 -50.67 15.34
N ALA C 130 -16.34 -50.24 15.11
CA ALA C 130 -16.93 -50.35 13.78
C ALA C 130 -16.19 -49.44 12.81
N GLN C 131 -15.77 -50.00 11.68
CA GLN C 131 -14.97 -49.27 10.70
C GLN C 131 -15.89 -48.60 9.70
N ALA C 132 -15.88 -47.27 9.68
CA ALA C 132 -16.75 -46.50 8.80
C ALA C 132 -15.94 -46.06 7.58
N ARG C 133 -15.81 -46.97 6.63
CA ARG C 133 -15.04 -46.71 5.40
C ARG C 133 -15.97 -46.22 4.29
N GLY C 134 -16.75 -45.19 4.61
CA GLY C 134 -17.79 -44.73 3.72
C GLY C 134 -17.36 -43.65 2.75
N ARG C 135 -18.12 -43.57 1.66
CA ARG C 135 -17.92 -42.47 0.70
C ARG C 135 -18.19 -41.13 1.35
N PHE C 136 -19.23 -41.05 2.18
CA PHE C 136 -19.48 -39.86 2.98
C PHE C 136 -18.42 -39.65 4.05
N PHE C 137 -17.56 -40.64 4.28
CA PHE C 137 -16.54 -40.61 5.31
C PHE C 137 -15.13 -40.58 4.72
N GLN C 138 -14.92 -39.77 3.69
CA GLN C 138 -13.66 -39.69 2.99
C GLN C 138 -13.36 -38.22 2.71
N PRO C 139 -12.08 -37.83 2.61
CA PRO C 139 -11.75 -36.39 2.68
C PRO C 139 -12.49 -35.56 1.65
N LYS C 140 -12.82 -34.33 2.05
CA LYS C 140 -13.61 -33.44 1.20
C LYS C 140 -12.95 -33.27 -0.16
N ASP C 141 -11.67 -32.90 -0.19
CA ASP C 141 -11.00 -32.65 -1.46
C ASP C 141 -10.96 -33.91 -2.32
N GLU C 142 -11.15 -35.09 -1.74
CA GLU C 142 -11.17 -36.32 -2.50
C GLU C 142 -12.56 -36.64 -3.05
N GLY C 143 -13.62 -36.12 -2.44
CA GLY C 143 -14.96 -36.33 -2.94
C GLY C 143 -16.01 -36.51 -1.87
N GLY C 144 -15.58 -36.76 -0.63
CA GLY C 144 -16.50 -36.96 0.47
C GLY C 144 -16.95 -35.65 1.09
N TYR C 145 -17.55 -35.75 2.27
CA TYR C 145 -18.09 -34.61 2.97
C TYR C 145 -17.42 -34.36 4.32
N PHE C 146 -17.26 -35.39 5.13
CA PHE C 146 -16.62 -35.24 6.44
C PHE C 146 -15.76 -36.45 6.71
N TYR C 147 -14.46 -36.23 6.89
CA TYR C 147 -13.50 -37.30 7.15
C TYR C 147 -13.03 -37.22 8.59
N PHE C 148 -13.08 -38.36 9.29
CA PHE C 148 -12.75 -38.36 10.70
C PHE C 148 -11.87 -39.53 11.13
N GLY C 149 -11.43 -40.38 10.22
CA GLY C 149 -10.58 -41.49 10.56
C GLY C 149 -11.29 -42.83 10.67
N GLU C 150 -12.58 -42.89 10.37
CA GLU C 150 -13.30 -44.15 10.25
C GLU C 150 -13.32 -44.94 11.55
N LEU C 151 -13.17 -44.28 12.69
CA LEU C 151 -13.24 -44.95 13.99
C LEU C 151 -14.24 -44.26 14.89
N PRO C 152 -14.95 -45.02 15.72
CA PRO C 152 -15.90 -44.39 16.64
C PRO C 152 -15.22 -43.45 17.62
N LEU C 153 -14.17 -43.93 18.28
CA LEU C 153 -13.44 -43.06 19.20
C LEU C 153 -12.81 -41.90 18.46
N SER C 154 -12.24 -42.15 17.28
CA SER C 154 -11.71 -41.05 16.49
C SER C 154 -12.81 -40.09 16.11
N LEU C 155 -14.03 -40.59 15.96
CA LEU C 155 -15.16 -39.72 15.63
C LEU C 155 -15.54 -38.85 16.82
N ALA C 156 -15.48 -39.40 18.04
CA ALA C 156 -15.72 -38.60 19.22
C ALA C 156 -14.61 -37.58 19.41
N ALA C 157 -13.37 -37.97 19.10
CA ALA C 157 -12.24 -37.08 19.25
C ALA C 157 -12.31 -35.93 18.27
N CYS C 158 -12.58 -36.25 17.00
CA CYS C 158 -12.60 -35.22 15.97
C CYS C 158 -13.68 -34.19 16.25
N THR C 159 -14.86 -34.64 16.64
CA THR C 159 -16.02 -33.78 16.83
C THR C 159 -16.00 -33.05 18.18
N ASN C 160 -14.85 -32.99 18.85
CA ASN C 160 -14.70 -32.24 20.10
C ASN C 160 -15.64 -32.77 21.18
N GLN C 161 -15.39 -34.02 21.58
CA GLN C 161 -16.17 -34.68 22.63
C GLN C 161 -15.21 -35.31 23.64
N PRO C 162 -14.51 -34.48 24.42
CA PRO C 162 -13.57 -35.05 25.40
C PRO C 162 -14.23 -36.01 26.36
N HIS C 163 -15.46 -35.71 26.80
CA HIS C 163 -16.13 -36.60 27.74
C HIS C 163 -16.38 -37.96 27.12
N ILE C 164 -16.77 -37.98 25.85
CA ILE C 164 -17.00 -39.27 25.19
C ILE C 164 -15.71 -40.07 25.13
N VAL C 165 -14.61 -39.41 24.77
CA VAL C 165 -13.33 -40.14 24.69
C VAL C 165 -12.97 -40.70 26.05
N ASN C 166 -13.10 -39.87 27.09
CA ASN C 166 -12.74 -40.31 28.43
C ASN C 166 -13.58 -41.51 28.84
N TYR C 167 -14.90 -41.40 28.72
CA TYR C 167 -15.77 -42.51 29.12
C TYR C 167 -15.50 -43.74 28.28
N LEU C 168 -15.33 -43.57 26.97
CA LEU C 168 -15.16 -44.72 26.09
C LEU C 168 -13.88 -45.47 26.40
N THR C 169 -12.81 -44.74 26.72
CA THR C 169 -11.56 -45.39 27.11
C THR C 169 -11.55 -45.85 28.55
N GLU C 170 -12.52 -45.41 29.37
CA GLU C 170 -12.60 -45.81 30.76
C GLU C 170 -13.96 -46.41 31.11
N ASN C 171 -14.72 -46.87 30.13
CA ASN C 171 -15.99 -47.49 30.42
C ASN C 171 -15.76 -48.85 31.09
N PRO C 172 -16.65 -49.24 32.01
CA PRO C 172 -16.47 -50.55 32.66
C PRO C 172 -16.44 -51.70 31.67
N HIS C 173 -17.22 -51.60 30.60
CA HIS C 173 -17.28 -52.64 29.59
C HIS C 173 -16.17 -52.42 28.57
N LYS C 174 -16.26 -53.11 27.44
CA LYS C 174 -15.28 -52.97 26.36
C LYS C 174 -14.90 -51.51 26.15
N LYS C 175 -13.60 -51.25 26.16
CA LYS C 175 -13.05 -49.92 25.93
C LYS C 175 -12.59 -49.80 24.47
N ALA C 176 -12.07 -48.62 24.15
CA ALA C 176 -11.54 -48.35 22.82
C ALA C 176 -10.06 -48.05 22.92
N ASP C 177 -9.27 -48.70 22.06
CA ASP C 177 -7.83 -48.49 22.02
C ASP C 177 -7.48 -47.42 21.01
N MET C 178 -6.77 -46.39 21.45
CA MET C 178 -6.40 -45.31 20.54
C MET C 178 -5.44 -45.77 19.45
N ARG C 179 -4.67 -46.82 19.71
CA ARG C 179 -3.67 -47.24 18.74
C ARG C 179 -4.31 -47.72 17.44
N ARG C 180 -5.43 -48.44 17.53
CA ARG C 180 -6.03 -49.05 16.36
C ARG C 180 -6.23 -48.00 15.27
N GLN C 181 -5.89 -48.37 14.05
CA GLN C 181 -5.91 -47.47 12.92
C GLN C 181 -7.04 -47.85 11.97
N ASP C 182 -7.07 -47.19 10.82
CA ASP C 182 -8.18 -47.30 9.86
C ASP C 182 -7.64 -47.70 8.50
N SER C 183 -8.49 -47.58 7.48
CA SER C 183 -8.12 -48.02 6.14
C SER C 183 -6.78 -47.42 5.72
N ARG C 184 -6.61 -46.12 5.91
CA ARG C 184 -5.35 -45.45 5.60
C ARG C 184 -4.37 -45.51 6.76
N GLY C 185 -4.64 -46.34 7.77
CA GLY C 185 -3.75 -46.46 8.91
C GLY C 185 -3.59 -45.17 9.68
N ASN C 186 -4.68 -44.43 9.88
CA ASN C 186 -4.59 -43.08 10.41
C ASN C 186 -4.47 -43.08 11.93
N THR C 187 -5.49 -43.59 12.62
CA THR C 187 -5.58 -43.47 14.07
C THR C 187 -6.05 -42.09 14.47
N VAL C 188 -6.34 -41.92 15.76
CA VAL C 188 -6.92 -40.68 16.24
C VAL C 188 -6.02 -39.51 15.91
N LEU C 189 -4.71 -39.69 16.05
CA LEU C 189 -3.78 -38.57 15.84
C LEU C 189 -3.82 -38.12 14.39
N HIS C 190 -3.76 -39.06 13.45
CA HIS C 190 -3.81 -38.68 12.05
C HIS C 190 -5.13 -38.01 11.71
N ALA C 191 -6.23 -38.58 12.18
CA ALA C 191 -7.53 -37.98 11.87
C ALA C 191 -7.60 -36.57 12.44
N LEU C 192 -7.11 -36.39 13.65
CA LEU C 192 -7.22 -35.10 14.32
C LEU C 192 -6.27 -34.08 13.72
N VAL C 193 -5.19 -34.53 13.08
CA VAL C 193 -4.41 -33.62 12.26
C VAL C 193 -5.18 -33.25 11.00
N ALA C 194 -5.90 -34.23 10.43
CA ALA C 194 -6.60 -33.99 9.18
C ALA C 194 -7.68 -32.93 9.35
N ILE C 195 -8.54 -33.10 10.36
CA ILE C 195 -9.64 -32.15 10.49
C ILE C 195 -9.16 -30.77 10.92
N ALA C 196 -7.93 -30.67 11.40
CA ALA C 196 -7.46 -29.40 11.93
C ALA C 196 -7.37 -28.35 10.84
N ASP C 197 -7.49 -27.09 11.25
CA ASP C 197 -7.26 -25.95 10.37
C ASP C 197 -6.21 -25.05 11.00
N ASN C 198 -6.02 -23.85 10.44
CA ASN C 198 -5.11 -22.88 11.01
C ASN C 198 -5.84 -21.75 11.74
N THR C 199 -7.11 -21.95 12.08
CA THR C 199 -7.88 -20.94 12.79
C THR C 199 -7.51 -20.99 14.28
N ARG C 200 -8.29 -20.29 15.11
CA ARG C 200 -8.05 -20.29 16.55
C ARG C 200 -9.01 -21.20 17.31
N GLU C 201 -10.31 -21.09 17.04
CA GLU C 201 -11.27 -21.96 17.72
C GLU C 201 -11.00 -23.42 17.39
N ASN C 202 -10.73 -23.72 16.11
CA ASN C 202 -10.43 -25.09 15.73
C ASN C 202 -9.11 -25.56 16.33
N THR C 203 -8.08 -24.73 16.25
CA THR C 203 -6.75 -25.13 16.68
C THR C 203 -6.62 -25.25 18.19
N LYS C 204 -7.63 -24.82 18.96
CA LYS C 204 -7.56 -24.90 20.40
C LYS C 204 -7.99 -26.28 20.90
N PHE C 205 -9.24 -26.67 20.60
CA PHE C 205 -9.69 -27.98 21.02
C PHE C 205 -8.85 -29.07 20.38
N VAL C 206 -8.49 -28.89 19.10
CA VAL C 206 -7.69 -29.91 18.43
C VAL C 206 -6.38 -30.13 19.17
N THR C 207 -5.63 -29.05 19.41
CA THR C 207 -4.32 -29.22 20.02
C THR C 207 -4.45 -29.76 21.43
N LYS C 208 -5.36 -29.20 22.22
CA LYS C 208 -5.48 -29.64 23.62
C LYS C 208 -5.86 -31.12 23.67
N MET C 209 -6.93 -31.48 22.97
CA MET C 209 -7.38 -32.86 23.01
C MET C 209 -6.39 -33.80 22.34
N TYR C 210 -5.58 -33.31 21.41
CA TYR C 210 -4.60 -34.18 20.77
C TYR C 210 -3.48 -34.51 21.72
N ASP C 211 -2.98 -33.50 22.44
CA ASP C 211 -2.07 -33.77 23.53
C ASP C 211 -2.71 -34.71 24.55
N LEU C 212 -4.01 -34.54 24.79
CA LEU C 212 -4.69 -35.40 25.75
C LEU C 212 -4.65 -36.86 25.30
N LEU C 213 -4.96 -37.11 24.03
CA LEU C 213 -4.91 -38.48 23.51
C LEU C 213 -3.49 -39.04 23.58
N LEU C 214 -2.50 -38.25 23.17
CA LEU C 214 -1.13 -38.75 23.22
C LEU C 214 -0.74 -39.12 24.64
N LEU C 215 -1.06 -38.25 25.60
CA LEU C 215 -0.66 -38.46 26.98
C LEU C 215 -1.43 -39.64 27.58
N LYS C 216 -2.68 -39.82 27.18
CA LYS C 216 -3.44 -40.98 27.63
C LYS C 216 -2.83 -42.27 27.11
N CYS C 217 -2.52 -42.32 25.82
CA CYS C 217 -1.85 -43.51 25.29
C CYS C 217 -0.54 -43.75 26.02
N SER C 218 0.14 -42.67 26.40
CA SER C 218 1.40 -42.83 27.12
C SER C 218 1.17 -43.51 28.46
N ARG C 219 0.25 -42.97 29.27
CA ARG C 219 0.00 -43.62 30.57
C ARG C 219 -0.43 -45.06 30.38
N LEU C 220 -1.37 -45.30 29.47
CA LEU C 220 -1.85 -46.66 29.26
C LEU C 220 -0.71 -47.55 28.79
N PHE C 221 0.13 -47.05 27.89
CA PHE C 221 1.23 -47.82 27.31
C PHE C 221 2.42 -46.89 27.07
N PRO C 222 3.39 -46.88 27.99
CA PRO C 222 4.59 -46.05 27.79
C PRO C 222 5.61 -46.65 26.84
N ASP C 223 5.34 -47.83 26.28
CA ASP C 223 6.32 -48.48 25.40
C ASP C 223 6.58 -47.63 24.17
N SER C 224 5.53 -47.11 23.54
CA SER C 224 5.66 -46.38 22.28
C SER C 224 4.68 -45.22 22.29
N ASN C 225 5.19 -44.00 22.16
CA ASN C 225 4.31 -42.84 22.03
C ASN C 225 3.50 -42.97 20.75
N LEU C 226 2.22 -42.63 20.84
CA LEU C 226 1.30 -42.85 19.74
C LEU C 226 1.72 -42.09 18.49
N GLU C 227 2.51 -41.03 18.62
CA GLU C 227 2.87 -40.22 17.45
C GLU C 227 3.64 -41.02 16.42
N THR C 228 4.25 -42.14 16.81
CA THR C 228 5.11 -42.88 15.90
C THR C 228 4.36 -43.84 15.00
N VAL C 229 3.04 -43.96 15.15
CA VAL C 229 2.26 -44.85 14.28
C VAL C 229 2.02 -44.15 12.96
N LEU C 230 2.55 -44.74 11.89
CA LEU C 230 2.53 -44.12 10.57
C LEU C 230 1.40 -44.69 9.72
N ASN C 231 0.79 -43.81 8.92
CA ASN C 231 -0.25 -44.21 8.01
C ASN C 231 0.35 -45.03 6.87
N ASN C 232 -0.52 -45.59 6.03
CA ASN C 232 -0.04 -46.31 4.85
C ASN C 232 0.84 -45.43 3.99
N ASP C 233 0.61 -44.12 3.99
CA ASP C 233 1.49 -43.19 3.31
C ASP C 233 2.86 -43.08 3.96
N GLY C 234 3.03 -43.62 5.16
CA GLY C 234 4.29 -43.54 5.87
C GLY C 234 4.66 -42.11 6.20
N LEU C 235 3.71 -41.34 6.74
CA LEU C 235 3.92 -39.93 7.02
C LEU C 235 4.08 -39.64 8.51
N SER C 236 3.12 -40.04 9.32
CA SER C 236 3.09 -39.79 10.76
C SER C 236 2.47 -38.43 11.03
N PRO C 237 1.84 -38.25 12.20
CA PRO C 237 1.00 -37.06 12.39
C PRO C 237 1.72 -35.75 12.14
N LEU C 238 2.96 -35.61 12.62
CA LEU C 238 3.68 -34.38 12.38
C LEU C 238 3.88 -34.17 10.88
N MET C 239 4.25 -35.23 10.18
CA MET C 239 4.50 -35.10 8.74
C MET C 239 3.23 -34.74 8.00
N MET C 240 2.11 -35.36 8.36
CA MET C 240 0.85 -35.01 7.72
C MET C 240 0.47 -33.58 8.00
N ALA C 241 0.68 -33.12 9.23
CA ALA C 241 0.40 -31.74 9.56
C ALA C 241 1.23 -30.80 8.73
N ALA C 242 2.50 -31.13 8.53
CA ALA C 242 3.37 -30.28 7.72
C ALA C 242 2.94 -30.27 6.26
N LYS C 243 2.70 -31.46 5.70
CA LYS C 243 2.43 -31.59 4.27
C LYS C 243 1.10 -30.94 3.91
N THR C 244 0.03 -31.28 4.64
CA THR C 244 -1.28 -30.75 4.30
C THR C 244 -1.36 -29.25 4.51
N GLY C 245 -0.41 -28.65 5.22
CA GLY C 245 -0.40 -27.22 5.43
C GLY C 245 -1.11 -26.81 6.71
N LYS C 246 -0.95 -27.61 7.75
CA LYS C 246 -1.63 -27.39 9.02
C LYS C 246 -0.67 -26.67 9.96
N ILE C 247 -0.53 -25.36 9.76
CA ILE C 247 0.31 -24.58 10.67
C ILE C 247 -0.25 -24.62 12.07
N GLY C 248 -1.58 -24.70 12.22
CA GLY C 248 -2.17 -24.63 13.54
C GLY C 248 -1.69 -25.74 14.46
N VAL C 249 -1.69 -26.98 13.97
CA VAL C 249 -1.23 -28.09 14.79
C VAL C 249 0.27 -28.27 14.70
N PHE C 250 0.88 -27.92 13.57
CA PHE C 250 2.32 -28.03 13.46
C PHE C 250 3.03 -27.11 14.45
N GLN C 251 2.53 -25.89 14.60
CA GLN C 251 3.16 -24.95 15.51
C GLN C 251 3.20 -25.48 16.93
N HIS C 252 2.32 -26.42 17.26
CA HIS C 252 2.25 -26.95 18.61
C HIS C 252 2.94 -28.29 18.74
N ILE C 253 2.90 -29.12 17.70
CA ILE C 253 3.48 -30.45 17.80
C ILE C 253 4.98 -30.39 17.97
N ILE C 254 5.61 -29.28 17.59
CA ILE C 254 7.06 -29.19 17.72
C ILE C 254 7.46 -28.65 19.09
N ARG C 255 6.60 -27.86 19.73
CA ARG C 255 6.87 -27.27 21.03
C ARG C 255 6.14 -27.99 22.16
N ARG C 256 5.80 -29.26 21.98
CA ARG C 256 5.13 -30.00 23.04
C ARG C 256 6.16 -30.52 24.05
N GLU C 257 5.97 -30.16 25.32
CA GLU C 257 6.92 -30.51 26.36
C GLU C 257 6.20 -30.94 27.63
N VAL C 258 5.18 -31.79 27.49
CA VAL C 258 4.29 -32.13 28.60
C VAL C 258 5.12 -32.35 29.87
N THR C 259 4.76 -31.65 30.93
CA THR C 259 5.64 -31.54 32.09
C THR C 259 5.65 -32.81 32.93
N ASP C 260 4.58 -33.59 32.90
CA ASP C 260 4.49 -34.78 33.74
C ASP C 260 5.69 -35.68 33.54
N GLU C 261 6.49 -35.84 34.60
CA GLU C 261 7.76 -36.55 34.48
C GLU C 261 7.53 -38.01 34.08
N ASP C 262 6.50 -38.65 34.63
CA ASP C 262 6.22 -40.03 34.26
C ASP C 262 5.99 -40.17 32.76
N THR C 263 5.54 -39.11 32.10
CA THR C 263 5.31 -39.11 30.66
C THR C 263 5.94 -37.91 29.98
N ARG C 264 6.93 -37.29 30.60
CA ARG C 264 7.62 -36.16 29.98
C ARG C 264 8.50 -36.60 28.82
N HIS C 265 8.92 -37.87 28.79
CA HIS C 265 9.90 -38.30 27.81
C HIS C 265 9.41 -38.06 26.39
N LEU C 266 8.11 -38.05 26.18
CA LEU C 266 7.54 -37.77 24.86
C LEU C 266 7.37 -36.28 24.64
N SER C 267 8.42 -35.52 24.93
CA SER C 267 8.41 -34.09 24.79
C SER C 267 9.30 -33.66 23.62
N ARG C 268 9.10 -32.43 23.17
CA ARG C 268 9.92 -31.86 22.11
C ARG C 268 10.74 -30.68 22.58
N LYS C 269 10.11 -29.62 23.08
CA LYS C 269 10.86 -28.42 23.49
C LYS C 269 11.52 -28.69 24.84
N PHE C 270 12.45 -29.63 24.82
CA PHE C 270 13.27 -29.87 26.00
C PHE C 270 13.89 -28.57 26.45
N LYS C 271 13.82 -28.29 27.74
CA LYS C 271 14.42 -27.11 28.32
C LYS C 271 15.59 -27.55 29.17
N ASP C 272 16.77 -26.99 28.89
CA ASP C 272 18.01 -27.48 29.49
C ASP C 272 18.65 -26.49 30.45
N TRP C 273 18.81 -25.23 30.07
CA TRP C 273 19.50 -24.30 30.94
C TRP C 273 19.17 -22.87 30.55
N ALA C 274 19.65 -21.96 31.39
CA ALA C 274 19.43 -20.54 31.21
C ALA C 274 20.33 -19.80 32.18
N TYR C 275 20.87 -18.67 31.75
CA TYR C 275 21.79 -17.92 32.59
C TYR C 275 21.10 -16.76 33.30
N GLY C 276 19.78 -16.66 33.13
CA GLY C 276 18.96 -15.69 33.82
C GLY C 276 18.24 -14.77 32.86
N PRO C 277 18.94 -14.23 31.88
CA PRO C 277 18.28 -13.48 30.81
C PRO C 277 18.14 -14.28 29.53
N VAL C 278 18.81 -15.42 29.46
CA VAL C 278 18.91 -16.21 28.23
C VAL C 278 18.47 -17.63 28.53
N TYR C 279 17.51 -18.12 27.75
CA TYR C 279 16.99 -19.48 27.86
C TYR C 279 17.47 -20.27 26.64
N SER C 280 18.14 -21.40 26.88
CA SER C 280 18.68 -22.21 25.81
C SER C 280 17.77 -23.43 25.64
N SER C 281 16.78 -23.30 24.77
CA SER C 281 15.87 -24.39 24.51
C SER C 281 16.56 -25.46 23.67
N LEU C 282 16.12 -26.70 23.84
CA LEU C 282 16.82 -27.84 23.27
C LEU C 282 15.94 -28.62 22.29
N TYR C 283 15.24 -27.93 21.38
CA TYR C 283 14.23 -28.56 20.54
C TYR C 283 14.68 -29.92 20.06
N ASP C 284 13.75 -30.86 20.03
CA ASP C 284 14.05 -32.23 19.66
C ASP C 284 13.63 -32.43 18.22
N LEU C 285 14.59 -32.34 17.30
CA LEU C 285 14.32 -32.63 15.90
C LEU C 285 14.63 -34.09 15.60
N SER C 286 14.00 -34.97 16.37
CA SER C 286 14.16 -36.40 16.14
C SER C 286 13.61 -36.83 14.79
N SER C 287 12.81 -35.99 14.13
CA SER C 287 12.27 -36.33 12.82
C SER C 287 12.23 -35.16 11.86
N LEU C 288 12.94 -34.06 12.13
CA LEU C 288 13.02 -32.98 11.16
C LEU C 288 14.20 -33.13 10.22
N ASP C 289 15.06 -34.14 10.41
CA ASP C 289 16.03 -34.50 9.39
C ASP C 289 16.54 -35.89 9.72
N THR C 290 16.25 -36.86 8.84
CA THR C 290 16.70 -38.24 9.01
C THR C 290 18.10 -38.46 8.46
N CYS C 291 18.87 -37.40 8.25
CA CYS C 291 20.19 -37.50 7.65
C CYS C 291 20.11 -38.25 6.32
N GLY C 292 19.08 -37.95 5.53
CA GLY C 292 18.91 -38.62 4.26
C GLY C 292 18.62 -40.10 4.37
N GLU C 293 18.29 -40.58 5.56
CA GLU C 293 17.98 -41.99 5.75
C GLU C 293 16.53 -42.29 5.38
N GLU C 294 15.60 -41.52 5.91
CA GLU C 294 14.18 -41.67 5.61
C GLU C 294 13.61 -40.30 5.32
N VAL C 295 12.28 -40.23 5.18
CA VAL C 295 11.62 -38.97 4.90
C VAL C 295 11.93 -37.97 6.01
N SER C 296 12.09 -36.70 5.63
CA SER C 296 12.47 -35.64 6.55
C SER C 296 11.51 -34.47 6.42
N VAL C 297 11.11 -33.91 7.56
CA VAL C 297 10.10 -32.86 7.55
C VAL C 297 10.57 -31.66 6.74
N LEU C 298 11.85 -31.31 6.85
CA LEU C 298 12.34 -30.15 6.13
C LEU C 298 12.22 -30.35 4.62
N GLU C 299 12.54 -31.56 4.15
CA GLU C 299 12.44 -31.83 2.71
C GLU C 299 11.01 -31.65 2.23
N ILE C 300 10.06 -32.29 2.90
CA ILE C 300 8.66 -32.16 2.49
C ILE C 300 8.21 -30.72 2.59
N LEU C 301 8.67 -30.01 3.61
CA LEU C 301 8.24 -28.62 3.79
C LEU C 301 8.72 -27.75 2.65
N VAL C 302 9.97 -27.91 2.21
CA VAL C 302 10.56 -26.96 1.27
C VAL C 302 10.39 -27.41 -0.17
N TYR C 303 10.79 -28.64 -0.51
CA TYR C 303 10.72 -29.06 -1.91
C TYR C 303 9.29 -29.10 -2.40
N ASN C 304 8.39 -29.69 -1.63
CA ASN C 304 7.01 -29.83 -2.07
C ASN C 304 6.42 -28.46 -2.38
N SER C 305 5.77 -28.36 -3.54
CA SER C 305 5.13 -27.11 -3.96
C SER C 305 3.65 -27.07 -3.66
N LYS C 306 3.02 -28.22 -3.45
CA LYS C 306 1.60 -28.28 -3.13
C LYS C 306 1.29 -27.75 -1.74
N ILE C 307 2.31 -27.49 -0.92
CA ILE C 307 2.08 -27.00 0.43
C ILE C 307 1.28 -25.71 0.37
N GLU C 308 0.21 -25.64 1.16
CA GLU C 308 -0.71 -24.51 1.06
C GLU C 308 -0.06 -23.21 1.50
N ASN C 309 0.57 -23.19 2.68
CA ASN C 309 1.14 -21.97 3.25
C ASN C 309 2.50 -22.29 3.87
N ARG C 310 3.55 -22.16 3.08
CA ARG C 310 4.91 -22.27 3.57
C ARG C 310 5.45 -20.94 4.05
N HIS C 311 4.67 -19.87 3.95
CA HIS C 311 5.16 -18.56 4.36
C HIS C 311 5.50 -18.55 5.84
N GLU C 312 4.64 -19.13 6.67
CA GLU C 312 4.84 -19.11 8.11
C GLU C 312 5.42 -20.41 8.65
N MET C 313 5.15 -21.53 7.98
CA MET C 313 5.62 -22.81 8.52
C MET C 313 7.13 -22.84 8.64
N LEU C 314 7.86 -22.32 7.64
CA LEU C 314 9.30 -22.26 7.76
C LEU C 314 9.74 -21.46 8.96
N ALA C 315 8.91 -20.52 9.42
CA ALA C 315 9.20 -19.70 10.57
C ALA C 315 8.73 -20.33 11.87
N VAL C 316 8.51 -21.64 11.89
CA VAL C 316 8.02 -22.30 13.11
C VAL C 316 8.98 -22.01 14.27
N GLU C 317 10.28 -22.17 14.03
CA GLU C 317 11.37 -21.71 14.89
C GLU C 317 12.53 -22.69 14.81
N PRO C 318 12.37 -23.94 15.24
CA PRO C 318 13.49 -24.88 15.10
C PRO C 318 13.94 -25.05 13.67
N ILE C 319 13.01 -25.01 12.71
CA ILE C 319 13.37 -25.13 11.31
C ILE C 319 14.12 -23.89 10.83
N ASN C 320 13.58 -22.71 11.15
CA ASN C 320 14.21 -21.48 10.68
C ASN C 320 15.63 -21.35 11.17
N GLU C 321 15.92 -21.90 12.34
CA GLU C 321 17.27 -21.86 12.89
C GLU C 321 18.11 -23.05 12.44
N LEU C 322 17.49 -24.19 12.15
CA LEU C 322 18.24 -25.31 11.59
C LEU C 322 18.79 -24.97 10.22
N LEU C 323 18.02 -24.22 9.42
CA LEU C 323 18.54 -23.78 8.13
C LEU C 323 19.77 -22.90 8.32
N ARG C 324 19.71 -21.97 9.26
CA ARG C 324 20.87 -21.11 9.53
C ARG C 324 22.05 -21.93 10.00
N ASP C 325 21.81 -22.92 10.86
CA ASP C 325 22.90 -23.76 11.33
C ASP C 325 23.55 -24.52 10.18
N LYS C 326 22.74 -25.07 9.28
CA LYS C 326 23.31 -25.75 8.11
C LYS C 326 24.10 -24.76 7.26
N TRP C 327 23.57 -23.55 7.08
CA TRP C 327 24.29 -22.53 6.33
C TRP C 327 25.67 -22.29 6.92
N ARG C 328 25.73 -22.05 8.23
CA ARG C 328 27.00 -21.75 8.87
C ARG C 328 27.96 -22.92 8.80
N LYS C 329 27.46 -24.13 9.05
CA LYS C 329 28.34 -25.29 9.13
C LYS C 329 28.85 -25.69 7.74
N PHE C 330 27.95 -26.04 6.85
CA PHE C 330 28.31 -26.55 5.53
C PHE C 330 27.39 -25.97 4.47
N GLY C 331 27.15 -24.67 4.53
CA GLY C 331 26.31 -24.01 3.55
C GLY C 331 27.00 -22.90 2.79
N ALA C 332 28.01 -22.28 3.40
CA ALA C 332 28.79 -21.25 2.71
C ALA C 332 29.99 -21.87 2.00
N VAL C 333 30.72 -22.74 2.70
CA VAL C 333 31.88 -23.39 2.11
C VAL C 333 31.49 -24.11 0.84
N SER C 334 30.59 -25.09 0.95
CA SER C 334 30.27 -25.93 -0.20
C SER C 334 29.64 -25.12 -1.32
N PHE C 335 28.77 -24.16 -0.97
CA PHE C 335 28.11 -23.39 -2.01
C PHE C 335 29.10 -22.55 -2.80
N TYR C 336 30.05 -21.89 -2.12
CA TYR C 336 31.03 -21.08 -2.83
C TYR C 336 31.98 -21.95 -3.64
N ILE C 337 32.41 -23.08 -3.08
CA ILE C 337 33.21 -24.01 -3.87
C ILE C 337 32.46 -24.40 -5.13
N ASN C 338 31.17 -24.72 -4.99
CA ASN C 338 30.39 -25.12 -6.15
C ASN C 338 30.28 -24.02 -7.18
N VAL C 339 29.98 -22.79 -6.74
CA VAL C 339 29.78 -21.71 -7.70
C VAL C 339 31.08 -21.41 -8.42
N VAL C 340 32.19 -21.36 -7.69
CA VAL C 340 33.47 -21.10 -8.35
C VAL C 340 33.81 -22.23 -9.31
N SER C 341 33.59 -23.48 -8.88
CA SER C 341 33.90 -24.61 -9.76
C SER C 341 33.09 -24.53 -11.04
N TYR C 342 31.79 -24.27 -10.93
CA TYR C 342 30.94 -24.19 -12.11
C TYR C 342 31.33 -23.02 -13.00
N LEU C 343 31.55 -21.84 -12.42
CA LEU C 343 31.88 -20.67 -13.22
C LEU C 343 33.20 -20.87 -13.95
N CYS C 344 34.21 -21.41 -13.26
CA CYS C 344 35.49 -21.68 -13.92
C CYS C 344 35.33 -22.76 -14.98
N ALA C 345 34.49 -23.77 -14.71
CA ALA C 345 34.26 -24.80 -15.71
C ALA C 345 33.68 -24.20 -16.99
N MET C 346 32.72 -23.28 -16.83
CA MET C 346 32.11 -22.67 -18.02
C MET C 346 33.08 -21.73 -18.71
N VAL C 347 33.90 -21.00 -17.95
CA VAL C 347 34.89 -20.12 -18.59
C VAL C 347 35.89 -20.93 -19.38
N ILE C 348 36.38 -22.04 -18.82
CA ILE C 348 37.29 -22.88 -19.57
C ILE C 348 36.56 -23.51 -20.75
N PHE C 349 35.26 -23.75 -20.62
CA PHE C 349 34.49 -24.24 -21.75
C PHE C 349 34.49 -23.21 -22.87
N THR C 350 34.27 -21.95 -22.53
CA THR C 350 34.28 -20.88 -23.53
C THR C 350 35.65 -20.75 -24.18
N LEU C 351 36.72 -20.82 -23.39
CA LEU C 351 38.07 -20.68 -23.94
C LEU C 351 38.57 -21.98 -24.57
N THR C 352 37.82 -23.07 -24.42
CA THR C 352 38.02 -24.22 -25.30
C THR C 352 37.30 -24.01 -26.61
N ALA C 353 36.14 -23.35 -26.57
CA ALA C 353 35.42 -23.05 -27.80
C ALA C 353 36.23 -22.11 -28.68
N TYR C 354 36.67 -20.98 -28.12
CA TYR C 354 37.43 -20.01 -28.90
C TYR C 354 38.68 -20.65 -29.49
N TYR C 355 39.29 -21.57 -28.75
CA TYR C 355 40.41 -22.34 -29.27
C TYR C 355 39.98 -23.60 -30.01
N GLN C 356 38.67 -23.89 -30.06
CA GLN C 356 38.17 -25.18 -30.52
C GLN C 356 38.95 -25.66 -31.74
N PRO C 357 39.21 -26.97 -31.86
CA PRO C 357 40.04 -27.47 -32.97
C PRO C 357 39.80 -26.77 -34.29
N LEU C 358 40.85 -26.19 -34.84
CA LEU C 358 40.78 -25.38 -36.05
C LEU C 358 41.38 -26.14 -37.23
N GLU C 359 41.14 -25.61 -38.42
CA GLU C 359 41.65 -26.19 -39.66
C GLU C 359 41.26 -27.67 -39.75
N GLY C 360 40.00 -27.97 -39.44
CA GLY C 360 39.56 -29.34 -39.46
C GLY C 360 40.27 -30.16 -38.39
N THR C 361 40.51 -31.43 -38.70
CA THR C 361 41.16 -32.36 -37.79
C THR C 361 40.44 -32.38 -36.44
N PRO C 362 39.16 -32.75 -36.40
CA PRO C 362 38.45 -32.78 -35.13
C PRO C 362 38.90 -33.93 -34.25
N PRO C 363 39.11 -35.15 -34.77
CA PRO C 363 39.28 -36.29 -33.85
C PRO C 363 40.49 -36.18 -32.95
N TYR C 364 41.68 -36.04 -33.53
CA TYR C 364 42.92 -35.97 -32.75
C TYR C 364 43.77 -34.80 -33.24
N PRO C 365 43.41 -33.58 -32.88
CA PRO C 365 44.25 -32.42 -33.24
C PRO C 365 45.40 -32.17 -32.28
N TYR C 366 45.43 -32.85 -31.13
CA TYR C 366 46.40 -32.55 -30.08
C TYR C 366 47.78 -32.98 -30.53
N ARG C 367 48.54 -32.04 -31.09
CA ARG C 367 49.90 -32.34 -31.55
C ARG C 367 50.89 -31.22 -31.26
N THR C 368 50.56 -30.27 -30.38
CA THR C 368 51.46 -29.19 -30.05
C THR C 368 51.10 -28.63 -28.69
N THR C 369 51.97 -27.74 -28.19
CA THR C 369 51.85 -27.27 -26.81
C THR C 369 50.53 -26.54 -26.59
N VAL C 370 50.20 -25.59 -27.46
CA VAL C 370 48.94 -24.87 -27.31
C VAL C 370 47.76 -25.82 -27.50
N ASP C 371 47.85 -26.71 -28.50
CA ASP C 371 46.81 -27.71 -28.67
C ASP C 371 46.80 -28.70 -27.51
N TYR C 372 47.95 -28.98 -26.91
CA TYR C 372 47.95 -29.81 -25.72
C TYR C 372 47.20 -29.14 -24.57
N LEU C 373 47.39 -27.84 -24.41
CA LEU C 373 46.64 -27.10 -23.40
C LEU C 373 45.15 -27.10 -23.72
N ARG C 374 44.81 -26.94 -25.00
CA ARG C 374 43.40 -26.98 -25.38
C ARG C 374 42.79 -28.34 -25.06
N LEU C 375 43.51 -29.42 -25.36
CA LEU C 375 42.99 -30.74 -25.01
C LEU C 375 42.87 -30.91 -23.50
N ALA C 376 43.83 -30.36 -22.74
CA ALA C 376 43.72 -30.43 -21.30
C ALA C 376 42.45 -29.74 -20.82
N GLY C 377 42.19 -28.55 -21.35
CA GLY C 377 40.95 -27.86 -21.01
C GLY C 377 39.72 -28.68 -21.36
N GLU C 378 39.72 -29.25 -22.57
CA GLU C 378 38.57 -30.02 -23.03
C GLU C 378 38.34 -31.24 -22.14
N VAL C 379 39.41 -31.94 -21.77
CA VAL C 379 39.25 -33.16 -20.98
C VAL C 379 38.81 -32.82 -19.57
N ILE C 380 39.36 -31.75 -18.98
CA ILE C 380 38.90 -31.40 -17.64
C ILE C 380 37.44 -30.98 -17.67
N THR C 381 37.03 -30.28 -18.74
CA THR C 381 35.62 -29.89 -18.85
C THR C 381 34.73 -31.11 -19.02
N LEU C 382 35.15 -32.08 -19.82
CA LEU C 382 34.37 -33.31 -19.96
C LEU C 382 34.27 -34.04 -18.63
N PHE C 383 35.37 -34.09 -17.88
CA PHE C 383 35.34 -34.76 -16.58
C PHE C 383 34.41 -34.04 -15.62
N THR C 384 34.43 -32.70 -15.62
CA THR C 384 33.51 -31.95 -14.79
C THR C 384 32.07 -32.23 -15.18
N GLY C 385 31.78 -32.24 -16.49
CA GLY C 385 30.43 -32.51 -16.94
C GLY C 385 29.95 -33.88 -16.51
N VAL C 386 30.78 -34.91 -16.73
CA VAL C 386 30.35 -36.26 -16.39
C VAL C 386 30.24 -36.44 -14.88
N LEU C 387 31.13 -35.80 -14.10
CA LEU C 387 31.07 -35.92 -12.65
C LEU C 387 29.80 -35.28 -12.10
N PHE C 388 29.51 -34.05 -12.50
CA PHE C 388 28.32 -33.40 -11.96
C PHE C 388 27.04 -34.00 -12.55
N PHE C 389 27.15 -34.68 -13.70
CA PHE C 389 26.05 -35.52 -14.17
C PHE C 389 25.87 -36.76 -13.29
N PHE C 390 26.97 -37.35 -12.83
CA PHE C 390 26.87 -38.43 -11.86
C PHE C 390 26.15 -37.94 -10.61
N THR C 391 26.48 -36.73 -10.15
CA THR C 391 25.77 -36.16 -9.01
C THR C 391 24.29 -36.01 -9.31
N SER C 392 23.95 -35.51 -10.51
CA SER C 392 22.55 -35.32 -10.84
C SER C 392 21.79 -36.64 -10.87
N ILE C 393 22.39 -37.69 -11.44
CA ILE C 393 21.69 -38.96 -11.54
C ILE C 393 21.53 -39.61 -10.17
N LYS C 394 22.58 -39.54 -9.33
CA LYS C 394 22.50 -40.17 -8.02
C LYS C 394 21.32 -39.64 -7.21
N ASP C 395 20.90 -38.42 -7.50
CA ASP C 395 19.78 -37.82 -6.78
C ASP C 395 18.46 -38.30 -7.34
N PHE C 413 15.15 -27.18 -11.89
CA PHE C 413 16.48 -26.76 -12.32
C PHE C 413 17.41 -27.94 -12.46
N GLN C 414 16.96 -29.12 -11.99
CA GLN C 414 17.75 -30.32 -12.21
C GLN C 414 17.62 -30.80 -13.65
N LEU C 415 16.45 -30.61 -14.25
CA LEU C 415 16.29 -30.96 -15.66
C LEU C 415 17.22 -30.12 -16.54
N LEU C 416 17.42 -28.85 -16.17
CA LEU C 416 18.26 -27.98 -16.98
C LEU C 416 19.67 -28.55 -17.07
N TYR C 417 20.28 -28.88 -15.94
CA TYR C 417 21.58 -29.51 -15.99
C TYR C 417 21.52 -30.91 -16.58
N PHE C 418 20.40 -31.63 -16.43
CA PHE C 418 20.33 -32.95 -17.04
C PHE C 418 20.50 -32.85 -18.55
N ILE C 419 19.72 -31.99 -19.20
CA ILE C 419 19.86 -31.80 -20.65
C ILE C 419 21.24 -31.25 -20.97
N TYR C 420 21.70 -30.27 -20.19
CA TYR C 420 23.08 -29.78 -20.31
C TYR C 420 24.05 -30.94 -20.50
N SER C 421 24.12 -31.83 -19.52
CA SER C 421 25.21 -32.78 -19.49
C SER C 421 25.01 -33.90 -20.50
N VAL C 422 23.76 -34.30 -20.76
CA VAL C 422 23.57 -35.27 -21.84
C VAL C 422 24.06 -34.69 -23.15
N LEU C 423 23.75 -33.42 -23.41
CA LEU C 423 24.23 -32.79 -24.63
C LEU C 423 25.75 -32.77 -24.67
N VAL C 424 26.39 -32.39 -23.56
CA VAL C 424 27.85 -32.27 -23.58
C VAL C 424 28.50 -33.63 -23.81
N VAL C 425 28.00 -34.67 -23.14
CA VAL C 425 28.59 -35.98 -23.31
C VAL C 425 28.36 -36.50 -24.72
N VAL C 426 27.19 -36.24 -25.30
CA VAL C 426 26.94 -36.64 -26.68
C VAL C 426 27.92 -35.94 -27.62
N SER C 427 28.12 -34.64 -27.40
CA SER C 427 29.06 -33.89 -28.24
C SER C 427 30.46 -34.44 -28.12
N ALA C 428 30.89 -34.76 -26.90
CA ALA C 428 32.22 -35.35 -26.72
C ALA C 428 32.32 -36.69 -27.43
N ALA C 429 31.25 -37.49 -27.37
CA ALA C 429 31.25 -38.76 -28.07
C ALA C 429 31.41 -38.57 -29.57
N LEU C 430 30.67 -37.61 -30.15
CA LEU C 430 30.84 -37.33 -31.57
C LEU C 430 32.24 -36.84 -31.88
N TYR C 431 32.82 -36.04 -30.98
CA TYR C 431 34.20 -35.59 -31.15
C TYR C 431 35.16 -36.77 -31.21
N LEU C 432 34.91 -37.80 -30.38
CA LEU C 432 35.83 -38.93 -30.33
C LEU C 432 36.10 -39.47 -31.73
N ALA C 433 35.07 -39.56 -32.57
CA ALA C 433 35.23 -40.02 -33.94
C ALA C 433 35.65 -38.92 -34.89
N GLY C 434 35.68 -37.67 -34.44
CA GLY C 434 36.05 -36.56 -35.29
C GLY C 434 35.12 -36.40 -36.48
N ILE C 435 33.82 -36.48 -36.24
CA ILE C 435 32.84 -36.32 -37.31
C ILE C 435 32.70 -34.83 -37.62
N GLU C 436 32.93 -34.47 -38.87
CA GLU C 436 32.95 -33.07 -39.26
C GLU C 436 31.58 -32.43 -39.01
N ALA C 437 31.61 -31.19 -38.54
CA ALA C 437 30.42 -30.37 -38.32
C ALA C 437 29.46 -30.99 -37.31
N TYR C 438 29.85 -32.08 -36.66
CA TYR C 438 29.00 -32.71 -35.66
C TYR C 438 29.16 -32.11 -34.27
N LEU C 439 30.19 -31.30 -34.05
CA LEU C 439 30.35 -30.57 -32.80
C LEU C 439 29.55 -29.28 -32.84
N ALA C 440 28.27 -29.41 -33.18
CA ALA C 440 27.40 -28.26 -33.26
C ALA C 440 26.74 -27.97 -31.92
N VAL C 441 26.02 -28.96 -31.38
CA VAL C 441 25.26 -28.77 -30.15
C VAL C 441 26.22 -28.64 -28.97
N MET C 442 27.52 -28.80 -29.21
CA MET C 442 28.47 -28.50 -28.14
C MET C 442 28.36 -27.04 -27.73
N VAL C 443 28.31 -26.14 -28.72
CA VAL C 443 28.18 -24.73 -28.38
C VAL C 443 26.81 -24.45 -27.77
N PHE C 444 25.77 -25.15 -28.22
CA PHE C 444 24.47 -24.95 -27.58
C PHE C 444 24.52 -25.39 -26.13
N ALA C 445 25.23 -26.47 -25.84
CA ALA C 445 25.47 -26.85 -24.45
C ALA C 445 26.23 -25.77 -23.71
N LEU C 446 27.18 -25.12 -24.37
CA LEU C 446 27.87 -24.00 -23.74
C LEU C 446 26.89 -22.93 -23.29
N VAL C 447 26.05 -22.47 -24.21
CA VAL C 447 25.13 -21.40 -23.87
C VAL C 447 24.13 -21.87 -22.82
N LEU C 448 23.72 -23.15 -22.90
CA LEU C 448 22.85 -23.71 -21.88
C LEU C 448 23.50 -23.64 -20.53
N GLY C 449 24.77 -24.04 -20.45
CA GLY C 449 25.47 -23.96 -19.18
C GLY C 449 25.55 -22.55 -18.66
N TRP C 450 25.78 -21.59 -19.55
CA TRP C 450 25.89 -20.21 -19.08
C TRP C 450 24.56 -19.73 -18.52
N MET C 451 23.46 -19.96 -19.24
CA MET C 451 22.17 -19.55 -18.70
C MET C 451 21.83 -20.34 -17.44
N ASN C 452 22.32 -21.59 -17.33
CA ASN C 452 22.15 -22.36 -16.12
C ASN C 452 22.86 -21.70 -14.95
N ALA C 453 24.07 -21.20 -15.17
CA ALA C 453 24.77 -20.46 -14.13
C ALA C 453 23.97 -19.22 -13.72
N LEU C 454 23.46 -18.50 -14.71
CA LEU C 454 22.58 -17.37 -14.39
C LEU C 454 21.38 -17.83 -13.57
N TYR C 455 20.93 -19.07 -13.78
CA TYR C 455 19.75 -19.58 -13.12
C TYR C 455 20.03 -19.96 -11.66
N PHE C 456 20.88 -20.95 -11.46
CA PHE C 456 20.95 -21.60 -10.15
C PHE C 456 21.53 -20.66 -9.09
N THR C 457 22.64 -20.01 -9.39
CA THR C 457 23.37 -19.23 -8.39
C THR C 457 22.60 -17.94 -8.12
N ARG C 458 21.54 -18.08 -7.33
CA ARG C 458 20.74 -16.97 -6.86
C ARG C 458 21.03 -16.62 -5.41
N GLY C 459 21.98 -17.29 -4.76
CA GLY C 459 22.30 -17.06 -3.38
C GLY C 459 23.25 -15.92 -3.10
N LEU C 460 23.70 -15.21 -4.14
CA LEU C 460 24.60 -14.07 -3.97
C LEU C 460 23.77 -12.83 -3.62
N LYS C 461 23.43 -12.73 -2.34
CA LYS C 461 22.54 -11.69 -1.80
C LYS C 461 21.30 -11.52 -2.68
N LEU C 462 20.39 -10.63 -2.28
CA LEU C 462 19.19 -10.39 -3.05
C LEU C 462 19.45 -9.32 -4.10
N THR C 463 19.09 -9.62 -5.35
CA THR C 463 19.15 -8.66 -6.46
C THR C 463 17.81 -8.75 -7.18
N GLY C 464 16.84 -8.00 -6.68
CA GLY C 464 15.49 -8.14 -7.22
C GLY C 464 15.06 -9.59 -7.15
N THR C 465 14.52 -10.10 -8.26
CA THR C 465 14.23 -11.52 -8.42
C THR C 465 14.49 -11.86 -9.89
N TYR C 466 15.73 -12.23 -10.20
CA TYR C 466 16.08 -12.47 -11.59
C TYR C 466 15.48 -13.76 -12.11
N SER C 467 15.76 -14.87 -11.43
CA SER C 467 15.26 -16.17 -11.89
C SER C 467 13.74 -16.20 -11.91
N ILE C 468 13.10 -15.66 -10.87
CA ILE C 468 11.64 -15.71 -10.80
C ILE C 468 11.03 -14.89 -11.94
N MET C 469 11.64 -13.74 -12.27
CA MET C 469 11.23 -13.04 -13.48
C MET C 469 11.45 -13.89 -14.72
N ILE C 470 12.55 -14.64 -14.78
CA ILE C 470 12.73 -15.57 -15.89
C ILE C 470 11.49 -16.44 -16.04
N GLN C 471 11.16 -17.22 -15.00
CA GLN C 471 10.05 -18.17 -15.14
C GLN C 471 8.75 -17.46 -15.44
N LYS C 472 8.48 -16.32 -14.78
CA LYS C 472 7.23 -15.62 -15.06
C LYS C 472 7.18 -15.13 -16.51
N ILE C 473 8.34 -14.84 -17.11
CA ILE C 473 8.39 -14.45 -18.51
C ILE C 473 8.86 -15.64 -19.33
N LEU C 474 10.10 -16.08 -19.09
CA LEU C 474 10.66 -17.27 -19.72
C LEU C 474 10.27 -17.32 -21.19
N PHE C 475 9.32 -18.19 -21.54
CA PHE C 475 8.84 -18.33 -22.92
C PHE C 475 7.37 -18.02 -23.08
N LYS C 476 6.68 -17.59 -22.02
CA LYS C 476 5.22 -17.45 -22.07
C LYS C 476 4.80 -16.53 -23.21
N ASP C 477 5.20 -15.26 -23.13
CA ASP C 477 4.83 -14.29 -24.15
C ASP C 477 5.48 -14.56 -25.50
N LEU C 478 6.61 -15.25 -25.51
CA LEU C 478 7.38 -15.38 -26.74
C LEU C 478 6.61 -16.17 -27.78
N PHE C 479 5.99 -17.28 -27.38
CA PHE C 479 5.24 -18.07 -28.36
C PHE C 479 3.94 -17.40 -28.75
N ARG C 480 3.32 -16.63 -27.85
CA ARG C 480 2.19 -15.79 -28.26
C ARG C 480 2.60 -14.85 -29.38
N PHE C 481 3.74 -14.18 -29.21
CA PHE C 481 4.28 -13.37 -30.29
C PHE C 481 4.39 -14.25 -31.51
N LEU C 482 5.24 -15.26 -31.46
CA LEU C 482 5.51 -16.10 -32.63
C LEU C 482 4.22 -16.43 -33.38
N LEU C 483 3.16 -16.75 -32.65
CA LEU C 483 1.93 -17.19 -33.30
C LEU C 483 1.21 -16.03 -33.98
N VAL C 484 1.04 -14.90 -33.28
CA VAL C 484 0.41 -13.76 -33.94
C VAL C 484 1.27 -13.29 -35.11
N TYR C 485 2.58 -13.33 -34.93
CA TYR C 485 3.54 -12.99 -35.96
C TYR C 485 3.29 -13.81 -37.22
N LEU C 486 3.25 -15.13 -37.05
CA LEU C 486 3.09 -16.02 -38.19
C LEU C 486 1.74 -15.81 -38.85
N LEU C 487 0.69 -15.62 -38.06
CA LEU C 487 -0.61 -15.40 -38.69
C LEU C 487 -0.62 -14.13 -39.50
N PHE C 488 -0.05 -13.04 -38.98
CA PHE C 488 -0.01 -11.81 -39.77
C PHE C 488 0.79 -12.01 -41.04
N MET C 489 1.94 -12.69 -40.94
CA MET C 489 2.75 -12.94 -42.12
C MET C 489 1.95 -13.69 -43.17
N ILE C 490 1.32 -14.79 -42.78
CA ILE C 490 0.55 -15.58 -43.73
C ILE C 490 -0.62 -14.76 -44.27
N GLY C 491 -1.26 -13.97 -43.43
CA GLY C 491 -2.42 -13.22 -43.88
C GLY C 491 -2.05 -12.24 -44.98
N TYR C 492 -1.01 -11.44 -44.76
CA TYR C 492 -0.73 -10.45 -45.78
C TYR C 492 -0.03 -11.09 -46.98
N ALA C 493 0.70 -12.19 -46.78
CA ALA C 493 1.23 -12.91 -47.94
C ALA C 493 0.10 -13.47 -48.78
N SER C 494 -0.98 -13.93 -48.14
CA SER C 494 -2.16 -14.37 -48.87
C SER C 494 -2.78 -13.20 -49.63
N ALA C 495 -2.81 -12.03 -49.00
CA ALA C 495 -3.25 -10.84 -49.72
C ALA C 495 -2.44 -10.65 -50.99
N LEU C 496 -1.12 -10.76 -50.88
CA LEU C 496 -0.28 -10.58 -52.07
C LEU C 496 -0.54 -11.64 -53.12
N VAL C 497 -0.68 -12.91 -52.70
CA VAL C 497 -0.85 -13.99 -53.66
C VAL C 497 -2.20 -13.93 -54.36
N THR C 498 -3.25 -13.48 -53.68
CA THR C 498 -4.49 -13.17 -54.38
C THR C 498 -4.40 -11.90 -55.19
N LEU C 499 -3.41 -11.04 -54.90
CA LEU C 499 -3.19 -9.84 -55.70
C LEU C 499 -2.16 -10.05 -56.81
N LEU C 500 -0.92 -10.39 -56.47
CA LEU C 500 0.11 -10.52 -57.49
C LEU C 500 0.75 -11.91 -57.57
N ASN C 501 1.26 -12.43 -56.45
CA ASN C 501 2.07 -13.64 -56.52
C ASN C 501 1.29 -14.74 -57.22
N PRO C 502 1.66 -15.13 -58.46
CA PRO C 502 0.90 -16.16 -59.17
C PRO C 502 1.43 -17.56 -58.92
N PRO C 522 5.08 -9.22 -54.73
CA PRO C 522 5.22 -7.96 -55.46
C PRO C 522 6.60 -7.35 -55.29
N ALA C 523 6.93 -6.94 -54.07
CA ALA C 523 8.26 -6.39 -53.81
C ALA C 523 9.33 -7.45 -54.02
N CYS C 524 9.08 -8.67 -53.56
CA CYS C 524 10.06 -9.75 -53.65
C CYS C 524 9.82 -10.60 -54.90
N ARG C 525 9.72 -9.92 -56.04
CA ARG C 525 9.78 -10.56 -57.36
C ARG C 525 8.52 -11.35 -57.71
N ASP C 526 7.52 -11.37 -56.82
CA ASP C 526 6.18 -11.89 -57.07
C ASP C 526 6.13 -13.10 -58.00
N SER C 527 6.79 -14.19 -57.62
CA SER C 527 6.79 -15.40 -58.43
C SER C 527 6.46 -16.63 -57.59
N GLU C 528 5.43 -16.54 -56.76
CA GLU C 528 5.03 -17.62 -55.87
C GLU C 528 6.25 -18.12 -55.09
N THR C 529 6.90 -17.17 -54.42
CA THR C 529 8.16 -17.42 -53.76
C THR C 529 7.91 -17.94 -52.35
N PHE C 530 8.97 -18.04 -51.55
CA PHE C 530 8.83 -18.49 -50.17
C PHE C 530 8.22 -17.38 -49.31
N SER C 531 7.60 -17.80 -48.21
CA SER C 531 7.03 -16.87 -47.25
C SER C 531 7.97 -16.55 -46.10
N ALA C 532 8.80 -17.51 -45.67
CA ALA C 532 9.68 -17.28 -44.54
C ALA C 532 10.55 -16.04 -44.76
N PHE C 533 10.88 -15.73 -46.02
CA PHE C 533 11.59 -14.50 -46.28
C PHE C 533 10.73 -13.28 -45.95
N LEU C 534 9.41 -13.42 -46.03
CA LEU C 534 8.56 -12.34 -45.54
C LEU C 534 8.72 -12.16 -44.04
N LEU C 535 8.83 -13.26 -43.29
CA LEU C 535 9.10 -13.16 -41.86
C LEU C 535 10.43 -12.47 -41.62
N ASP C 536 11.46 -12.84 -42.38
CA ASP C 536 12.76 -12.22 -42.21
C ASP C 536 12.68 -10.73 -42.47
N LEU C 537 12.00 -10.34 -43.55
CA LEU C 537 11.84 -8.92 -43.86
C LEU C 537 11.10 -8.20 -42.75
N PHE C 538 10.01 -8.80 -42.26
CA PHE C 538 9.21 -8.16 -41.22
C PHE C 538 10.02 -7.95 -39.96
N LYS C 539 10.81 -8.96 -39.57
CA LYS C 539 11.70 -8.80 -38.43
C LYS C 539 12.70 -7.68 -38.70
N LEU C 540 13.29 -7.67 -39.90
CA LEU C 540 14.40 -6.78 -40.17
C LEU C 540 13.97 -5.32 -40.17
N THR C 541 12.92 -4.98 -40.92
CA THR C 541 12.61 -3.56 -41.14
C THR C 541 11.45 -3.05 -40.27
N ILE C 542 10.27 -3.65 -40.35
CA ILE C 542 9.19 -3.22 -39.48
C ILE C 542 9.54 -3.41 -38.01
N GLY C 543 10.56 -4.23 -37.72
CA GLY C 543 11.13 -4.26 -36.40
C GLY C 543 12.22 -3.23 -36.17
N MET C 544 13.18 -3.10 -37.09
CA MET C 544 14.28 -2.16 -36.88
C MET C 544 14.33 -1.08 -37.97
N GLY C 545 14.35 -1.45 -39.25
CA GLY C 545 14.25 -0.45 -40.30
C GLY C 545 14.71 -0.97 -41.64
N ASP C 546 14.66 -0.07 -42.62
CA ASP C 546 14.97 -0.36 -44.02
C ASP C 546 13.97 -1.31 -44.68
N LEU C 547 12.70 -0.91 -44.73
CA LEU C 547 11.66 -1.63 -45.44
C LEU C 547 11.82 -1.44 -46.95
N GLU C 548 11.20 -2.36 -47.70
CA GLU C 548 11.15 -2.30 -49.15
C GLU C 548 9.94 -1.52 -49.64
N MET C 549 9.38 -0.65 -48.79
CA MET C 549 8.14 0.05 -49.10
C MET C 549 7.03 -0.97 -49.36
N LEU C 550 7.20 -1.75 -50.42
CA LEU C 550 6.40 -2.93 -50.74
C LEU C 550 5.06 -2.57 -51.37
N SER C 551 4.65 -1.31 -51.32
CA SER C 551 3.54 -0.84 -52.13
C SER C 551 3.94 0.32 -53.03
N SER C 552 4.54 1.38 -52.46
CA SER C 552 4.85 2.63 -53.17
C SER C 552 3.77 3.67 -53.50
N PHE C 559 -2.99 -3.21 -52.30
CA PHE C 559 -1.99 -3.54 -51.30
C PHE C 559 -2.16 -2.70 -50.04
N ILE C 560 -2.04 -1.38 -50.20
CA ILE C 560 -1.92 -0.48 -49.08
C ILE C 560 -3.02 -0.54 -48.02
N LEU C 561 -4.29 -0.60 -48.47
CA LEU C 561 -5.40 -0.66 -47.54
C LEU C 561 -5.13 -1.73 -46.49
N LEU C 562 -4.62 -2.87 -46.94
CA LEU C 562 -4.30 -3.96 -46.04
C LEU C 562 -3.07 -3.64 -45.21
N LEU C 563 -1.92 -3.49 -45.88
CA LEU C 563 -0.65 -3.39 -45.18
C LEU C 563 -0.69 -2.34 -44.08
N VAL C 564 -1.25 -1.16 -44.37
CA VAL C 564 -1.21 -0.09 -43.38
C VAL C 564 -1.92 -0.52 -42.10
N THR C 565 -3.14 -1.02 -42.22
CA THR C 565 -3.89 -1.46 -41.07
C THR C 565 -3.19 -2.60 -40.35
N TYR C 566 -2.70 -3.58 -41.11
CA TYR C 566 -2.07 -4.74 -40.50
C TYR C 566 -0.83 -4.33 -39.71
N ILE C 567 -0.01 -3.44 -40.26
CA ILE C 567 1.23 -3.06 -39.60
C ILE C 567 0.94 -2.21 -38.37
N ILE C 568 -0.02 -1.29 -38.47
CA ILE C 568 -0.35 -0.52 -37.28
C ILE C 568 -0.90 -1.46 -36.19
N LEU C 569 -1.68 -2.47 -36.59
CA LEU C 569 -2.18 -3.43 -35.62
C LEU C 569 -1.06 -4.24 -34.99
N THR C 570 -0.10 -4.70 -35.79
CA THR C 570 0.97 -5.51 -35.21
C THR C 570 1.81 -4.66 -34.27
N PHE C 571 2.04 -3.40 -34.61
CA PHE C 571 2.73 -2.51 -33.67
C PHE C 571 1.92 -2.34 -32.39
N VAL C 572 0.61 -2.14 -32.51
CA VAL C 572 -0.21 -1.94 -31.32
C VAL C 572 -0.15 -3.17 -30.43
N LEU C 573 -0.24 -4.35 -31.03
CA LEU C 573 -0.18 -5.59 -30.27
C LEU C 573 1.17 -5.76 -29.60
N LEU C 574 2.25 -5.50 -30.32
CA LEU C 574 3.59 -5.58 -29.72
C LEU C 574 3.70 -4.64 -28.54
N LEU C 575 3.31 -3.38 -28.73
CA LEU C 575 3.28 -2.47 -27.60
C LEU C 575 2.53 -3.10 -26.44
N ASN C 576 1.23 -3.33 -26.60
CA ASN C 576 0.43 -3.74 -25.46
C ASN C 576 1.04 -4.96 -24.77
N MET C 577 1.46 -5.96 -25.55
CA MET C 577 2.02 -7.16 -24.93
C MET C 577 3.25 -6.81 -24.10
N LEU C 578 4.19 -6.07 -24.70
CA LEU C 578 5.43 -5.75 -23.99
C LEU C 578 5.14 -4.96 -22.72
N ILE C 579 4.41 -3.86 -22.86
CA ILE C 579 4.14 -2.98 -21.72
C ILE C 579 3.35 -3.71 -20.64
N ALA C 580 2.23 -4.34 -21.01
CA ALA C 580 1.42 -5.00 -20.01
C ALA C 580 2.23 -6.05 -19.27
N LEU C 581 2.91 -6.92 -20.01
CA LEU C 581 3.69 -7.96 -19.37
C LEU C 581 4.70 -7.36 -18.41
N MET C 582 5.52 -6.44 -18.92
CA MET C 582 6.61 -5.80 -18.15
C MET C 582 6.08 -5.19 -16.86
N GLY C 583 5.08 -4.32 -16.94
CA GLY C 583 4.57 -3.60 -15.80
C GLY C 583 3.94 -4.53 -14.79
N GLU C 584 3.00 -5.37 -15.25
CA GLU C 584 2.28 -6.24 -14.32
C GLU C 584 3.23 -7.20 -13.62
N THR C 585 4.16 -7.80 -14.37
CA THR C 585 5.03 -8.81 -13.78
C THR C 585 6.01 -8.18 -12.79
N VAL C 586 6.70 -7.11 -13.19
CA VAL C 586 7.73 -6.55 -12.33
C VAL C 586 7.12 -5.87 -11.11
N GLY C 587 6.00 -5.17 -11.30
CA GLY C 587 5.47 -4.34 -10.24
C GLY C 587 4.75 -5.07 -9.12
N GLN C 588 3.62 -5.70 -9.45
CA GLN C 588 2.71 -6.20 -8.42
C GLN C 588 3.15 -7.55 -7.87
N VAL C 589 3.25 -8.56 -8.74
CA VAL C 589 3.42 -9.95 -8.32
C VAL C 589 4.83 -10.22 -7.82
N SER C 590 5.66 -9.17 -7.77
CA SER C 590 7.09 -9.36 -7.47
C SER C 590 7.29 -10.16 -6.19
N LYS C 591 6.84 -9.63 -5.05
CA LYS C 591 7.14 -10.21 -3.74
C LYS C 591 8.61 -10.61 -3.69
N GLU C 592 9.46 -9.60 -3.82
CA GLU C 592 10.83 -9.81 -4.30
C GLU C 592 11.59 -10.81 -3.42
N SER C 593 11.88 -10.44 -2.18
CA SER C 593 12.99 -11.04 -1.45
C SER C 593 12.56 -11.99 -0.35
N LYS C 594 11.75 -11.54 0.60
CA LYS C 594 11.70 -12.18 1.90
C LYS C 594 11.39 -13.68 1.84
N HIS C 595 10.18 -14.10 1.48
CA HIS C 595 9.90 -15.53 1.47
C HIS C 595 10.45 -16.19 0.21
N ILE C 596 10.47 -15.47 -0.90
CA ILE C 596 11.05 -16.04 -2.11
C ILE C 596 12.51 -16.37 -1.89
N TRP C 597 13.27 -15.43 -1.32
CA TRP C 597 14.69 -15.68 -1.08
C TRP C 597 14.88 -16.69 0.03
N LYS C 598 14.01 -16.66 1.05
CA LYS C 598 14.06 -17.71 2.07
C LYS C 598 13.99 -19.09 1.45
N LEU C 599 12.97 -19.31 0.62
CA LEU C 599 12.84 -20.60 -0.06
C LEU C 599 14.04 -20.87 -0.94
N GLN C 600 14.59 -19.82 -1.58
CA GLN C 600 15.74 -20.02 -2.45
C GLN C 600 16.92 -20.59 -1.67
N TRP C 601 17.32 -19.94 -0.57
CA TRP C 601 18.50 -20.49 0.08
C TRP C 601 18.15 -21.77 0.83
N ALA C 602 16.88 -21.96 1.19
CA ALA C 602 16.48 -23.24 1.77
C ALA C 602 16.71 -24.37 0.78
N THR C 603 16.28 -24.18 -0.46
CA THR C 603 16.50 -25.20 -1.48
C THR C 603 17.99 -25.40 -1.72
N THR C 604 18.76 -24.32 -1.76
CA THR C 604 20.20 -24.46 -1.95
C THR C 604 20.83 -25.28 -0.84
N ILE C 605 20.46 -24.99 0.41
CA ILE C 605 21.05 -25.70 1.54
C ILE C 605 20.64 -27.16 1.52
N LEU C 606 19.36 -27.43 1.30
CA LEU C 606 18.87 -28.80 1.34
C LEU C 606 19.49 -29.64 0.23
N ASP C 607 19.50 -29.14 -1.00
CA ASP C 607 20.09 -29.92 -2.07
C ASP C 607 21.62 -29.97 -1.96
N ILE C 608 22.23 -28.98 -1.30
CA ILE C 608 23.65 -29.10 -0.96
C ILE C 608 23.87 -30.32 -0.09
N GLU C 609 23.08 -30.44 0.97
CA GLU C 609 23.22 -31.60 1.85
C GLU C 609 22.89 -32.89 1.10
N ARG C 610 21.87 -32.86 0.26
CA ARG C 610 21.51 -34.04 -0.52
C ARG C 610 22.64 -34.46 -1.45
N SER C 611 23.44 -33.50 -1.92
CA SER C 611 24.48 -33.82 -2.89
C SER C 611 25.48 -34.82 -2.32
N PHE C 612 26.22 -34.41 -1.32
CA PHE C 612 27.25 -35.26 -0.72
C PHE C 612 26.68 -36.05 0.45
N PRO C 613 27.35 -37.12 0.86
CA PRO C 613 26.82 -37.94 1.96
C PRO C 613 26.72 -37.18 3.26
N VAL C 614 25.49 -36.93 3.73
CA VAL C 614 25.28 -36.14 4.93
C VAL C 614 25.76 -36.91 6.16
N PHE C 615 25.55 -38.23 6.18
CA PHE C 615 25.87 -39.02 7.37
C PHE C 615 27.30 -38.80 7.84
N LEU C 616 28.16 -38.24 7.01
CA LEU C 616 29.53 -37.96 7.41
C LEU C 616 29.53 -36.96 8.56
N ARG C 617 30.73 -36.64 9.05
CA ARG C 617 30.85 -35.81 10.24
C ARG C 617 30.55 -34.35 9.92
N LYS C 618 29.36 -34.09 9.36
CA LYS C 618 28.96 -32.75 8.98
C LYS C 618 27.49 -32.54 9.29
N ALA C 619 26.99 -33.23 10.31
CA ALA C 619 25.58 -33.21 10.67
C ALA C 619 25.36 -32.22 11.81
N PHE C 620 24.13 -32.23 12.33
CA PHE C 620 23.73 -31.37 13.44
C PHE C 620 24.06 -32.04 14.79
N ARG C 621 23.67 -31.37 15.86
CA ARG C 621 24.13 -31.72 17.20
C ARG C 621 23.52 -33.03 17.69
N SER C 622 24.15 -33.60 18.72
CA SER C 622 23.58 -34.67 19.53
C SER C 622 23.44 -34.19 20.98
N GLY C 623 22.55 -34.85 21.71
CA GLY C 623 22.14 -34.34 23.01
C GLY C 623 22.17 -35.32 24.16
N GLU C 624 21.13 -35.31 24.97
CA GLU C 624 21.09 -36.11 26.19
C GLU C 624 21.18 -37.60 25.89
N MET C 625 21.79 -38.35 26.80
CA MET C 625 22.10 -39.76 26.53
C MET C 625 20.89 -40.68 26.77
N VAL C 626 20.47 -40.82 28.03
CA VAL C 626 19.52 -41.86 28.40
C VAL C 626 18.95 -41.53 29.77
N THR C 627 17.82 -42.14 30.11
CA THR C 627 17.08 -42.02 31.36
C THR C 627 16.27 -40.73 31.39
N VAL C 628 16.44 -39.82 30.43
CA VAL C 628 15.56 -38.69 30.24
C VAL C 628 15.00 -38.65 28.83
N GLY C 629 15.83 -38.92 27.83
CA GLY C 629 15.38 -39.01 26.45
C GLY C 629 15.91 -40.25 25.78
N ARG C 638 19.75 -41.73 22.20
CA ARG C 638 20.48 -40.49 22.34
C ARG C 638 19.57 -39.30 22.06
N ARG C 639 18.73 -39.41 21.04
CA ARG C 639 17.74 -38.38 20.75
C ARG C 639 18.41 -37.03 20.47
N TRP C 640 19.12 -36.98 19.34
CA TRP C 640 19.81 -35.76 18.95
C TRP C 640 18.87 -34.57 19.07
N CYS C 641 19.46 -33.38 19.28
CA CYS C 641 18.70 -32.17 19.48
C CYS C 641 19.44 -30.97 18.93
N PHE C 642 18.71 -29.88 18.73
CA PHE C 642 19.24 -28.63 18.21
C PHE C 642 18.91 -27.52 19.19
N ARG C 643 19.92 -26.84 19.70
CA ARG C 643 19.73 -25.88 20.78
C ARG C 643 19.64 -24.47 20.23
N VAL C 644 18.53 -23.80 20.53
CA VAL C 644 18.32 -22.42 20.13
C VAL C 644 18.31 -21.56 21.39
N ASP C 645 19.07 -20.46 21.37
CA ASP C 645 19.22 -19.59 22.53
C ASP C 645 18.36 -18.35 22.33
N GLU C 646 17.29 -18.25 23.10
CA GLU C 646 16.46 -17.06 23.12
C GLU C 646 16.84 -16.20 24.32
N VAL C 647 16.41 -14.94 24.30
CA VAL C 647 16.62 -14.02 25.41
C VAL C 647 15.29 -13.39 25.76
N ASN C 648 14.92 -13.44 27.03
CA ASN C 648 13.70 -12.82 27.52
C ASN C 648 14.02 -12.10 28.82
N TRP C 649 13.18 -11.12 29.15
CA TRP C 649 13.38 -10.27 30.32
C TRP C 649 12.27 -10.48 31.35
N SER C 650 11.93 -11.75 31.61
CA SER C 650 10.97 -12.09 32.64
C SER C 650 11.67 -12.32 33.98
N VAL D 12 -62.44 34.21 11.84
CA VAL D 12 -62.46 33.23 10.72
C VAL D 12 -62.88 33.93 9.44
N PHE D 13 -61.96 34.66 8.83
CA PHE D 13 -62.23 35.42 7.61
C PHE D 13 -61.31 35.05 6.47
N ASN D 14 -60.05 34.70 6.76
CA ASN D 14 -59.10 34.36 5.72
C ASN D 14 -58.10 33.35 6.27
N ARG D 15 -57.43 32.67 5.34
CA ARG D 15 -56.47 31.64 5.74
C ARG D 15 -55.39 32.16 6.68
N PRO D 16 -54.79 33.34 6.45
CA PRO D 16 -53.68 33.76 7.32
C PRO D 16 -54.03 33.79 8.80
N ILE D 17 -55.22 34.26 9.17
CA ILE D 17 -55.55 34.31 10.60
C ILE D 17 -55.74 32.90 11.14
N LEU D 18 -56.33 32.00 10.35
CA LEU D 18 -56.44 30.61 10.78
C LEU D 18 -55.07 30.01 11.04
N PHE D 19 -54.12 30.25 10.13
CA PHE D 19 -52.77 29.73 10.32
C PHE D 19 -52.11 30.36 11.55
N ASP D 20 -52.33 31.65 11.76
CA ASP D 20 -51.75 32.32 12.93
C ASP D 20 -52.28 31.71 14.22
N ILE D 21 -53.59 31.49 14.29
CA ILE D 21 -54.17 30.98 15.54
C ILE D 21 -53.76 29.53 15.76
N VAL D 22 -53.73 28.72 14.71
CA VAL D 22 -53.37 27.32 14.90
C VAL D 22 -51.89 27.18 15.21
N SER D 23 -51.05 28.06 14.68
CA SER D 23 -49.61 27.96 14.92
C SER D 23 -49.29 28.09 16.40
N ARG D 24 -49.93 29.04 17.08
CA ARG D 24 -49.65 29.29 18.49
C ARG D 24 -50.45 28.38 19.42
N GLY D 25 -51.27 27.49 18.88
CA GLY D 25 -52.04 26.59 19.72
C GLY D 25 -53.09 27.28 20.56
N SER D 26 -53.81 28.24 19.99
CA SER D 26 -54.88 28.95 20.68
C SER D 26 -56.22 28.50 20.10
N THR D 27 -57.11 28.04 20.97
CA THR D 27 -58.42 27.54 20.56
C THR D 27 -59.58 28.40 21.05
N ALA D 28 -59.46 29.02 22.23
CA ALA D 28 -60.55 29.83 22.74
C ALA D 28 -60.87 30.98 21.81
N ASP D 29 -59.85 31.60 21.22
CA ASP D 29 -60.04 32.73 20.33
C ASP D 29 -60.78 32.34 19.05
N LEU D 30 -60.90 31.04 18.76
CA LEU D 30 -61.55 30.58 17.55
C LEU D 30 -62.96 30.06 17.77
N ASP D 31 -63.32 29.76 19.02
CA ASP D 31 -64.64 29.20 19.30
C ASP D 31 -65.76 30.18 18.97
N GLY D 32 -65.56 31.45 19.31
CA GLY D 32 -66.59 32.45 19.09
C GLY D 32 -66.89 32.72 17.63
N LEU D 33 -66.00 32.35 16.72
CA LEU D 33 -66.18 32.59 15.30
C LEU D 33 -66.45 31.33 14.50
N LEU D 34 -65.89 30.19 14.89
CA LEU D 34 -66.19 28.96 14.18
C LEU D 34 -67.68 28.62 14.28
N SER D 35 -68.28 28.90 15.43
CA SER D 35 -69.72 28.67 15.58
C SER D 35 -70.51 29.53 14.61
N PHE D 36 -70.13 30.80 14.47
CA PHE D 36 -70.83 31.68 13.54
C PHE D 36 -70.66 31.20 12.10
N LEU D 37 -69.45 30.79 11.74
CA LEU D 37 -69.24 30.28 10.37
C LEU D 37 -70.07 29.02 10.13
N LEU D 38 -70.13 28.12 11.11
CA LEU D 38 -70.99 26.96 10.97
C LEU D 38 -72.46 27.36 10.86
N THR D 39 -72.84 28.47 11.51
CA THR D 39 -74.20 28.98 11.41
C THR D 39 -74.48 29.61 10.05
N HIS D 40 -73.44 29.98 9.31
CA HIS D 40 -73.59 30.58 7.98
C HIS D 40 -73.53 29.54 6.87
N LYS D 41 -73.95 28.30 7.16
CA LYS D 41 -73.95 27.20 6.20
C LYS D 41 -72.68 27.18 5.36
N LYS D 42 -71.56 27.55 5.96
CA LYS D 42 -70.25 27.50 5.30
C LYS D 42 -69.51 26.24 5.73
N ARG D 43 -68.66 25.75 4.82
CA ARG D 43 -67.87 24.55 5.05
C ARG D 43 -66.40 24.88 4.91
N LEU D 44 -65.59 24.31 5.82
CA LEU D 44 -64.16 24.57 5.82
C LEU D 44 -63.46 23.98 4.60
N THR D 45 -64.13 23.13 3.82
CA THR D 45 -63.54 22.54 2.64
C THR D 45 -63.50 23.47 1.44
N ASP D 46 -64.19 24.61 1.51
CA ASP D 46 -64.22 25.53 0.39
C ASP D 46 -62.83 26.10 0.13
N GLU D 47 -62.54 26.36 -1.15
CA GLU D 47 -61.21 26.83 -1.53
C GLU D 47 -60.86 28.12 -0.81
N GLU D 48 -61.84 28.98 -0.54
CA GLU D 48 -61.57 30.22 0.18
C GLU D 48 -61.12 29.98 1.61
N PHE D 49 -61.31 28.77 2.14
CA PHE D 49 -60.79 28.37 3.43
C PHE D 49 -59.50 27.57 3.32
N ARG D 50 -58.99 27.37 2.11
CA ARG D 50 -57.77 26.62 1.86
C ARG D 50 -56.74 27.53 1.22
N GLU D 51 -55.48 27.36 1.57
CA GLU D 51 -54.43 28.18 1.02
C GLU D 51 -54.42 28.04 -0.50
N PRO D 52 -54.47 29.14 -1.26
CA PRO D 52 -54.72 29.02 -2.71
C PRO D 52 -53.55 28.48 -3.50
N SER D 53 -52.31 28.69 -3.04
CA SER D 53 -51.15 28.28 -3.83
C SER D 53 -51.16 26.77 -4.08
N THR D 54 -51.46 26.00 -3.03
CA THR D 54 -51.48 24.55 -3.13
C THR D 54 -52.83 23.95 -2.74
N GLY D 55 -53.74 24.74 -2.17
CA GLY D 55 -55.01 24.21 -1.74
C GLY D 55 -54.95 23.45 -0.44
N LYS D 56 -53.87 23.61 0.33
CA LYS D 56 -53.75 22.91 1.60
C LYS D 56 -54.76 23.45 2.60
N THR D 57 -55.34 22.53 3.39
CA THR D 57 -56.22 22.93 4.46
C THR D 57 -55.41 23.34 5.68
N CYS D 58 -56.11 23.85 6.70
CA CYS D 58 -55.44 24.21 7.93
C CYS D 58 -54.98 22.99 8.72
N LEU D 59 -55.50 21.80 8.40
CA LEU D 59 -55.07 20.59 9.10
C LEU D 59 -53.59 20.33 8.94
N PRO D 60 -53.04 20.25 7.72
CA PRO D 60 -51.58 20.06 7.59
C PRO D 60 -50.78 21.18 8.23
N LYS D 61 -51.26 22.41 8.15
CA LYS D 61 -50.55 23.52 8.78
C LYS D 61 -50.45 23.31 10.29
N ALA D 62 -51.59 22.99 10.93
CA ALA D 62 -51.58 22.76 12.36
C ALA D 62 -50.70 21.57 12.72
N LEU D 63 -50.76 20.51 11.90
CA LEU D 63 -49.92 19.34 12.17
C LEU D 63 -48.44 19.70 12.10
N LEU D 64 -48.05 20.50 11.10
CA LEU D 64 -46.69 20.99 11.02
C LEU D 64 -46.35 21.93 12.17
N ASN D 65 -47.36 22.49 12.84
CA ASN D 65 -47.16 23.32 14.02
C ASN D 65 -47.26 22.52 15.31
N LEU D 66 -46.91 21.22 15.27
CA LEU D 66 -47.03 20.38 16.45
C LEU D 66 -46.20 20.96 17.60
N SER D 67 -46.81 21.02 18.79
CA SER D 67 -46.12 21.50 19.98
C SER D 67 -45.42 20.31 20.63
N ASN D 68 -44.24 19.99 20.08
CA ASN D 68 -43.47 18.82 20.51
C ASN D 68 -44.32 17.56 20.39
N GLY D 69 -45.09 17.47 19.32
CA GLY D 69 -45.98 16.35 19.13
C GLY D 69 -47.23 16.37 19.98
N ARG D 70 -47.50 17.48 20.65
CA ARG D 70 -48.62 17.61 21.58
C ARG D 70 -49.58 18.71 21.15
N ASN D 71 -49.91 18.76 19.87
CA ASN D 71 -50.87 19.74 19.36
C ASN D 71 -52.27 19.35 19.81
N ASP D 72 -52.85 20.12 20.73
CA ASP D 72 -54.15 19.83 21.29
C ASP D 72 -55.28 20.56 20.59
N THR D 73 -54.99 21.27 19.50
CA THR D 73 -56.02 21.98 18.76
C THR D 73 -56.67 21.12 17.69
N ILE D 74 -55.90 20.21 17.08
CA ILE D 74 -56.40 19.39 15.97
C ILE D 74 -57.62 18.57 16.39
N PRO D 75 -57.78 18.16 17.67
CA PRO D 75 -59.08 17.58 18.04
C PRO D 75 -60.23 18.56 17.81
N VAL D 76 -60.01 19.85 18.06
CA VAL D 76 -61.04 20.84 17.77
C VAL D 76 -61.29 20.89 16.27
N LEU D 77 -60.24 20.72 15.47
CA LEU D 77 -60.41 20.71 14.02
C LEU D 77 -61.24 19.51 13.57
N LEU D 78 -61.01 18.35 14.19
CA LEU D 78 -61.84 17.19 13.89
C LEU D 78 -63.28 17.43 14.30
N ASP D 79 -63.49 18.09 15.45
CA ASP D 79 -64.84 18.45 15.86
C ASP D 79 -65.50 19.36 14.82
N ILE D 80 -64.74 20.33 14.31
CA ILE D 80 -65.27 21.21 13.27
C ILE D 80 -65.63 20.42 12.02
N ALA D 81 -64.76 19.47 11.64
CA ALA D 81 -65.03 18.65 10.48
C ALA D 81 -66.32 17.87 10.65
N GLU D 82 -66.51 17.27 11.83
CA GLU D 82 -67.72 16.51 12.09
C GLU D 82 -68.95 17.42 12.05
N ARG D 83 -68.84 18.61 12.62
CA ARG D 83 -69.95 19.55 12.60
C ARG D 83 -70.31 19.95 11.18
N THR D 84 -69.31 20.20 10.34
CA THR D 84 -69.58 20.63 8.97
C THR D 84 -70.35 19.57 8.20
N GLY D 85 -70.22 18.30 8.59
CA GLY D 85 -70.86 17.21 7.89
C GLY D 85 -70.09 16.70 6.69
N ASN D 86 -68.96 17.31 6.35
CA ASN D 86 -68.12 16.88 5.24
C ASN D 86 -66.82 16.34 5.81
N MET D 87 -66.50 15.10 5.47
CA MET D 87 -65.29 14.44 5.95
C MET D 87 -64.33 14.05 4.84
N ARG D 88 -64.84 13.48 3.74
CA ARG D 88 -63.95 13.01 2.68
C ARG D 88 -63.14 14.16 2.09
N GLU D 89 -63.82 15.21 1.62
CA GLU D 89 -63.10 16.31 0.99
C GLU D 89 -62.18 16.99 1.98
N PHE D 90 -62.63 17.22 3.22
CA PHE D 90 -61.77 17.83 4.22
C PHE D 90 -60.57 16.94 4.51
N ILE D 91 -60.82 15.65 4.80
CA ILE D 91 -59.72 14.73 5.07
C ILE D 91 -58.89 14.51 3.81
N ASN D 92 -59.54 14.21 2.70
CA ASN D 92 -58.87 14.08 1.42
C ASN D 92 -58.75 15.48 0.81
N SER D 93 -57.69 16.17 1.21
CA SER D 93 -57.43 17.55 0.81
C SER D 93 -56.05 17.60 0.16
N PRO D 94 -55.92 17.09 -1.06
CA PRO D 94 -54.61 16.99 -1.69
C PRO D 94 -54.02 18.37 -1.94
N PHE D 95 -52.78 18.36 -2.44
CA PHE D 95 -52.09 19.58 -2.83
C PHE D 95 -52.23 19.77 -4.34
N ARG D 96 -52.66 20.96 -4.73
CA ARG D 96 -53.01 21.23 -6.12
C ARG D 96 -51.81 21.66 -6.97
N ASP D 97 -50.64 21.85 -6.37
CA ASP D 97 -49.44 22.19 -7.12
C ASP D 97 -48.75 20.93 -7.61
N ILE D 98 -47.81 21.10 -8.54
CA ILE D 98 -47.06 19.96 -9.06
C ILE D 98 -45.96 19.52 -8.11
N TYR D 99 -45.45 20.43 -7.28
CA TYR D 99 -44.39 20.07 -6.34
C TYR D 99 -44.83 18.97 -5.38
N TYR D 100 -46.13 18.89 -5.11
CA TYR D 100 -46.67 17.88 -4.21
C TYR D 100 -47.93 17.28 -4.83
N ARG D 101 -48.22 16.04 -4.45
CA ARG D 101 -49.45 15.36 -4.83
C ARG D 101 -50.03 14.65 -3.62
N GLY D 102 -51.36 14.59 -3.55
CA GLY D 102 -52.00 13.97 -2.41
C GLY D 102 -51.52 14.60 -1.12
N GLN D 103 -50.76 13.84 -0.34
CA GLN D 103 -50.16 14.35 0.88
C GLN D 103 -51.24 14.83 1.86
N THR D 104 -52.23 13.97 2.10
CA THR D 104 -53.35 14.32 2.95
C THR D 104 -52.95 14.21 4.42
N SER D 105 -53.94 14.25 5.30
CA SER D 105 -53.66 14.27 6.73
C SER D 105 -52.83 13.07 7.16
N LEU D 106 -53.10 11.89 6.58
CA LEU D 106 -52.32 10.71 6.94
C LEU D 106 -50.85 10.91 6.61
N HIS D 107 -50.55 11.39 5.41
CA HIS D 107 -49.16 11.59 5.02
C HIS D 107 -48.48 12.54 5.98
N ILE D 108 -49.10 13.69 6.25
CA ILE D 108 -48.48 14.69 7.10
C ILE D 108 -48.27 14.14 8.50
N ALA D 109 -49.29 13.48 9.04
CA ALA D 109 -49.18 12.93 10.39
C ALA D 109 -48.05 11.93 10.48
N ILE D 110 -47.97 11.00 9.53
CA ILE D 110 -46.94 9.98 9.60
C ILE D 110 -45.57 10.60 9.45
N GLU D 111 -45.41 11.55 8.53
CA GLU D 111 -44.12 12.19 8.36
C GLU D 111 -43.63 12.78 9.67
N ARG D 112 -44.54 13.35 10.46
CA ARG D 112 -44.20 13.97 11.73
C ARG D 112 -43.93 12.94 12.82
N ARG D 113 -44.04 11.64 12.52
CA ARG D 113 -43.79 10.60 13.51
C ARG D 113 -44.73 10.77 14.71
N CYS D 114 -45.98 11.09 14.44
CA CYS D 114 -46.97 11.34 15.49
C CYS D 114 -47.99 10.20 15.50
N LYS D 115 -47.78 9.24 16.38
CA LYS D 115 -48.78 8.20 16.62
C LYS D 115 -49.89 8.67 17.53
N HIS D 116 -49.71 9.81 18.21
CA HIS D 116 -50.68 10.27 19.19
C HIS D 116 -51.92 10.87 18.54
N TYR D 117 -51.91 11.09 17.23
CA TYR D 117 -53.04 11.70 16.54
C TYR D 117 -53.42 11.01 15.24
N VAL D 118 -52.52 10.25 14.62
CA VAL D 118 -52.90 9.48 13.44
C VAL D 118 -53.99 8.49 13.81
N GLU D 119 -53.86 7.85 14.98
CA GLU D 119 -54.88 6.91 15.41
C GLU D 119 -56.22 7.60 15.60
N LEU D 120 -56.23 8.79 16.21
CA LEU D 120 -57.48 9.50 16.42
C LEU D 120 -58.12 9.88 15.10
N LEU D 121 -57.33 10.39 14.16
CA LEU D 121 -57.92 10.84 12.90
C LEU D 121 -58.39 9.68 12.04
N VAL D 122 -57.72 8.53 12.11
CA VAL D 122 -58.22 7.37 11.38
C VAL D 122 -59.49 6.84 12.03
N ALA D 123 -59.53 6.83 13.38
CA ALA D 123 -60.75 6.44 14.06
C ALA D 123 -61.91 7.34 13.67
N GLN D 124 -61.63 8.64 13.48
CA GLN D 124 -62.64 9.54 12.95
C GLN D 124 -63.09 9.12 11.56
N GLY D 125 -62.25 8.37 10.85
CA GLY D 125 -62.56 7.96 9.49
C GLY D 125 -61.80 8.80 8.48
N ALA D 126 -60.70 8.26 7.98
CA ALA D 126 -59.85 8.96 7.04
C ALA D 126 -59.38 8.01 5.95
N ASP D 127 -59.13 8.56 4.76
CA ASP D 127 -58.65 7.75 3.65
C ASP D 127 -57.25 7.24 3.97
N VAL D 128 -57.06 5.93 3.86
CA VAL D 128 -55.80 5.31 4.23
C VAL D 128 -55.14 4.72 2.99
N HIS D 129 -55.55 5.18 1.82
CA HIS D 129 -54.96 4.71 0.56
C HIS D 129 -54.80 5.86 -0.41
N ALA D 130 -54.55 7.06 0.10
CA ALA D 130 -54.31 8.20 -0.77
C ALA D 130 -53.01 8.01 -1.53
N GLN D 131 -53.06 8.18 -2.84
CA GLN D 131 -51.91 7.93 -3.70
C GLN D 131 -51.13 9.22 -3.86
N ALA D 132 -49.89 9.23 -3.37
CA ALA D 132 -49.04 10.41 -3.41
C ALA D 132 -48.07 10.28 -4.58
N ARG D 133 -48.57 10.61 -5.78
CA ARG D 133 -47.77 10.51 -7.00
C ARG D 133 -47.11 11.86 -7.32
N GLY D 134 -46.42 12.39 -6.32
CA GLY D 134 -45.89 13.74 -6.41
C GLY D 134 -44.49 13.82 -6.98
N ARG D 135 -44.17 15.01 -7.51
CA ARG D 135 -42.81 15.28 -7.94
C ARG D 135 -41.83 15.22 -6.78
N PHE D 136 -42.24 15.75 -5.63
CA PHE D 136 -41.46 15.60 -4.41
C PHE D 136 -41.43 14.15 -3.92
N PHE D 137 -42.27 13.29 -4.48
CA PHE D 137 -42.39 11.89 -4.08
C PHE D 137 -41.90 10.94 -5.15
N GLN D 138 -40.77 11.25 -5.78
CA GLN D 138 -40.22 10.45 -6.86
C GLN D 138 -38.72 10.33 -6.64
N PRO D 139 -38.08 9.25 -7.13
CA PRO D 139 -36.73 8.94 -6.66
C PRO D 139 -35.74 10.08 -6.87
N LYS D 140 -34.81 10.18 -5.92
CA LYS D 140 -33.84 11.28 -5.93
C LYS D 140 -33.09 11.36 -7.26
N ASP D 141 -32.52 10.24 -7.69
CA ASP D 141 -31.73 10.25 -8.92
C ASP D 141 -32.58 10.61 -10.13
N GLU D 142 -33.91 10.50 -10.01
CA GLU D 142 -34.79 10.88 -11.11
C GLU D 142 -35.15 12.35 -11.08
N GLY D 143 -35.09 13.00 -9.92
CA GLY D 143 -35.36 14.42 -9.83
C GLY D 143 -36.09 14.84 -8.58
N GLY D 144 -36.64 13.88 -7.84
CA GLY D 144 -37.38 14.16 -6.62
C GLY D 144 -36.46 14.28 -5.42
N TYR D 145 -37.07 14.24 -4.24
CA TYR D 145 -36.34 14.39 -2.99
C TYR D 145 -36.44 13.17 -2.09
N PHE D 146 -37.64 12.63 -1.89
CA PHE D 146 -37.83 11.46 -1.05
C PHE D 146 -38.88 10.57 -1.67
N TYR D 147 -38.50 9.34 -2.00
CA TYR D 147 -39.39 8.37 -2.62
C TYR D 147 -39.72 7.27 -1.63
N PHE D 148 -41.01 6.98 -1.47
CA PHE D 148 -41.43 6.03 -0.46
C PHE D 148 -42.49 5.04 -0.95
N GLY D 149 -42.89 5.08 -2.21
CA GLY D 149 -43.88 4.16 -2.74
C GLY D 149 -45.27 4.73 -2.85
N GLU D 150 -45.47 6.01 -2.56
CA GLU D 150 -46.72 6.70 -2.82
C GLU D 150 -47.89 6.10 -2.06
N LEU D 151 -47.65 5.43 -0.94
CA LEU D 151 -48.71 4.87 -0.12
C LEU D 151 -48.57 5.33 1.32
N PRO D 152 -49.68 5.56 2.01
CA PRO D 152 -49.59 5.97 3.42
C PRO D 152 -48.93 4.92 4.27
N LEU D 153 -49.39 3.67 4.18
CA LEU D 153 -48.77 2.60 4.94
C LEU D 153 -47.33 2.39 4.52
N SER D 154 -47.06 2.45 3.21
CA SER D 154 -45.68 2.35 2.76
C SER D 154 -44.86 3.52 3.30
N LEU D 155 -45.50 4.66 3.52
CA LEU D 155 -44.79 5.81 4.07
C LEU D 155 -44.47 5.59 5.54
N ALA D 156 -45.38 4.97 6.28
CA ALA D 156 -45.08 4.62 7.67
C ALA D 156 -44.00 3.55 7.73
N ALA D 157 -44.04 2.61 6.79
CA ALA D 157 -43.04 1.53 6.77
C ALA D 157 -41.66 2.07 6.44
N CYS D 158 -41.58 2.90 5.40
CA CYS D 158 -40.29 3.41 4.97
C CYS D 158 -39.62 4.23 6.06
N THR D 159 -40.40 5.10 6.72
CA THR D 159 -39.88 6.02 7.72
C THR D 159 -39.66 5.38 9.08
N ASN D 160 -39.62 4.05 9.16
CA ASN D 160 -39.33 3.34 10.40
C ASN D 160 -40.36 3.64 11.48
N GLN D 161 -41.59 3.24 11.22
CA GLN D 161 -42.70 3.42 12.15
C GLN D 161 -43.44 2.10 12.31
N PRO D 162 -42.82 1.11 12.96
CA PRO D 162 -43.50 -0.18 13.13
C PRO D 162 -44.84 -0.05 13.83
N HIS D 163 -44.93 0.82 14.85
CA HIS D 163 -46.19 0.96 15.56
C HIS D 163 -47.28 1.47 14.64
N ILE D 164 -46.96 2.41 13.76
CA ILE D 164 -47.95 2.92 12.83
C ILE D 164 -48.43 1.81 11.91
N VAL D 165 -47.50 1.00 11.38
CA VAL D 165 -47.91 -0.08 10.50
C VAL D 165 -48.82 -1.05 11.23
N ASN D 166 -48.43 -1.42 12.45
CA ASN D 166 -49.22 -2.37 13.22
C ASN D 166 -50.62 -1.83 13.45
N TYR D 167 -50.73 -0.60 13.97
CA TYR D 167 -52.04 -0.03 14.24
C TYR D 167 -52.86 0.11 12.97
N LEU D 168 -52.22 0.59 11.89
CA LEU D 168 -52.95 0.85 10.66
C LEU D 168 -53.50 -0.43 10.07
N THR D 169 -52.75 -1.52 10.14
CA THR D 169 -53.24 -2.80 9.66
C THR D 169 -54.16 -3.49 10.66
N GLU D 170 -54.19 -3.02 11.92
CA GLU D 170 -55.05 -3.62 12.93
C GLU D 170 -55.98 -2.60 13.58
N ASN D 171 -56.20 -1.46 12.93
CA ASN D 171 -57.12 -0.47 13.48
C ASN D 171 -58.56 -1.00 13.41
N PRO D 172 -59.40 -0.64 14.38
CA PRO D 172 -60.79 -1.12 14.32
C PRO D 172 -61.51 -0.69 13.07
N HIS D 173 -61.20 0.50 12.57
CA HIS D 173 -61.83 1.03 11.37
C HIS D 173 -61.08 0.53 10.15
N LYS D 174 -61.35 1.15 8.99
CA LYS D 174 -60.68 0.79 7.74
C LYS D 174 -59.19 0.56 7.97
N LYS D 175 -58.70 -0.59 7.51
CA LYS D 175 -57.30 -0.96 7.61
C LYS D 175 -56.61 -0.67 6.28
N ALA D 176 -55.31 -0.97 6.23
CA ALA D 176 -54.51 -0.81 5.03
C ALA D 176 -54.00 -2.16 4.58
N ASP D 177 -54.16 -2.45 3.29
CA ASP D 177 -53.70 -3.70 2.72
C ASP D 177 -52.30 -3.52 2.14
N MET D 178 -51.36 -4.36 2.59
CA MET D 178 -49.99 -4.26 2.12
C MET D 178 -49.87 -4.58 0.64
N ARG D 179 -50.78 -5.39 0.09
CA ARG D 179 -50.66 -5.81 -1.29
C ARG D 179 -50.78 -4.64 -2.26
N ARG D 180 -51.69 -3.70 -1.97
CA ARG D 180 -51.96 -2.62 -2.89
C ARG D 180 -50.67 -1.92 -3.29
N GLN D 181 -50.52 -1.66 -4.58
CA GLN D 181 -49.31 -1.10 -5.14
C GLN D 181 -49.55 0.35 -5.57
N ASP D 182 -48.56 0.93 -6.23
CA ASP D 182 -48.55 2.35 -6.58
C ASP D 182 -48.35 2.51 -8.08
N SER D 183 -48.07 3.76 -8.50
CA SER D 183 -47.93 4.05 -9.92
C SER D 183 -47.01 3.08 -10.61
N ARG D 184 -45.83 2.84 -10.03
CA ARG D 184 -44.88 1.87 -10.56
C ARG D 184 -45.14 0.46 -10.07
N GLY D 185 -46.30 0.23 -9.44
CA GLY D 185 -46.63 -1.10 -8.95
C GLY D 185 -45.67 -1.60 -7.90
N ASN D 186 -45.26 -0.73 -6.97
CA ASN D 186 -44.18 -1.05 -6.07
C ASN D 186 -44.67 -1.88 -4.87
N THR D 187 -45.56 -1.30 -4.07
CA THR D 187 -45.96 -1.91 -2.81
C THR D 187 -44.90 -1.68 -1.74
N VAL D 188 -45.24 -2.03 -0.51
CA VAL D 188 -44.36 -1.74 0.62
C VAL D 188 -42.99 -2.38 0.41
N LEU D 189 -42.98 -3.61 -0.11
CA LEU D 189 -41.70 -4.31 -0.25
C LEU D 189 -40.79 -3.59 -1.24
N HIS D 190 -41.33 -3.21 -2.40
CA HIS D 190 -40.52 -2.50 -3.38
C HIS D 190 -40.04 -1.18 -2.81
N ALA D 191 -40.92 -0.42 -2.18
CA ALA D 191 -40.51 0.87 -1.63
C ALA D 191 -39.41 0.67 -0.60
N LEU D 192 -39.56 -0.34 0.25
CA LEU D 192 -38.62 -0.55 1.34
C LEU D 192 -37.30 -1.10 0.84
N VAL D 193 -37.30 -1.75 -0.33
CA VAL D 193 -36.04 -2.04 -0.99
C VAL D 193 -35.42 -0.76 -1.53
N ALA D 194 -36.26 0.13 -2.07
CA ALA D 194 -35.74 1.35 -2.69
C ALA D 194 -35.02 2.22 -1.68
N ILE D 195 -35.67 2.50 -0.54
CA ILE D 195 -35.05 3.42 0.42
C ILE D 195 -33.84 2.79 1.08
N ALA D 196 -33.68 1.48 0.97
CA ALA D 196 -32.60 0.82 1.70
C ALA D 196 -31.24 1.26 1.17
N ASP D 197 -30.24 1.17 2.05
CA ASP D 197 -28.85 1.39 1.67
C ASP D 197 -28.03 0.18 2.08
N ASN D 198 -26.71 0.28 2.00
CA ASN D 198 -25.83 -0.79 2.44
C ASN D 198 -25.18 -0.49 3.78
N THR D 199 -25.71 0.47 4.54
CA THR D 199 -25.17 0.82 5.85
C THR D 199 -25.64 -0.21 6.87
N ARG D 200 -25.43 0.09 8.15
CA ARG D 200 -25.86 -0.80 9.23
C ARG D 200 -27.13 -0.32 9.90
N GLU D 201 -27.18 0.95 10.29
CA GLU D 201 -28.39 1.48 10.93
C GLU D 201 -29.58 1.40 9.98
N ASN D 202 -29.38 1.74 8.71
CA ASN D 202 -30.46 1.66 7.74
C ASN D 202 -30.85 0.21 7.47
N THR D 203 -29.87 -0.66 7.28
CA THR D 203 -30.13 -2.03 6.91
C THR D 203 -30.73 -2.85 8.03
N LYS D 204 -30.78 -2.32 9.25
CA LYS D 204 -31.33 -3.07 10.37
C LYS D 204 -32.86 -2.93 10.44
N PHE D 205 -33.34 -1.70 10.58
CA PHE D 205 -34.78 -1.50 10.62
C PHE D 205 -35.41 -1.95 9.30
N VAL D 206 -34.75 -1.66 8.18
CA VAL D 206 -35.31 -2.05 6.88
C VAL D 206 -35.51 -3.56 6.84
N THR D 207 -34.46 -4.33 7.12
CA THR D 207 -34.58 -5.77 6.99
C THR D 207 -35.58 -6.33 7.99
N LYS D 208 -35.50 -5.90 9.25
CA LYS D 208 -36.40 -6.44 10.25
C LYS D 208 -37.85 -6.14 9.90
N MET D 209 -38.16 -4.87 9.65
CA MET D 209 -39.53 -4.49 9.34
C MET D 209 -39.98 -5.07 8.01
N TYR D 210 -39.06 -5.34 7.09
CA TYR D 210 -39.46 -5.89 5.80
C TYR D 210 -39.89 -7.34 5.96
N ASP D 211 -39.10 -8.11 6.72
CA ASP D 211 -39.55 -9.43 7.12
C ASP D 211 -40.88 -9.35 7.86
N LEU D 212 -41.05 -8.32 8.69
CA LEU D 212 -42.30 -8.17 9.42
C LEU D 212 -43.48 -8.01 8.48
N LEU D 213 -43.34 -7.14 7.48
CA LEU D 213 -44.41 -6.95 6.51
C LEU D 213 -44.69 -8.22 5.74
N LEU D 214 -43.64 -8.91 5.29
CA LEU D 214 -43.86 -10.13 4.53
C LEU D 214 -44.61 -11.15 5.38
N LEU D 215 -44.19 -11.32 6.63
CA LEU D 215 -44.78 -12.32 7.50
C LEU D 215 -46.21 -11.94 7.87
N LYS D 216 -46.48 -10.64 8.02
CA LYS D 216 -47.85 -10.19 8.27
C LYS D 216 -48.74 -10.49 7.08
N CYS D 217 -48.29 -10.15 5.87
CA CYS D 217 -49.09 -10.49 4.70
C CYS D 217 -49.31 -11.99 4.63
N SER D 218 -48.32 -12.77 5.06
CA SER D 218 -48.48 -14.22 5.04
C SER D 218 -49.59 -14.65 5.97
N ARG D 219 -49.55 -14.23 7.23
CA ARG D 219 -50.62 -14.62 8.14
C ARG D 219 -51.97 -14.16 7.63
N LEU D 220 -52.06 -12.91 7.20
CA LEU D 220 -53.34 -12.40 6.71
C LEU D 220 -53.80 -13.18 5.48
N PHE D 221 -52.87 -13.49 4.59
CA PHE D 221 -53.18 -14.19 3.34
C PHE D 221 -52.02 -15.12 2.99
N PRO D 222 -52.14 -16.40 3.32
CA PRO D 222 -51.08 -17.36 2.95
C PRO D 222 -51.12 -17.81 1.51
N ASP D 223 -52.08 -17.32 0.71
CA ASP D 223 -52.19 -17.77 -0.67
C ASP D 223 -50.95 -17.42 -1.47
N SER D 224 -50.45 -16.20 -1.32
CA SER D 224 -49.32 -15.72 -2.11
C SER D 224 -48.43 -14.83 -1.24
N ASN D 225 -47.18 -15.23 -1.10
CA ASN D 225 -46.23 -14.39 -0.38
C ASN D 225 -46.06 -13.07 -1.11
N LEU D 226 -46.03 -11.98 -0.35
CA LEU D 226 -46.01 -10.65 -0.94
C LEU D 226 -44.82 -10.42 -1.85
N GLU D 227 -43.73 -11.18 -1.67
CA GLU D 227 -42.54 -10.94 -2.46
C GLU D 227 -42.78 -11.14 -3.94
N THR D 228 -43.83 -11.86 -4.33
CA THR D 228 -44.04 -12.20 -5.72
C THR D 228 -44.76 -11.10 -6.50
N VAL D 229 -45.17 -10.02 -5.86
CA VAL D 229 -45.85 -8.93 -6.56
C VAL D 229 -44.79 -8.09 -7.27
N LEU D 230 -44.87 -8.05 -8.60
CA LEU D 230 -43.86 -7.40 -9.42
C LEU D 230 -44.30 -6.02 -9.85
N ASN D 231 -43.35 -5.10 -9.89
CA ASN D 231 -43.59 -3.75 -10.34
C ASN D 231 -43.86 -3.75 -11.84
N ASN D 232 -44.26 -2.58 -12.37
CA ASN D 232 -44.43 -2.46 -13.81
C ASN D 232 -43.16 -2.83 -14.56
N ASP D 233 -42.00 -2.60 -13.95
CA ASP D 233 -40.74 -3.06 -14.54
C ASP D 233 -40.61 -4.57 -14.55
N GLY D 234 -41.49 -5.29 -13.84
CA GLY D 234 -41.41 -6.74 -13.79
C GLY D 234 -40.14 -7.22 -13.13
N LEU D 235 -39.79 -6.63 -11.99
CA LEU D 235 -38.54 -6.94 -11.30
C LEU D 235 -38.74 -7.78 -10.05
N SER D 236 -39.58 -7.32 -9.12
CA SER D 236 -39.83 -7.98 -7.85
C SER D 236 -38.78 -7.55 -6.83
N PRO D 237 -39.12 -7.55 -5.54
CA PRO D 237 -38.24 -6.89 -4.55
C PRO D 237 -36.82 -7.41 -4.57
N LEU D 238 -36.63 -8.72 -4.65
CA LEU D 238 -35.27 -9.23 -4.70
C LEU D 238 -34.54 -8.71 -5.92
N MET D 239 -35.21 -8.70 -7.07
CA MET D 239 -34.57 -8.24 -8.29
C MET D 239 -34.21 -6.77 -8.21
N MET D 240 -35.11 -5.95 -7.67
CA MET D 240 -34.81 -4.53 -7.51
C MET D 240 -33.64 -4.34 -6.56
N ALA D 241 -33.61 -5.10 -5.48
CA ALA D 241 -32.50 -5.00 -4.54
C ALA D 241 -31.19 -5.33 -5.23
N ALA D 242 -31.19 -6.37 -6.07
CA ALA D 242 -29.97 -6.74 -6.77
C ALA D 242 -29.56 -5.68 -7.77
N LYS D 243 -30.50 -5.21 -8.58
CA LYS D 243 -30.19 -4.29 -9.67
C LYS D 243 -29.72 -2.94 -9.14
N THR D 244 -30.48 -2.34 -8.22
CA THR D 244 -30.11 -1.03 -7.72
C THR D 244 -28.82 -1.05 -6.94
N GLY D 245 -28.33 -2.23 -6.55
CA GLY D 245 -27.08 -2.32 -5.83
C GLY D 245 -27.26 -2.30 -4.32
N LYS D 246 -28.33 -2.94 -3.84
CA LYS D 246 -28.67 -2.94 -2.43
C LYS D 246 -28.15 -4.22 -1.80
N ILE D 247 -26.85 -4.25 -1.53
CA ILE D 247 -26.28 -5.41 -0.84
C ILE D 247 -26.90 -5.58 0.53
N GLY D 248 -27.26 -4.48 1.18
CA GLY D 248 -27.76 -4.57 2.55
C GLY D 248 -29.00 -5.44 2.66
N VAL D 249 -29.98 -5.22 1.79
CA VAL D 249 -31.20 -6.02 1.83
C VAL D 249 -31.06 -7.29 1.02
N PHE D 250 -30.23 -7.30 -0.02
CA PHE D 250 -30.04 -8.52 -0.79
C PHE D 250 -29.39 -9.60 0.07
N GLN D 251 -28.41 -9.23 0.89
CA GLN D 251 -27.73 -10.21 1.71
C GLN D 251 -28.69 -10.92 2.64
N HIS D 252 -29.83 -10.30 2.94
CA HIS D 252 -30.79 -10.87 3.86
C HIS D 252 -31.94 -11.56 3.14
N ILE D 253 -32.37 -11.03 2.00
CA ILE D 253 -33.52 -11.60 1.31
C ILE D 253 -33.24 -13.00 0.83
N ILE D 254 -31.98 -13.38 0.68
CA ILE D 254 -31.66 -14.71 0.18
C ILE D 254 -31.55 -15.71 1.33
N ARG D 255 -31.20 -15.25 2.53
CA ARG D 255 -31.06 -16.11 3.70
C ARG D 255 -32.22 -16.00 4.66
N ARG D 256 -33.41 -15.61 4.17
CA ARG D 256 -34.57 -15.53 5.04
C ARG D 256 -35.19 -16.92 5.21
N GLU D 257 -35.33 -17.35 6.47
CA GLU D 257 -35.83 -18.68 6.77
C GLU D 257 -36.79 -18.64 7.95
N VAL D 258 -37.72 -17.68 7.95
CA VAL D 258 -38.57 -17.43 9.11
C VAL D 258 -39.05 -18.75 9.69
N THR D 259 -38.82 -18.94 10.99
CA THR D 259 -38.95 -20.26 11.60
C THR D 259 -40.40 -20.67 11.79
N ASP D 260 -41.32 -19.71 11.92
CA ASP D 260 -42.71 -20.03 12.20
C ASP D 260 -43.25 -21.01 11.16
N GLU D 261 -43.61 -22.22 11.61
CA GLU D 261 -44.00 -23.28 10.68
C GLU D 261 -45.24 -22.89 9.89
N ASP D 262 -46.21 -22.25 10.54
CA ASP D 262 -47.42 -21.82 9.83
C ASP D 262 -47.09 -20.92 8.66
N THR D 263 -45.95 -20.21 8.73
CA THR D 263 -45.52 -19.33 7.65
C THR D 263 -44.06 -19.55 7.29
N ARG D 264 -43.52 -20.73 7.60
CA ARG D 264 -42.14 -21.03 7.23
C ARG D 264 -42.00 -21.26 5.74
N HIS D 265 -43.07 -21.63 5.05
CA HIS D 265 -42.96 -22.02 3.65
C HIS D 265 -42.34 -20.92 2.80
N LEU D 266 -42.51 -19.66 3.20
CA LEU D 266 -41.90 -18.55 2.47
C LEU D 266 -40.48 -18.28 2.95
N SER D 267 -39.69 -19.34 3.01
CA SER D 267 -38.31 -19.27 3.46
C SER D 267 -37.37 -19.50 2.29
N ARG D 268 -36.12 -19.10 2.49
CA ARG D 268 -35.08 -19.32 1.49
C ARG D 268 -33.99 -20.27 1.97
N LYS D 269 -33.30 -19.94 3.06
CA LYS D 269 -32.20 -20.78 3.53
C LYS D 269 -32.77 -22.00 4.23
N PHE D 270 -33.48 -22.81 3.46
CA PHE D 270 -33.94 -24.09 3.96
C PHE D 270 -32.78 -24.85 4.56
N LYS D 271 -32.97 -25.40 5.76
CA LYS D 271 -31.96 -26.20 6.42
C LYS D 271 -32.43 -27.65 6.44
N ASP D 272 -31.62 -28.55 5.91
CA ASP D 272 -32.03 -29.92 5.67
C ASP D 272 -31.33 -30.93 6.56
N TRP D 273 -30.00 -30.88 6.66
CA TRP D 273 -29.31 -31.90 7.43
C TRP D 273 -27.92 -31.43 7.82
N ALA D 274 -27.27 -32.24 8.63
CA ALA D 274 -25.93 -31.95 9.13
C ALA D 274 -25.42 -33.20 9.83
N TYR D 275 -24.13 -33.47 9.68
CA TYR D 275 -23.56 -34.67 10.24
C TYR D 275 -22.85 -34.39 11.56
N GLY D 276 -22.95 -33.15 12.04
CA GLY D 276 -22.44 -32.74 13.33
C GLY D 276 -21.40 -31.65 13.22
N PRO D 277 -20.44 -31.82 12.32
CA PRO D 277 -19.51 -30.73 12.03
C PRO D 277 -19.84 -29.99 10.74
N VAL D 278 -20.75 -30.55 9.95
CA VAL D 278 -21.04 -30.07 8.60
C VAL D 278 -22.54 -29.82 8.49
N TYR D 279 -22.90 -28.61 8.08
CA TYR D 279 -24.28 -28.22 7.87
C TYR D 279 -24.52 -28.06 6.38
N SER D 280 -25.51 -28.77 5.84
CA SER D 280 -25.80 -28.75 4.42
C SER D 280 -27.04 -27.87 4.21
N SER D 281 -26.80 -26.59 3.98
CA SER D 281 -27.89 -25.66 3.73
C SER D 281 -28.47 -25.88 2.33
N LEU D 282 -29.76 -25.58 2.19
CA LEU D 282 -30.49 -25.93 0.99
C LEU D 282 -31.03 -24.69 0.27
N TYR D 283 -30.22 -23.64 0.10
CA TYR D 283 -30.70 -22.35 -0.39
C TYR D 283 -31.72 -22.54 -1.50
N ASP D 284 -32.74 -21.72 -1.49
CA ASP D 284 -33.84 -21.81 -2.45
C ASP D 284 -33.60 -20.76 -3.52
N LEU D 285 -33.04 -21.16 -4.64
CA LEU D 285 -32.88 -20.27 -5.77
C LEU D 285 -34.07 -20.42 -6.72
N SER D 286 -35.25 -20.23 -6.16
CA SER D 286 -36.46 -20.25 -6.96
C SER D 286 -36.51 -19.14 -7.99
N SER D 287 -35.66 -18.12 -7.86
CA SER D 287 -35.63 -17.03 -8.83
C SER D 287 -34.23 -16.53 -9.13
N LEU D 288 -33.18 -17.27 -8.80
CA LEU D 288 -31.83 -16.89 -9.21
C LEU D 288 -31.44 -17.48 -10.55
N ASP D 289 -32.28 -18.33 -11.15
CA ASP D 289 -32.08 -18.71 -12.55
C ASP D 289 -33.39 -19.32 -13.04
N THR D 290 -34.04 -18.65 -13.99
CA THR D 290 -35.28 -19.14 -14.58
C THR D 290 -35.03 -20.11 -15.72
N CYS D 291 -33.84 -20.69 -15.82
CA CYS D 291 -33.48 -21.57 -16.92
C CYS D 291 -33.74 -20.88 -18.26
N GLY D 292 -33.39 -19.60 -18.33
CA GLY D 292 -33.61 -18.84 -19.55
C GLY D 292 -35.07 -18.65 -19.92
N GLU D 293 -35.98 -18.92 -18.98
CA GLU D 293 -37.41 -18.75 -19.24
C GLU D 293 -37.82 -17.29 -19.03
N GLU D 294 -37.47 -16.71 -17.89
CA GLU D 294 -37.77 -15.32 -17.58
C GLU D 294 -36.51 -14.68 -17.04
N VAL D 295 -36.64 -13.45 -16.55
CA VAL D 295 -35.51 -12.72 -16.01
C VAL D 295 -34.91 -13.52 -14.85
N SER D 296 -33.58 -13.48 -14.74
CA SER D 296 -32.84 -14.24 -13.75
C SER D 296 -31.90 -13.32 -12.99
N VAL D 297 -31.83 -13.51 -11.67
CA VAL D 297 -31.05 -12.60 -10.83
C VAL D 297 -29.58 -12.64 -11.22
N LEU D 298 -29.06 -13.81 -11.57
CA LEU D 298 -27.65 -13.89 -11.92
C LEU D 298 -27.36 -13.08 -13.16
N GLU D 299 -28.23 -13.15 -14.16
CA GLU D 299 -28.03 -12.39 -15.38
C GLU D 299 -27.96 -10.89 -15.09
N ILE D 300 -28.95 -10.37 -14.38
CA ILE D 300 -28.97 -8.94 -14.05
C ILE D 300 -27.75 -8.58 -13.22
N LEU D 301 -27.35 -9.47 -12.32
CA LEU D 301 -26.21 -9.18 -11.46
C LEU D 301 -24.93 -9.05 -12.26
N VAL D 302 -24.70 -9.95 -13.21
CA VAL D 302 -23.40 -10.03 -13.87
C VAL D 302 -23.35 -9.19 -15.14
N TYR D 303 -24.30 -9.39 -16.06
CA TYR D 303 -24.24 -8.67 -17.33
C TYR D 303 -24.37 -7.17 -17.13
N ASN D 304 -25.35 -6.75 -16.34
CA ASN D 304 -25.57 -5.32 -16.16
C ASN D 304 -24.32 -4.65 -15.62
N SER D 305 -23.95 -3.53 -16.24
CA SER D 305 -22.77 -2.78 -15.82
C SER D 305 -23.11 -1.60 -14.92
N LYS D 306 -24.37 -1.15 -14.92
CA LYS D 306 -24.78 -0.05 -14.06
C LYS D 306 -24.83 -0.44 -12.59
N ILE D 307 -24.68 -1.72 -12.27
CA ILE D 307 -24.72 -2.15 -10.87
C ILE D 307 -23.66 -1.40 -10.09
N GLU D 308 -24.06 -0.84 -8.95
CA GLU D 308 -23.17 0.02 -8.20
C GLU D 308 -21.99 -0.75 -7.63
N ASN D 309 -22.25 -1.87 -6.93
CA ASN D 309 -21.21 -2.62 -6.25
C ASN D 309 -21.46 -4.11 -6.45
N ARG D 310 -20.89 -4.67 -7.51
CA ARG D 310 -20.90 -6.10 -7.74
C ARG D 310 -19.73 -6.81 -7.07
N HIS D 311 -18.85 -6.07 -6.40
CA HIS D 311 -17.69 -6.68 -5.77
C HIS D 311 -18.13 -7.69 -4.71
N GLU D 312 -19.09 -7.31 -3.88
CA GLU D 312 -19.53 -8.18 -2.78
C GLU D 312 -20.80 -8.94 -3.10
N MET D 313 -21.66 -8.40 -3.97
CA MET D 313 -22.93 -9.06 -4.22
C MET D 313 -22.73 -10.46 -4.80
N LEU D 314 -21.77 -10.62 -5.71
CA LEU D 314 -21.49 -11.96 -6.23
C LEU D 314 -21.08 -12.91 -5.12
N ALA D 315 -20.51 -12.38 -4.04
CA ALA D 315 -20.09 -13.19 -2.91
C ALA D 315 -21.20 -13.39 -1.88
N VAL D 316 -22.46 -13.21 -2.27
CA VAL D 316 -23.56 -13.36 -1.33
C VAL D 316 -23.53 -14.74 -0.69
N GLU D 317 -23.33 -15.77 -1.51
CA GLU D 317 -23.01 -17.14 -1.11
C GLU D 317 -23.67 -18.14 -2.05
N PRO D 318 -25.00 -18.20 -2.12
CA PRO D 318 -25.61 -19.13 -3.08
C PRO D 318 -25.20 -18.84 -4.50
N ILE D 319 -25.00 -17.57 -4.86
CA ILE D 319 -24.58 -17.24 -6.21
C ILE D 319 -23.13 -17.65 -6.45
N ASN D 320 -22.25 -17.33 -5.50
CA ASN D 320 -20.84 -17.65 -5.68
C ASN D 320 -20.64 -19.14 -5.84
N GLU D 321 -21.48 -19.96 -5.23
CA GLU D 321 -21.37 -21.40 -5.37
C GLU D 321 -22.16 -21.94 -6.54
N LEU D 322 -23.23 -21.25 -6.95
CA LEU D 322 -23.94 -21.65 -8.16
C LEU D 322 -23.06 -21.48 -9.39
N LEU D 323 -22.24 -20.42 -9.42
CA LEU D 323 -21.30 -20.28 -10.52
C LEU D 323 -20.32 -21.45 -10.56
N ARG D 324 -19.79 -21.85 -9.41
CA ARG D 324 -18.87 -22.98 -9.37
C ARG D 324 -19.57 -24.26 -9.81
N ASP D 325 -20.81 -24.45 -9.39
CA ASP D 325 -21.56 -25.63 -9.81
C ASP D 325 -21.74 -25.66 -11.32
N LYS D 326 -22.10 -24.53 -11.91
CA LYS D 326 -22.22 -24.49 -13.36
C LYS D 326 -20.88 -24.78 -14.03
N TRP D 327 -19.79 -24.22 -13.47
CA TRP D 327 -18.47 -24.49 -14.00
C TRP D 327 -18.20 -25.99 -14.03
N ARG D 328 -18.40 -26.66 -12.90
CA ARG D 328 -18.10 -28.07 -12.81
C ARG D 328 -18.99 -28.89 -13.73
N LYS D 329 -20.28 -28.58 -13.78
CA LYS D 329 -21.21 -29.40 -14.55
C LYS D 329 -21.01 -29.19 -16.04
N PHE D 330 -21.21 -27.97 -16.52
CA PHE D 330 -21.17 -27.67 -17.95
C PHE D 330 -20.45 -26.36 -18.19
N GLY D 331 -19.30 -26.17 -17.54
CA GLY D 331 -18.52 -24.96 -17.72
C GLY D 331 -17.11 -25.22 -18.21
N ALA D 332 -16.55 -26.38 -17.90
CA ALA D 332 -15.23 -26.74 -18.42
C ALA D 332 -15.34 -27.48 -19.74
N VAL D 333 -16.24 -28.45 -19.83
CA VAL D 333 -16.43 -29.20 -21.06
C VAL D 333 -16.74 -28.25 -22.21
N SER D 334 -17.86 -27.52 -22.10
CA SER D 334 -18.29 -26.69 -23.22
C SER D 334 -17.27 -25.61 -23.54
N PHE D 335 -16.68 -25.01 -22.52
CA PHE D 335 -15.73 -23.93 -22.78
C PHE D 335 -14.50 -24.43 -23.54
N TYR D 336 -13.96 -25.58 -23.13
CA TYR D 336 -12.78 -26.10 -23.82
C TYR D 336 -13.14 -26.57 -25.23
N ILE D 337 -14.29 -27.21 -25.40
CA ILE D 337 -14.73 -27.55 -26.75
C ILE D 337 -14.81 -26.29 -27.60
N ASN D 338 -15.38 -25.22 -27.05
CA ASN D 338 -15.52 -23.98 -27.81
C ASN D 338 -14.16 -23.40 -28.17
N VAL D 339 -13.24 -23.34 -27.21
CA VAL D 339 -11.96 -22.70 -27.49
C VAL D 339 -11.19 -23.51 -28.53
N VAL D 340 -11.18 -24.83 -28.40
CA VAL D 340 -10.49 -25.65 -29.38
C VAL D 340 -11.15 -25.50 -30.75
N SER D 341 -12.48 -25.51 -30.80
CA SER D 341 -13.16 -25.37 -32.08
C SER D 341 -12.81 -24.05 -32.74
N TYR D 342 -12.84 -22.96 -31.98
CA TYR D 342 -12.53 -21.65 -32.54
C TYR D 342 -11.07 -21.57 -32.99
N LEU D 343 -10.14 -22.04 -32.15
CA LEU D 343 -8.74 -21.95 -32.50
C LEU D 343 -8.43 -22.76 -33.74
N CYS D 344 -8.98 -23.98 -33.82
CA CYS D 344 -8.76 -24.79 -35.02
C CYS D 344 -9.44 -24.16 -36.23
N ALA D 345 -10.61 -23.55 -36.04
CA ALA D 345 -11.26 -22.88 -37.15
C ALA D 345 -10.39 -21.77 -37.69
N MET D 346 -9.77 -20.98 -36.81
CA MET D 346 -8.92 -19.89 -37.28
C MET D 346 -7.63 -20.41 -37.89
N VAL D 347 -7.07 -21.49 -37.36
CA VAL D 347 -5.86 -22.06 -37.95
C VAL D 347 -6.16 -22.58 -39.35
N ILE D 348 -7.28 -23.27 -39.53
CA ILE D 348 -7.62 -23.72 -40.87
C ILE D 348 -7.94 -22.53 -41.75
N PHE D 349 -8.46 -21.44 -41.17
CA PHE D 349 -8.67 -20.23 -41.96
C PHE D 349 -7.34 -19.69 -42.47
N THR D 350 -6.33 -19.66 -41.60
CA THR D 350 -5.00 -19.20 -42.01
C THR D 350 -4.41 -20.09 -43.09
N LEU D 351 -4.55 -21.41 -42.94
CA LEU D 351 -3.98 -22.34 -43.91
C LEU D 351 -4.87 -22.48 -45.14
N THR D 352 -6.06 -21.90 -45.12
CA THR D 352 -6.79 -21.67 -46.36
C THR D 352 -6.29 -20.41 -47.04
N ALA D 353 -5.91 -19.41 -46.25
CA ALA D 353 -5.34 -18.19 -46.81
C ALA D 353 -4.03 -18.47 -47.53
N TYR D 354 -3.10 -19.12 -46.82
CA TYR D 354 -1.80 -19.42 -47.42
C TYR D 354 -1.96 -20.25 -48.68
N TYR D 355 -2.95 -21.15 -48.70
CA TYR D 355 -3.27 -21.89 -49.91
C TYR D 355 -4.27 -21.17 -50.81
N GLN D 356 -4.76 -19.99 -50.39
CA GLN D 356 -5.89 -19.34 -51.04
C GLN D 356 -5.77 -19.45 -52.57
N PRO D 357 -6.90 -19.63 -53.29
CA PRO D 357 -6.83 -19.84 -54.74
C PRO D 357 -5.78 -19.00 -55.44
N LEU D 358 -4.86 -19.66 -56.12
CA LEU D 358 -3.72 -19.03 -56.77
C LEU D 358 -3.90 -19.00 -58.27
N GLU D 359 -3.06 -18.22 -58.93
CA GLU D 359 -3.09 -18.09 -60.39
C GLU D 359 -4.48 -17.71 -60.87
N GLY D 360 -5.09 -16.75 -60.18
CA GLY D 360 -6.45 -16.37 -60.53
C GLY D 360 -7.43 -17.50 -60.29
N THR D 361 -8.45 -17.57 -61.14
CA THR D 361 -9.50 -18.57 -61.04
C THR D 361 -10.11 -18.57 -59.63
N PRO D 362 -10.69 -17.46 -59.20
CA PRO D 362 -11.28 -17.43 -57.86
C PRO D 362 -12.56 -18.26 -57.77
N PRO D 363 -13.48 -18.20 -58.76
CA PRO D 363 -14.80 -18.79 -58.53
C PRO D 363 -14.78 -20.29 -58.28
N TYR D 364 -14.24 -21.07 -59.21
CA TYR D 364 -14.20 -22.52 -59.09
C TYR D 364 -12.81 -23.03 -59.42
N PRO D 365 -11.86 -22.88 -58.48
CA PRO D 365 -10.52 -23.44 -58.70
C PRO D 365 -10.40 -24.91 -58.31
N TYR D 366 -11.41 -25.48 -57.66
CA TYR D 366 -11.30 -26.83 -57.11
C TYR D 366 -11.29 -27.84 -58.25
N ARG D 367 -10.10 -28.24 -58.67
CA ARG D 367 -9.97 -29.21 -59.75
C ARG D 367 -8.84 -30.22 -59.50
N THR D 368 -8.34 -30.34 -58.28
CA THR D 368 -7.27 -31.30 -58.00
C THR D 368 -7.29 -31.61 -56.50
N THR D 369 -6.47 -32.62 -56.14
CA THR D 369 -6.53 -33.16 -54.78
C THR D 369 -6.18 -32.10 -53.74
N VAL D 370 -5.06 -31.39 -53.95
CA VAL D 370 -4.69 -30.34 -52.99
C VAL D 370 -5.72 -29.22 -53.00
N ASP D 371 -6.19 -28.84 -54.19
CA ASP D 371 -7.24 -27.84 -54.27
C ASP D 371 -8.55 -28.37 -53.70
N TYR D 372 -8.79 -29.68 -53.83
CA TYR D 372 -9.97 -30.26 -53.18
C TYR D 372 -9.88 -30.11 -51.66
N LEU D 373 -8.69 -30.37 -51.10
CA LEU D 373 -8.49 -30.18 -49.67
C LEU D 373 -8.66 -28.72 -49.28
N ARG D 374 -8.15 -27.81 -50.11
CA ARG D 374 -8.31 -26.38 -49.83
C ARG D 374 -9.79 -26.00 -49.83
N LEU D 375 -10.55 -26.50 -50.80
CA LEU D 375 -11.99 -26.22 -50.81
C LEU D 375 -12.67 -26.82 -49.60
N ALA D 376 -12.25 -28.00 -49.18
CA ALA D 376 -12.82 -28.61 -47.97
C ALA D 376 -12.58 -27.71 -46.77
N GLY D 377 -11.35 -27.22 -46.62
CA GLY D 377 -11.06 -26.30 -45.55
C GLY D 377 -11.92 -25.05 -45.62
N GLU D 378 -12.04 -24.48 -46.83
CA GLU D 378 -12.81 -23.25 -46.99
C GLU D 378 -14.27 -23.47 -46.64
N VAL D 379 -14.85 -24.59 -47.08
CA VAL D 379 -16.27 -24.83 -46.84
C VAL D 379 -16.52 -25.11 -45.37
N ILE D 380 -15.64 -25.86 -44.70
CA ILE D 380 -15.84 -26.09 -43.28
C ILE D 380 -15.71 -24.78 -42.51
N THR D 381 -14.78 -23.91 -42.93
CA THR D 381 -14.65 -22.62 -42.26
C THR D 381 -15.88 -21.76 -42.48
N LEU D 382 -16.43 -21.77 -43.69
CA LEU D 382 -17.65 -21.01 -43.93
C LEU D 382 -18.80 -21.55 -43.09
N PHE D 383 -18.90 -22.87 -42.98
CA PHE D 383 -19.96 -23.46 -42.16
C PHE D 383 -19.79 -23.09 -40.71
N THR D 384 -18.56 -23.11 -40.20
CA THR D 384 -18.31 -22.68 -38.83
C THR D 384 -18.71 -21.22 -38.63
N GLY D 385 -18.32 -20.37 -39.57
CA GLY D 385 -18.68 -18.96 -39.46
C GLY D 385 -20.18 -18.74 -39.43
N VAL D 386 -20.89 -19.37 -40.36
CA VAL D 386 -22.33 -19.17 -40.42
C VAL D 386 -23.03 -19.79 -39.21
N LEU D 387 -22.54 -20.93 -38.72
CA LEU D 387 -23.16 -21.56 -37.56
C LEU D 387 -22.99 -20.70 -36.31
N PHE D 388 -21.77 -20.24 -36.04
CA PHE D 388 -21.57 -19.46 -34.83
C PHE D 388 -22.16 -18.05 -34.99
N PHE D 389 -22.38 -17.60 -36.23
CA PHE D 389 -23.21 -16.42 -36.46
C PHE D 389 -24.68 -16.68 -36.15
N PHE D 390 -25.16 -17.87 -36.48
CA PHE D 390 -26.50 -18.26 -36.06
C PHE D 390 -26.62 -18.19 -34.53
N THR D 391 -25.60 -18.70 -33.84
CA THR D 391 -25.58 -18.61 -32.39
C THR D 391 -25.63 -17.16 -31.93
N SER D 392 -24.83 -16.30 -32.57
CA SER D 392 -24.79 -14.90 -32.16
C SER D 392 -26.14 -14.22 -32.36
N ILE D 393 -26.80 -14.49 -33.48
CA ILE D 393 -28.08 -13.83 -33.76
C ILE D 393 -29.17 -14.35 -32.82
N LYS D 394 -29.19 -15.66 -32.56
CA LYS D 394 -30.22 -16.22 -31.71
C LYS D 394 -30.23 -15.56 -30.34
N ASP D 395 -29.09 -15.04 -29.91
CA ASP D 395 -28.99 -14.40 -28.62
C ASP D 395 -29.49 -12.96 -28.67
N PHE D 413 -18.29 -7.86 -26.66
CA PHE D 413 -17.51 -8.82 -27.42
C PHE D 413 -18.39 -9.58 -28.40
N GLN D 414 -19.72 -9.41 -28.27
CA GLN D 414 -20.61 -10.02 -29.25
C GLN D 414 -20.59 -9.22 -30.56
N LEU D 415 -20.43 -7.90 -30.48
CA LEU D 415 -20.30 -7.10 -31.69
C LEU D 415 -19.06 -7.49 -32.47
N LEU D 416 -17.98 -7.84 -31.78
CA LEU D 416 -16.74 -8.20 -32.46
C LEU D 416 -16.97 -9.38 -33.37
N TYR D 417 -17.55 -10.46 -32.83
CA TYR D 417 -17.88 -11.59 -33.69
C TYR D 417 -18.98 -11.26 -34.69
N PHE D 418 -19.89 -10.35 -34.35
CA PHE D 418 -20.92 -10.00 -35.32
C PHE D 418 -20.29 -9.45 -36.60
N ILE D 419 -19.42 -8.45 -36.45
CA ILE D 419 -18.74 -7.89 -37.61
C ILE D 419 -17.86 -8.95 -38.26
N TYR D 420 -17.13 -9.72 -37.45
CA TYR D 420 -16.39 -10.87 -37.96
C TYR D 420 -17.21 -11.65 -38.99
N SER D 421 -18.34 -12.18 -38.55
CA SER D 421 -19.04 -13.16 -39.37
C SER D 421 -19.76 -12.50 -40.55
N VAL D 422 -20.27 -11.28 -40.37
CA VAL D 422 -20.85 -10.61 -41.53
C VAL D 422 -19.77 -10.42 -42.59
N LEU D 423 -18.56 -10.02 -42.18
CA LEU D 423 -17.48 -9.86 -43.15
C LEU D 423 -17.17 -11.18 -43.82
N VAL D 424 -17.07 -12.27 -43.05
CA VAL D 424 -16.69 -13.54 -43.65
C VAL D 424 -17.74 -14.02 -44.65
N VAL D 425 -19.02 -13.89 -44.28
CA VAL D 425 -20.08 -14.34 -45.19
C VAL D 425 -20.12 -13.48 -46.44
N VAL D 426 -19.89 -12.17 -46.29
CA VAL D 426 -19.84 -11.30 -47.46
C VAL D 426 -18.69 -11.72 -48.38
N SER D 427 -17.53 -12.00 -47.79
CA SER D 427 -16.39 -12.41 -48.60
C SER D 427 -16.68 -13.72 -49.32
N ALA D 428 -17.29 -14.68 -48.64
CA ALA D 428 -17.65 -15.93 -49.30
C ALA D 428 -18.63 -15.69 -50.43
N ALA D 429 -19.59 -14.78 -50.23
CA ALA D 429 -20.53 -14.46 -51.29
C ALA D 429 -19.80 -13.89 -52.51
N LEU D 430 -18.88 -12.96 -52.29
CA LEU D 430 -18.10 -12.43 -53.41
C LEU D 430 -17.28 -13.52 -54.08
N TYR D 431 -16.74 -14.45 -53.30
CA TYR D 431 -16.02 -15.57 -53.86
C TYR D 431 -16.91 -16.41 -54.77
N LEU D 432 -18.18 -16.59 -54.39
CA LEU D 432 -19.07 -17.42 -55.18
C LEU D 432 -19.05 -17.00 -56.65
N ALA D 433 -19.04 -15.71 -56.91
CA ALA D 433 -18.97 -15.20 -58.28
C ALA D 433 -17.54 -15.12 -58.81
N GLY D 434 -16.55 -15.34 -57.97
CA GLY D 434 -15.16 -15.26 -58.40
C GLY D 434 -14.79 -13.88 -58.90
N ILE D 435 -15.18 -12.85 -58.16
CA ILE D 435 -14.86 -11.48 -58.55
C ILE D 435 -13.41 -11.21 -58.18
N GLU D 436 -12.61 -10.82 -59.17
CA GLU D 436 -11.18 -10.64 -58.94
C GLU D 436 -10.92 -9.55 -57.90
N ALA D 437 -9.93 -9.80 -57.05
CA ALA D 437 -9.48 -8.85 -56.04
C ALA D 437 -10.56 -8.48 -55.03
N TYR D 438 -11.72 -9.13 -55.09
CA TYR D 438 -12.80 -8.86 -54.15
C TYR D 438 -12.68 -9.66 -52.87
N LEU D 439 -11.82 -10.67 -52.83
CA LEU D 439 -11.53 -11.39 -51.59
C LEU D 439 -10.49 -10.66 -50.77
N ALA D 440 -10.73 -9.37 -50.55
CA ALA D 440 -9.80 -8.56 -49.80
C ALA D 440 -10.12 -8.62 -48.31
N VAL D 441 -11.34 -8.23 -47.94
CA VAL D 441 -11.71 -8.15 -46.53
C VAL D 441 -11.82 -9.54 -45.93
N MET D 442 -11.64 -10.58 -46.75
CA MET D 442 -11.56 -11.93 -46.18
C MET D 442 -10.37 -12.02 -45.24
N VAL D 443 -9.22 -11.50 -45.67
CA VAL D 443 -8.05 -11.54 -44.80
C VAL D 443 -8.25 -10.62 -43.60
N PHE D 444 -8.94 -9.50 -43.78
CA PHE D 444 -9.21 -8.64 -42.63
C PHE D 444 -10.09 -9.38 -41.62
N ALA D 445 -11.05 -10.16 -42.12
CA ALA D 445 -11.83 -11.01 -41.24
C ALA D 445 -10.95 -12.03 -40.55
N LEU D 446 -9.94 -12.55 -41.25
CA LEU D 446 -9.00 -13.46 -40.60
C LEU D 446 -8.35 -12.80 -39.40
N VAL D 447 -7.77 -11.62 -39.61
CA VAL D 447 -7.07 -10.96 -38.51
C VAL D 447 -8.04 -10.59 -37.41
N LEU D 448 -9.27 -10.19 -37.79
CA LEU D 448 -10.29 -9.89 -36.80
C LEU D 448 -10.57 -11.12 -35.95
N GLY D 449 -10.73 -12.27 -36.59
CA GLY D 449 -10.96 -13.49 -35.84
C GLY D 449 -9.82 -13.80 -34.90
N TRP D 450 -8.58 -13.57 -35.35
CA TRP D 450 -7.45 -13.89 -34.49
C TRP D 450 -7.44 -12.98 -33.26
N MET D 451 -7.62 -11.68 -33.47
CA MET D 451 -7.66 -10.80 -32.31
C MET D 451 -8.88 -11.09 -31.44
N ASN D 452 -9.96 -11.58 -32.05
CA ASN D 452 -11.12 -12.00 -31.27
C ASN D 452 -10.78 -13.18 -30.38
N ALA D 453 -10.01 -14.14 -30.90
CA ALA D 453 -9.56 -15.24 -30.07
C ALA D 453 -8.70 -14.73 -28.92
N LEU D 454 -7.80 -13.81 -29.22
CA LEU D 454 -7.02 -13.18 -28.14
C LEU D 454 -7.95 -12.50 -27.13
N TYR D 455 -9.10 -12.02 -27.59
CA TYR D 455 -10.02 -11.28 -26.73
C TYR D 455 -10.81 -12.22 -25.80
N PHE D 456 -11.64 -13.08 -26.39
CA PHE D 456 -12.67 -13.76 -25.61
C PHE D 456 -12.05 -14.76 -24.64
N THR D 457 -11.14 -15.62 -25.12
CA THR D 457 -10.62 -16.72 -24.32
C THR D 457 -9.67 -16.17 -23.26
N ARG D 458 -10.27 -15.60 -22.21
CA ARG D 458 -9.54 -15.11 -21.05
C ARG D 458 -9.65 -16.05 -19.86
N GLY D 459 -10.33 -17.19 -20.01
CA GLY D 459 -10.52 -18.13 -18.93
C GLY D 459 -9.37 -19.09 -18.68
N LEU D 460 -8.29 -18.99 -19.43
CA LEU D 460 -7.12 -19.87 -19.26
C LEU D 460 -6.26 -19.29 -18.14
N LYS D 461 -6.65 -19.61 -16.91
CA LYS D 461 -6.05 -19.05 -15.69
C LYS D 461 -5.82 -17.55 -15.79
N LEU D 462 -5.31 -16.95 -14.73
CA LEU D 462 -5.05 -15.51 -14.74
C LEU D 462 -3.65 -15.25 -15.30
N THR D 463 -3.57 -14.34 -16.28
CA THR D 463 -2.31 -13.87 -16.83
C THR D 463 -2.39 -12.34 -16.88
N GLY D 464 -2.06 -11.70 -15.76
CA GLY D 464 -2.25 -10.27 -15.66
C GLY D 464 -3.69 -9.93 -15.98
N THR D 465 -3.87 -8.93 -16.85
CA THR D 465 -5.19 -8.61 -17.40
C THR D 465 -4.97 -8.15 -18.84
N TYR D 466 -4.97 -9.09 -19.77
CA TYR D 466 -4.64 -8.75 -21.15
C TYR D 466 -5.79 -7.98 -21.80
N SER D 467 -6.99 -8.55 -21.80
CA SER D 467 -8.12 -7.90 -22.46
C SER D 467 -8.43 -6.55 -21.83
N ILE D 468 -8.39 -6.48 -20.49
CA ILE D 468 -8.73 -5.23 -19.83
C ILE D 468 -7.71 -4.15 -20.17
N MET D 469 -6.42 -4.52 -20.27
CA MET D 469 -5.44 -3.59 -20.80
C MET D 469 -5.77 -3.19 -22.22
N ILE D 470 -6.24 -4.14 -23.04
CA ILE D 470 -6.69 -3.78 -24.39
C ILE D 470 -7.67 -2.62 -24.31
N GLN D 471 -8.80 -2.82 -23.62
CA GLN D 471 -9.83 -1.79 -23.62
C GLN D 471 -9.31 -0.49 -23.02
N LYS D 472 -8.54 -0.56 -21.93
CA LYS D 472 -8.03 0.67 -21.35
C LYS D 472 -7.10 1.40 -22.31
N ILE D 473 -6.42 0.67 -23.19
CA ILE D 473 -5.57 1.29 -24.20
C ILE D 473 -6.30 1.26 -25.54
N LEU D 474 -6.56 0.05 -26.05
CA LEU D 474 -7.34 -0.15 -27.27
C LEU D 474 -6.97 0.89 -28.31
N PHE D 475 -7.83 1.89 -28.52
CA PHE D 475 -7.57 2.95 -29.48
C PHE D 475 -7.51 4.34 -28.86
N LYS D 476 -7.60 4.44 -27.53
CA LYS D 476 -7.73 5.75 -26.89
C LYS D 476 -6.57 6.67 -27.28
N ASP D 477 -5.36 6.28 -26.89
CA ASP D 477 -4.18 7.09 -27.18
C ASP D 477 -3.86 7.15 -28.68
N LEU D 478 -4.28 6.15 -29.44
CA LEU D 478 -3.84 6.06 -30.83
C LEU D 478 -4.36 7.23 -31.65
N PHE D 479 -5.64 7.58 -31.48
CA PHE D 479 -6.17 8.70 -32.25
C PHE D 479 -5.65 10.04 -31.75
N ARG D 480 -5.36 10.16 -30.45
CA ARG D 480 -4.67 11.35 -29.97
C ARG D 480 -3.34 11.53 -30.69
N PHE D 481 -2.57 10.45 -30.79
CA PHE D 481 -1.35 10.48 -31.59
C PHE D 481 -1.73 10.96 -32.97
N LEU D 482 -2.53 10.16 -33.70
CA LEU D 482 -2.85 10.49 -35.08
C LEU D 482 -3.14 11.97 -35.26
N LEU D 483 -3.89 12.56 -34.33
CA LEU D 483 -4.30 13.96 -34.50
C LEU D 483 -3.12 14.91 -34.30
N VAL D 484 -2.37 14.74 -33.22
CA VAL D 484 -1.20 15.61 -33.03
C VAL D 484 -0.22 15.41 -34.19
N TYR D 485 -0.07 14.17 -34.62
CA TYR D 485 0.77 13.82 -35.75
C TYR D 485 0.39 14.62 -36.98
N LEU D 486 -0.89 14.57 -37.34
CA LEU D 486 -1.35 15.25 -38.54
C LEU D 486 -1.19 16.75 -38.40
N LEU D 487 -1.47 17.31 -37.22
CA LEU D 487 -1.30 18.75 -37.08
C LEU D 487 0.15 19.14 -37.26
N PHE D 488 1.08 18.40 -36.67
CA PHE D 488 2.49 18.74 -36.85
C PHE D 488 2.88 18.64 -38.32
N MET D 489 2.43 17.58 -38.98
CA MET D 489 2.75 17.41 -40.39
C MET D 489 2.27 18.62 -41.19
N ILE D 490 1.00 18.98 -41.02
CA ILE D 490 0.46 20.11 -41.77
C ILE D 490 1.17 21.38 -41.39
N GLY D 491 1.50 21.56 -40.11
CA GLY D 491 2.13 22.80 -39.69
C GLY D 491 3.47 23.00 -40.37
N TYR D 492 4.33 21.99 -40.33
CA TYR D 492 5.64 22.22 -40.90
C TYR D 492 5.58 22.17 -42.43
N ALA D 493 4.64 21.43 -43.01
CA ALA D 493 4.46 21.50 -44.46
C ALA D 493 4.02 22.89 -44.88
N SER D 494 3.18 23.54 -44.06
CA SER D 494 2.81 24.93 -44.32
C SER D 494 4.02 25.83 -44.21
N ALA D 495 4.88 25.57 -43.23
CA ALA D 495 6.14 26.30 -43.17
C ALA D 495 6.90 26.19 -44.49
N LEU D 496 7.01 24.98 -45.01
CA LEU D 496 7.73 24.79 -46.27
C LEU D 496 7.06 25.52 -47.42
N VAL D 497 5.72 25.44 -47.51
CA VAL D 497 5.02 26.04 -48.64
C VAL D 497 5.06 27.56 -48.60
N THR D 498 5.05 28.16 -47.40
CA THR D 498 5.33 29.58 -47.31
C THR D 498 6.81 29.89 -47.53
N LEU D 499 7.67 28.88 -47.39
CA LEU D 499 9.09 29.08 -47.68
C LEU D 499 9.46 28.70 -49.10
N LEU D 500 9.28 27.44 -49.50
CA LEU D 500 9.68 27.01 -50.83
C LEU D 500 8.56 26.48 -51.71
N ASN D 501 7.78 25.50 -51.22
CA ASN D 501 6.84 24.81 -52.10
C ASN D 501 5.91 25.83 -52.76
N PRO D 502 6.06 26.08 -54.06
CA PRO D 502 5.20 27.08 -54.71
C PRO D 502 3.92 26.49 -55.28
N PRO D 522 10.88 21.34 -50.24
CA PRO D 522 12.31 21.56 -50.40
C PRO D 522 13.08 20.26 -50.64
N ALA D 523 13.10 19.40 -49.62
CA ALA D 523 13.76 18.11 -49.77
C ALA D 523 13.06 17.26 -50.82
N CYS D 524 11.73 17.26 -50.81
CA CYS D 524 10.95 16.43 -51.72
C CYS D 524 10.54 17.24 -52.96
N ARG D 525 11.54 17.86 -53.59
CA ARG D 525 11.39 18.43 -54.93
C ARG D 525 10.57 19.70 -54.98
N ASP D 526 10.06 20.15 -53.83
CA ASP D 526 9.41 21.46 -53.65
C ASP D 526 8.60 21.93 -54.85
N SER D 527 7.59 21.17 -55.25
CA SER D 527 6.74 21.55 -56.37
C SER D 527 5.27 21.44 -56.03
N GLU D 528 4.87 21.96 -54.87
CA GLU D 528 3.50 21.88 -54.38
C GLU D 528 3.00 20.43 -54.48
N THR D 529 3.77 19.55 -53.84
CA THR D 529 3.56 18.12 -53.95
C THR D 529 2.55 17.67 -52.90
N PHE D 530 2.38 16.37 -52.73
CA PHE D 530 1.48 15.83 -51.74
C PHE D 530 2.09 15.97 -50.34
N SER D 531 1.22 16.00 -49.33
CA SER D 531 1.65 16.05 -47.95
C SER D 531 1.73 14.68 -47.29
N ALA D 532 0.85 13.74 -47.68
CA ALA D 532 0.86 12.43 -47.05
C ALA D 532 2.23 11.77 -47.12
N PHE D 533 3.00 12.08 -48.17
CA PHE D 533 4.36 11.58 -48.23
C PHE D 533 5.21 12.19 -47.11
N LEU D 534 4.87 13.39 -46.65
CA LEU D 534 5.54 13.92 -45.47
C LEU D 534 5.23 13.06 -44.25
N LEU D 535 3.97 12.61 -44.11
CA LEU D 535 3.64 11.69 -43.03
C LEU D 535 4.45 10.41 -43.15
N ASP D 536 4.54 9.87 -44.35
CA ASP D 536 5.31 8.64 -44.54
C ASP D 536 6.76 8.83 -44.14
N LEU D 537 7.35 9.95 -44.57
CA LEU D 537 8.73 10.24 -44.21
C LEU D 537 8.89 10.38 -42.70
N PHE D 538 7.96 11.10 -42.06
CA PHE D 538 8.05 11.33 -40.63
C PHE D 538 7.98 10.00 -39.88
N LYS D 539 7.05 9.13 -40.29
CA LYS D 539 6.99 7.80 -39.69
C LYS D 539 8.29 7.05 -39.90
N LEU D 540 8.82 7.10 -41.14
CA LEU D 540 9.95 6.25 -41.49
C LEU D 540 11.21 6.64 -40.73
N THR D 541 11.59 7.92 -40.76
CA THR D 541 12.90 8.31 -40.26
C THR D 541 12.87 8.91 -38.86
N ILE D 542 12.12 9.99 -38.64
CA ILE D 542 12.02 10.54 -37.29
C ILE D 542 11.42 9.53 -36.34
N GLY D 543 10.75 8.49 -36.85
CA GLY D 543 10.38 7.36 -36.03
C GLY D 543 11.46 6.30 -35.91
N MET D 544 12.08 5.90 -37.03
CA MET D 544 13.07 4.83 -36.98
C MET D 544 14.44 5.30 -37.48
N GLY D 545 14.53 5.88 -38.67
CA GLY D 545 15.79 6.47 -39.09
C GLY D 545 15.86 6.71 -40.58
N ASP D 546 17.02 7.22 -41.01
CA ASP D 546 17.27 7.60 -42.40
C ASP D 546 16.43 8.79 -42.87
N LEU D 547 16.58 9.93 -42.20
CA LEU D 547 15.97 11.18 -42.61
C LEU D 547 16.68 11.76 -43.83
N GLU D 548 15.97 12.65 -44.53
CA GLU D 548 16.50 13.39 -45.67
C GLU D 548 17.16 14.69 -45.23
N MET D 549 17.57 14.78 -43.97
CA MET D 549 18.10 16.02 -43.41
C MET D 549 17.03 17.12 -43.53
N LEU D 550 16.71 17.46 -44.77
CA LEU D 550 15.58 18.31 -45.13
C LEU D 550 15.87 19.80 -44.94
N SER D 551 16.94 20.14 -44.23
CA SER D 551 17.45 21.50 -44.22
C SER D 551 18.90 21.58 -44.68
N SER D 552 19.79 20.80 -44.07
CA SER D 552 21.25 20.85 -44.30
C SER D 552 22.11 21.97 -43.70
N PHE D 559 14.11 27.33 -42.43
CA PHE D 559 13.65 25.97 -42.19
C PHE D 559 13.96 25.54 -40.77
N ILE D 560 15.25 25.51 -40.44
CA ILE D 560 15.74 24.87 -39.22
C ILE D 560 15.12 25.35 -37.91
N LEU D 561 14.97 26.66 -37.75
CA LEU D 561 14.40 27.22 -36.53
C LEU D 561 13.11 26.48 -36.22
N LEU D 562 12.30 26.23 -37.25
CA LEU D 562 11.04 25.52 -37.05
C LEU D 562 11.29 24.05 -36.80
N LEU D 563 11.88 23.35 -37.78
CA LEU D 563 11.96 21.90 -37.72
C LEU D 563 12.56 21.42 -36.41
N VAL D 564 13.64 22.06 -35.95
CA VAL D 564 14.30 21.55 -34.74
C VAL D 564 13.34 21.57 -33.57
N THR D 565 12.69 22.71 -33.34
CA THR D 565 11.76 22.83 -32.22
C THR D 565 10.59 21.86 -32.39
N TYR D 566 10.03 21.78 -33.60
CA TYR D 566 8.88 20.93 -33.82
C TYR D 566 9.21 19.47 -33.55
N ILE D 567 10.38 19.01 -34.02
CA ILE D 567 10.74 17.61 -33.88
C ILE D 567 11.05 17.29 -32.41
N ILE D 568 11.75 18.19 -31.73
CA ILE D 568 11.99 17.93 -30.31
C ILE D 568 10.67 17.88 -29.56
N LEU D 569 9.72 18.75 -29.94
CA LEU D 569 8.41 18.74 -29.30
C LEU D 569 7.66 17.45 -29.58
N THR D 570 7.69 16.98 -30.83
CA THR D 570 6.95 15.76 -31.14
C THR D 570 7.56 14.57 -30.39
N PHE D 571 8.89 14.53 -30.30
CA PHE D 571 9.52 13.49 -29.48
C PHE D 571 9.09 13.61 -28.02
N VAL D 572 9.07 14.82 -27.48
CA VAL D 572 8.70 14.98 -26.08
C VAL D 572 7.27 14.50 -25.85
N LEU D 573 6.37 14.86 -26.76
CA LEU D 573 4.98 14.44 -26.64
C LEU D 573 4.85 12.92 -26.75
N LEU D 574 5.54 12.31 -27.71
CA LEU D 574 5.50 10.86 -27.82
C LEU D 574 6.00 10.20 -26.55
N LEU D 575 7.15 10.65 -26.05
CA LEU D 575 7.60 10.14 -24.77
C LEU D 575 6.49 10.24 -23.74
N ASN D 576 6.09 11.46 -23.39
CA ASN D 576 5.18 11.63 -22.27
C ASN D 576 3.93 10.77 -22.45
N MET D 577 3.34 10.76 -23.65
CA MET D 577 2.14 9.98 -23.85
C MET D 577 2.42 8.49 -23.58
N LEU D 578 3.47 7.95 -24.20
CA LEU D 578 3.76 6.53 -24.03
C LEU D 578 4.00 6.18 -22.57
N ILE D 579 4.93 6.89 -21.93
CA ILE D 579 5.30 6.60 -20.55
C ILE D 579 4.12 6.78 -19.61
N ALA D 580 3.46 7.94 -19.67
CA ALA D 580 2.35 8.18 -18.75
C ALA D 580 1.29 7.12 -18.90
N LEU D 581 0.87 6.86 -20.14
CA LEU D 581 -0.16 5.86 -20.36
C LEU D 581 0.25 4.53 -19.79
N MET D 582 1.42 4.04 -20.21
CA MET D 582 1.95 2.72 -19.80
C MET D 582 1.98 2.58 -18.28
N GLY D 583 2.63 3.52 -17.58
CA GLY D 583 2.81 3.42 -16.16
C GLY D 583 1.49 3.50 -15.42
N GLU D 584 0.70 4.54 -15.71
CA GLU D 584 -0.54 4.73 -14.98
C GLU D 584 -1.49 3.56 -15.19
N THR D 585 -1.62 3.09 -16.44
CA THR D 585 -2.59 2.04 -16.72
C THR D 585 -2.17 0.72 -16.10
N VAL D 586 -0.91 0.30 -16.31
CA VAL D 586 -0.50 -1.02 -15.85
C VAL D 586 -0.39 -1.04 -14.32
N GLY D 587 0.11 0.04 -13.71
CA GLY D 587 0.42 0.00 -12.30
C GLY D 587 -0.77 0.11 -11.36
N GLN D 588 -1.45 1.26 -11.38
CA GLN D 588 -2.43 1.57 -10.34
C GLN D 588 -3.78 0.91 -10.61
N VAL D 589 -4.39 1.23 -11.75
CA VAL D 589 -5.79 0.87 -12.01
C VAL D 589 -5.93 -0.61 -12.33
N SER D 590 -4.84 -1.36 -12.24
CA SER D 590 -4.85 -2.76 -12.68
C SER D 590 -5.99 -3.54 -12.05
N LYS D 591 -5.96 -3.68 -10.72
CA LYS D 591 -6.88 -4.56 -10.00
C LYS D 591 -7.00 -5.89 -10.75
N GLU D 592 -5.86 -6.57 -10.85
CA GLU D 592 -5.65 -7.56 -11.90
C GLU D 592 -6.72 -8.64 -11.91
N SER D 593 -6.75 -9.48 -10.88
CA SER D 593 -7.34 -10.80 -10.99
C SER D 593 -8.67 -10.96 -10.28
N LYS D 594 -8.72 -10.68 -8.98
CA LYS D 594 -9.77 -11.26 -8.15
C LYS D 594 -11.18 -10.96 -8.65
N HIS D 595 -11.67 -9.73 -8.57
CA HIS D 595 -13.04 -9.48 -9.02
C HIS D 595 -13.12 -9.39 -10.53
N ILE D 596 -12.08 -8.87 -11.17
CA ILE D 596 -12.09 -8.80 -12.63
C ILE D 596 -12.19 -10.20 -13.21
N TRP D 597 -11.37 -11.14 -12.71
CA TRP D 597 -11.43 -12.49 -13.23
C TRP D 597 -12.71 -13.20 -12.78
N LYS D 598 -13.19 -12.91 -11.57
CA LYS D 598 -14.48 -13.44 -11.17
C LYS D 598 -15.55 -13.09 -12.18
N LEU D 599 -15.68 -11.80 -12.50
CA LEU D 599 -16.66 -11.38 -13.48
C LEU D 599 -16.38 -12.03 -14.84
N GLN D 600 -15.10 -12.19 -15.18
CA GLN D 600 -14.78 -12.80 -16.47
C GLN D 600 -15.35 -14.21 -16.57
N TRP D 601 -15.04 -15.08 -15.59
CA TRP D 601 -15.55 -16.43 -15.79
C TRP D 601 -17.05 -16.48 -15.52
N ALA D 602 -17.58 -15.53 -14.75
CA ALA D 602 -19.03 -15.46 -14.59
C ALA D 602 -19.70 -15.21 -15.94
N THR D 603 -19.19 -14.23 -16.69
CA THR D 603 -19.74 -13.96 -18.01
C THR D 603 -19.57 -15.15 -18.93
N THR D 604 -18.41 -15.81 -18.87
CA THR D 604 -18.21 -16.98 -19.71
C THR D 604 -19.23 -18.07 -19.39
N ILE D 605 -19.45 -18.33 -18.11
CA ILE D 605 -20.38 -19.39 -17.72
C ILE D 605 -21.80 -19.03 -18.12
N LEU D 606 -22.20 -17.79 -17.84
CA LEU D 606 -23.58 -17.38 -18.13
C LEU D 606 -23.86 -17.41 -19.62
N ASP D 607 -22.98 -16.84 -20.43
CA ASP D 607 -23.23 -16.86 -21.87
C ASP D 607 -23.03 -18.26 -22.45
N ILE D 608 -22.22 -19.10 -21.81
CA ILE D 608 -22.18 -20.51 -22.20
C ILE D 608 -23.57 -21.13 -22.05
N GLU D 609 -24.19 -20.94 -20.89
CA GLU D 609 -25.52 -21.47 -20.68
C GLU D 609 -26.51 -20.84 -21.65
N ARG D 610 -26.40 -19.54 -21.87
CA ARG D 610 -27.29 -18.86 -22.80
C ARG D 610 -27.16 -19.42 -24.22
N SER D 611 -25.97 -19.90 -24.58
CA SER D 611 -25.74 -20.35 -25.94
C SER D 611 -26.66 -21.51 -26.29
N PHE D 612 -26.49 -22.65 -25.64
CA PHE D 612 -27.29 -23.82 -25.94
C PHE D 612 -28.51 -23.87 -25.04
N PRO D 613 -29.52 -24.67 -25.40
CA PRO D 613 -30.74 -24.72 -24.60
C PRO D 613 -30.50 -25.26 -23.20
N VAL D 614 -30.65 -24.38 -22.20
CA VAL D 614 -30.38 -24.77 -20.81
C VAL D 614 -31.41 -25.77 -20.32
N PHE D 615 -32.67 -25.60 -20.71
CA PHE D 615 -33.74 -26.45 -20.20
C PHE D 615 -33.44 -27.93 -20.35
N LEU D 616 -32.47 -28.30 -21.19
CA LEU D 616 -32.10 -29.69 -21.36
C LEU D 616 -31.57 -30.23 -20.03
N ARG D 617 -31.22 -31.51 -20.02
CA ARG D 617 -30.83 -32.18 -18.79
C ARG D 617 -29.42 -31.76 -18.36
N LYS D 618 -29.22 -30.45 -18.20
CA LYS D 618 -27.93 -29.91 -17.81
C LYS D 618 -28.12 -28.76 -16.84
N ALA D 619 -29.19 -28.80 -16.06
CA ALA D 619 -29.55 -27.72 -15.15
C ALA D 619 -29.06 -28.07 -13.74
N PHE D 620 -29.47 -27.23 -12.80
CA PHE D 620 -29.14 -27.40 -11.38
C PHE D 620 -30.14 -28.32 -10.69
N ARG D 621 -29.97 -28.49 -9.38
CA ARG D 621 -30.65 -29.53 -8.63
C ARG D 621 -32.15 -29.23 -8.47
N SER D 622 -32.91 -30.27 -8.13
CA SER D 622 -34.27 -30.15 -7.62
C SER D 622 -34.34 -30.71 -6.20
N GLY D 623 -35.36 -30.28 -5.47
CA GLY D 623 -35.40 -30.53 -4.04
C GLY D 623 -36.69 -31.10 -3.51
N GLU D 624 -37.15 -30.57 -2.38
CA GLU D 624 -38.30 -31.11 -1.67
C GLU D 624 -39.56 -31.05 -2.54
N MET D 625 -40.45 -32.02 -2.35
CA MET D 625 -41.60 -32.17 -3.24
C MET D 625 -42.75 -31.24 -2.88
N VAL D 626 -43.39 -31.46 -1.73
CA VAL D 626 -44.65 -30.80 -1.41
C VAL D 626 -44.92 -30.94 0.07
N THR D 627 -45.81 -30.10 0.60
CA THR D 627 -46.25 -30.03 1.99
C THR D 627 -45.22 -29.33 2.87
N VAL D 628 -44.03 -29.03 2.36
CA VAL D 628 -43.08 -28.16 3.02
C VAL D 628 -42.67 -26.99 2.14
N GLY D 629 -42.43 -27.25 0.86
CA GLY D 629 -42.13 -26.21 -0.10
C GLY D 629 -42.96 -26.37 -1.36
N ARG D 638 -42.40 -28.07 -6.52
CA ARG D 638 -41.15 -28.78 -6.24
C ARG D 638 -40.14 -27.84 -5.62
N ARG D 639 -40.05 -26.62 -6.13
CA ARG D 639 -39.19 -25.60 -5.53
C ARG D 639 -37.72 -26.05 -5.53
N TRP D 640 -37.16 -26.15 -6.73
CA TRP D 640 -35.78 -26.57 -6.89
C TRP D 640 -34.88 -25.79 -5.92
N CYS D 641 -33.76 -26.39 -5.55
CA CYS D 641 -32.84 -25.81 -4.58
C CYS D 641 -31.41 -26.21 -4.89
N PHE D 642 -30.48 -25.46 -4.32
CA PHE D 642 -29.05 -25.68 -4.49
C PHE D 642 -28.42 -25.84 -3.12
N ARG D 643 -27.77 -26.97 -2.88
CA ARG D 643 -27.29 -27.32 -1.55
C ARG D 643 -25.82 -26.96 -1.42
N VAL D 644 -25.51 -26.12 -0.43
CA VAL D 644 -24.14 -25.74 -0.13
C VAL D 644 -23.77 -26.33 1.23
N ASP D 645 -22.63 -26.99 1.30
CA ASP D 645 -22.18 -27.66 2.52
C ASP D 645 -21.13 -26.81 3.20
N GLU D 646 -21.48 -26.22 4.34
CA GLU D 646 -20.55 -25.50 5.18
C GLU D 646 -20.10 -26.40 6.32
N VAL D 647 -19.01 -26.00 6.97
CA VAL D 647 -18.50 -26.70 8.15
C VAL D 647 -18.27 -25.69 9.25
N ASN D 648 -18.82 -25.97 10.42
CA ASN D 648 -18.64 -25.12 11.60
C ASN D 648 -18.36 -26.00 12.79
N TRP D 649 -17.71 -25.43 13.80
CA TRP D 649 -17.30 -26.15 14.99
C TRP D 649 -18.04 -25.66 16.23
N SER D 650 -19.36 -25.48 16.10
CA SER D 650 -20.21 -25.13 17.23
C SER D 650 -20.74 -26.38 17.92
N1 9QM E . 33.53 18.54 0.74
N3 9QM E . 32.40 19.58 -1.23
C4 9QM E . 34.61 16.78 1.86
C5 9QM E . 33.02 18.44 -0.61
C6 9QM E . 36.40 16.06 0.89
C7 9QM E . 31.92 19.46 -2.49
C8 9QM E . 32.28 20.83 -0.49
C10 9QM E . 32.03 18.20 -3.22
C13 9QM E . 31.58 20.86 0.62
C15 9QM E . 32.31 15.76 -4.50
C17 9QM E . 31.43 22.16 1.39
C20 9QM E . 32.74 25.44 1.41
C21 9QM E . 34.12 25.46 2.04
C22 9QM E . 32.39 26.40 0.57
C24 9QM E . 33.38 27.51 0.23
C1 9QM E . 34.79 19.23 0.93
C11 9QM E . 32.78 15.91 -3.21
C12 9QM E . 31.56 18.05 -4.51
C14 9QM E . 32.94 22.11 -0.99
C16 9QM E . 31.70 16.83 -5.14
C18 9QM E . 32.81 23.23 -0.33
C19 9QM E . 32.00 23.26 0.97
C2 9QM E . 33.25 17.46 1.65
C23 9QM E . 34.98 26.41 1.75
C25 9QM E . 34.58 27.52 0.78
C3 9QM E . 35.87 18.16 0.75
C9 9QM E . 32.65 17.11 -2.58
F1 9QM E . 33.38 14.86 -2.59
F2 9QM E . 35.46 28.51 0.47
N2 9QM E . 35.42 16.93 0.84
N4 9QM E . 33.14 17.24 -1.27
O1 9QM E . 31.31 20.56 -3.13
O2 9QM E . 31.82 24.43 1.72
H8 9QM E . 35.07 17.21 2.75
H9 9QM E . 34.43 15.72 2.04
H10 9QM E . 37.09 16.27 0.06
H11 9QM E . 36.01 15.06 0.78
H12 9QM E . 36.93 16.15 1.83
H14 9QM E . 31.11 19.94 0.98
H16 9QM E . 32.41 14.81 -5.02
H18 9QM E . 30.86 22.17 2.31
H20 9QM E . 34.41 24.67 2.73
H21 9QM E . 31.41 26.39 0.12
H23 9QM E . 33.10 28.28 -0.46
H3 9QM E . 34.91 20.01 0.20
H2 9QM E . 34.83 19.63 1.94
H13 9QM E . 31.09 18.87 -5.02
H15 9QM E . 33.52 22.10 -1.92
H17 9QM E . 31.33 16.70 -6.16
H19 9QM E . 33.29 24.14 -0.69
H4 9QM E . 32.54 16.76 1.22
H5 9QM E . 32.89 17.86 2.59
H22 9QM E . 35.96 26.41 2.20
H7 9QM E . 36.32 18.29 -0.22
H6 9QM E . 36.63 18.32 1.52
N1 9QM F . -10.43 31.31 -19.45
N3 9QM F . -10.70 29.52 -21.15
C4 9QM F . -9.18 32.73 -18.05
C5 9QM F . -9.84 30.32 -20.33
C6 9QM F . -7.79 34.01 -19.12
C7 9QM F . -10.13 28.59 -21.98
C8 9QM F . -12.14 29.69 -21.12
C10 9QM F . -8.68 28.41 -22.01
C13 9QM F . -12.78 29.47 -19.99
C15 9QM F . -5.92 28.16 -21.97
C17 9QM F . -14.29 29.63 -19.93
C20 9QM F . -16.95 30.86 -21.92
C21 9QM F . -16.98 32.38 -21.87
C22 9QM F . -17.48 30.22 -22.94
C24 9QM F . -18.12 31.01 -24.08
C1 9QM F . -10.88 32.55 -20.04
C11 9QM F . -6.52 29.09 -21.17
C12 9QM F . -8.07 27.48 -22.82
C14 9QM F . -12.92 30.11 -22.36
C16 9QM F . -6.69 27.36 -22.80
C18 9QM F . -14.23 30.26 -22.30
C19 9QM F . -14.97 30.00 -20.98
C2 9QM F . -9.93 31.40 -18.10
C23 9QM F . -17.54 33.06 -22.86
C25 9QM F . -18.15 32.32 -24.04
C3 9QM F . -9.67 33.48 -20.03
C9 9QM F . -7.89 29.23 -21.17
F1 9QM F . -5.76 29.88 -20.35
F2 9QM F . -18.73 33.03 -25.06
N2 9QM F . -8.71 33.08 -19.23
N4 9QM F . -8.49 30.18 -20.33
O1 9QM F . -10.93 27.79 -22.80
O2 9QM F . -16.36 30.13 -20.87
H8 9QM F . -9.85 33.50 -17.70
H9 9QM F . -8.36 32.63 -17.36
H10 9QM F . -7.48 34.33 -20.10
H11 9QM F . -6.92 33.61 -18.59
H12 9QM F . -8.18 34.87 -18.57
H14 9QM F . -12.23 29.18 -19.11
H16 9QM F . -4.83 28.06 -21.97
H18 9QM F . -14.81 29.46 -19.00
H20 9QM F . -16.54 32.91 -21.03
H21 9QM F . -17.46 29.14 -22.97
H23 9QM F . -18.57 30.48 -24.92
H3 9QM F . -11.24 32.39 -21.05
H2 9QM F . -11.68 32.98 -19.43
H13 9QM F . -8.66 26.85 -23.47
H15 9QM F . -12.40 30.30 -23.29
H17 9QM F . -6.21 26.63 -23.44
H19 9QM F . -14.78 30.56 -23.19
H4 9QM F . -9.26 30.58 -17.87
H5 9QM F . -10.76 31.42 -17.41
H22 9QM F . -17.55 34.15 -22.82
H7 9QM F . -9.28 33.52 -21.05
H6 9QM F . -10.00 34.47 -19.74
N1 9QM G . 22.98 -29.86 -7.03
N3 9QM G . 24.39 -27.94 -7.74
C4 9QM G . 21.17 -31.33 -7.25
C5 9QM G . 23.25 -28.77 -7.93
C6 9QM G . 21.16 -32.46 -9.10
C7 9QM G . 24.63 -26.91 -8.60
C8 9QM G . 25.28 -28.18 -6.61
C10 9QM G . 23.72 -26.67 -9.73
C13 9QM G . 24.81 -28.08 -5.39
C15 9QM G . 21.95 -26.30 -11.82
C17 9QM G . 25.73 -28.32 -4.19
C20 9QM G . 29.00 -29.48 -3.51
C21 9QM G . 29.05 -30.99 -3.60
C22 9QM G . 30.10 -28.78 -3.68
C24 9QM G . 31.42 -29.49 -3.97
C1 9QM G . 23.78 -31.07 -7.16
C11 9QM G . 21.73 -27.33 -10.92
C12 9QM G . 23.93 -25.64 -10.63
C14 9QM G . 26.76 -28.52 -6.82
C16 9QM G . 23.04 -25.46 -11.67
C18 9QM G . 27.55 -28.73 -5.79
C19 9QM G . 26.99 -28.62 -4.37
C2 9QM G . 21.62 -30.05 -6.57
C23 9QM G . 30.18 -31.61 -3.84
C25 9QM G . 31.46 -30.79 -4.04
C3 9QM G . 23.04 -31.93 -8.18
C9 9QM G . 22.61 -27.51 -9.88
F1 9QM G . 20.66 -28.15 -11.07
F2 9QM G . 32.64 -31.43 -4.30
N2 9QM G . 21.79 -31.57 -8.38
N4 9QM G . 22.38 -28.56 -8.99
O1 9QM G . 25.74 -26.08 -8.44
O2 9QM G . 27.79 -28.82 -3.24
H8 9QM G . 21.36 -32.16 -6.57
H9 9QM G . 20.11 -31.26 -7.44
H10 9QM G . 21.75 -32.68 -10.00
H11 9QM G . 20.19 -32.07 -9.40
H12 9QM G . 21.02 -33.37 -8.53
H14 9QM G . 23.77 -27.84 -5.24
H16 9QM G . 21.25 -26.15 -12.64
H18 9QM G . 25.33 -28.25 -3.19
H20 9QM G . 28.14 -31.58 -3.45
H21 9QM G . 30.07 -27.69 -3.62
H23 9QM G . 32.32 -28.90 -4.11
H3 9QM G . 24.77 -30.83 -7.51
H2 9QM G . 23.83 -31.58 -6.21
H13 9QM G . 24.78 -24.98 -10.52
H15 9QM G . 27.16 -28.60 -7.83
H17 9QM G . 23.19 -24.66 -12.37
H19 9QM G . 28.59 -28.96 -5.95
H4 9QM G . 21.00 -29.22 -6.88
H5 9QM G . 21.62 -30.17 -5.49
H22 9QM G . 30.21 -32.69 -3.90
H7 9QM G . 23.59 -31.87 -9.12
H6 9QM G . 23.07 -32.96 -7.83
N1 9QM H . -20.97 -17.06 -27.14
N3 9QM H . -18.70 -17.97 -27.58
C4 9QM H . -22.58 -15.37 -27.10
C5 9QM H . -19.59 -16.86 -27.57
C6 9QM H . -23.00 -14.49 -29.03
C7 9QM H . -17.40 -17.76 -28.00
C8 9QM H . -19.12 -19.28 -27.15
C10 9QM H . -16.96 -16.43 -28.42
C13 9QM H . -19.54 -19.44 -25.92
C15 9QM H . -16.25 -13.87 -29.22
C17 9QM H . -19.99 -20.81 -25.42
C20 9QM H . -20.67 -24.03 -26.74
C21 9QM H . -22.04 -24.04 -27.41
C22 9QM H . -19.78 -24.92 -27.08
C24 9QM H . -20.09 -25.95 -28.16
C1 9QM H . -21.88 -17.70 -28.05
C11 9QM H . -17.54 -14.11 -28.79
C12 9QM H . -15.67 -16.18 -28.85
C14 9QM H . -19.10 -20.48 -28.09
C16 9QM H . -15.33 -14.90 -29.25
C18 9QM H . -19.49 -21.67 -27.67
C19 9QM H . -19.96 -21.85 -26.23
C2 9QM H . -21.55 -16.09 -26.25
C23 9QM H . -22.31 -24.92 -28.34
C25 9QM H . -21.26 -25.95 -28.74
C3 9QM H . -22.47 -16.58 -28.90
C9 9QM H . -17.90 -15.39 -28.39
F1 9QM H . -18.45 -13.10 -28.76
F2 9QM H . -21.54 -26.87 -29.72
N2 9QM H . -22.30 -15.39 -28.38
N4 9QM H . -19.22 -15.60 -27.97
O1 9QM H . -16.48 -18.82 -28.02
O2 9QM H . -20.39 -23.09 -25.74
H8 9QM H . -23.55 -15.85 -26.94
H9 9QM H . -22.66 -14.34 -26.75
H10 9QM H . -22.78 -14.58 -30.10
H11 9QM H . -22.72 -13.49 -28.71
H12 9QM H . -24.06 -14.64 -28.86
H14 9QM H . -19.56 -18.60 -25.23
H16 9QM H . -15.97 -12.87 -29.52
H18 9QM H . -20.34 -20.93 -24.41
H20 9QM H . -22.80 -23.31 -27.13
H21 9QM H . -18.80 -24.91 -26.59
H23 9QM H . -19.33 -26.67 -28.44
H3 9QM H . -21.36 -18.42 -28.67
H2 9QM H . -22.67 -18.21 -27.49
H13 9QM H . -14.95 -16.98 -28.88
H15 9QM H . -18.75 -20.36 -29.11
H17 9QM H . -14.33 -14.70 -29.58
H19 9QM H . -19.46 -22.52 -28.35
H4 9QM H . -20.79 -15.38 -25.90
H5 9QM H . -22.02 -16.59 -25.42
H22 9QM H . -23.29 -24.93 -28.83
H7 9QM H . -21.99 -16.62 -29.87
H6 9QM H . -23.53 -16.77 -29.03
#